data_7VIB
#
_entry.id   7VIB
#
_cell.length_a   81.672
_cell.length_b   120.150
_cell.length_c   107.885
_cell.angle_alpha   90.000
_cell.angle_beta   96.610
_cell.angle_gamma   90.000
#
_symmetry.space_group_name_H-M   'P 1 21 1'
#
loop_
_entity.id
_entity.type
_entity.pdbx_description
1 polymer 'Angiotensin-converting enzyme 2'
2 polymer 'Spike glycoprotein'
3 non-polymer 'ZINC ION'
#
loop_
_entity_poly.entity_id
_entity_poly.type
_entity_poly.pdbx_seq_one_letter_code
_entity_poly.pdbx_strand_id
1 'polypeptide(L)'
;STIEEQAKTFLDKFNHEAEDLFYQSSLASWNYNTNITEENVQNMNNAGDKWSAFLKEQSTLAQMYPLQEIQNLTVKLQLQ
ALQQNGSSVLSEDKSKRLNTILNTMSTIYSTGKVCNPDNPQECLLLEPGLNEIMANSLDYNERLWAWESWRSEVGKQLRP
LYEEYVVLKNEMARANHYEDYGDYWRGDYEVNGVDGYDYSRGQLIEDVEHTFEEIKPLYEHLHAYVRAKLMNAYPSYISP
IGCLPAHLLGDMWGRFWTNLYSLTVPFGQKPNIDVTDAMVDQAWDAQRIFKEAEKFFVSVGLPNMTQGFWENSMLTDPGN
VQKAVCHPTAWDLGKGDFRILMCTKVTMDDFLTAHHEMGHIQYDMAYAAQPFLLRNGANEGFHEAVGEIMSLSAATPKHL
KSIGLLSPDFQEDNETEINFLLKQALTIVGTLPFTYMLEKWRWMVFKGEIPKDQWMKKWWEMKREIVGVVEPVPHDETYC
DPASLFHVSNDYSFIRYYTRTLYQFQFQEALCQAAKHEGPLHKCDISNSTEAGQKLFNMLRLGKSEPWTLALENVVGAKN
MNVRPLLNYFEPLFTWLKDQNKNSFVGWSTDWSPYAD
;
A,C
2 'polypeptide(L)'
;TNLCPFGEVFNASKFASVYAWNRKRISNCVADYSVLYNSTSFSTFKCYGVSPTKLNDLCFTNVYADSFVVKGDEVRQIAP
GQTGVIADYNYKLPDDFTGCVIAWNSVKQDALTGGNYGYLYRLFRKSKLKPFERDISTEIYQAGSTPCNGQVGLNCYYPL
ERYGFHPTNGVNYQPFRVVVLSFELLNGPATVCG
;
B,D
#
loop_
_chem_comp.id
_chem_comp.type
_chem_comp.name
_chem_comp.formula
ZN non-polymer 'ZINC ION' 'Zn 2'
#
# COMPACT_ATOMS: atom_id res chain seq x y z
N SER A 1 -14.18 -17.29 -22.73
CA SER A 1 -13.78 -18.51 -22.00
C SER A 1 -12.53 -18.27 -21.12
N THR A 2 -12.39 -17.08 -20.53
CA THR A 2 -11.28 -16.82 -19.61
C THR A 2 -11.65 -17.25 -18.20
N ILE A 3 -10.63 -17.41 -17.36
CA ILE A 3 -10.87 -17.96 -16.04
C ILE A 3 -11.74 -16.99 -15.23
N GLU A 4 -11.61 -15.67 -15.47
CA GLU A 4 -12.45 -14.71 -14.76
C GLU A 4 -13.92 -14.88 -15.12
N GLU A 5 -14.23 -15.01 -16.41
CA GLU A 5 -15.59 -15.28 -16.85
C GLU A 5 -16.09 -16.59 -16.25
N GLN A 6 -15.29 -17.66 -16.36
CA GLN A 6 -15.69 -18.94 -15.78
C GLN A 6 -15.91 -18.85 -14.28
N ALA A 7 -15.11 -18.03 -13.60
CA ALA A 7 -15.31 -17.87 -12.18
C ALA A 7 -16.63 -17.16 -11.89
N LYS A 8 -16.98 -16.15 -12.69
CA LYS A 8 -18.25 -15.47 -12.48
C LYS A 8 -19.42 -16.43 -12.55
N THR A 9 -19.45 -17.29 -13.57
CA THR A 9 -20.52 -18.28 -13.74
C THR A 9 -20.59 -19.27 -12.58
N PHE A 10 -19.44 -19.74 -12.11
CA PHE A 10 -19.42 -20.62 -10.95
C PHE A 10 -19.94 -19.91 -9.70
N LEU A 11 -19.49 -18.67 -9.47
CA LEU A 11 -20.06 -17.91 -8.36
C LEU A 11 -21.55 -17.67 -8.54
N ASP A 12 -22.03 -17.71 -9.76
CA ASP A 12 -23.39 -17.35 -10.03
C ASP A 12 -24.31 -18.56 -9.90
N LYS A 13 -23.76 -19.77 -10.07
CA LYS A 13 -24.42 -20.97 -9.56
C LYS A 13 -24.25 -21.15 -8.06
N PHE A 14 -23.18 -20.64 -7.46
CA PHE A 14 -23.06 -20.83 -6.01
C PHE A 14 -24.01 -19.91 -5.27
N ASN A 15 -24.24 -18.72 -5.82
CA ASN A 15 -25.14 -17.75 -5.23
C ASN A 15 -26.57 -18.23 -5.22
N HIS A 16 -26.95 -19.11 -6.13
CA HIS A 16 -28.35 -19.52 -6.18
C HIS A 16 -28.60 -20.81 -5.44
N GLU A 17 -27.58 -21.63 -5.31
CA GLU A 17 -27.77 -22.88 -4.60
C GLU A 17 -27.46 -22.72 -3.12
N ALA A 18 -26.76 -21.66 -2.74
CA ALA A 18 -26.55 -21.41 -1.32
C ALA A 18 -27.69 -20.62 -0.69
N GLU A 19 -28.34 -19.72 -1.44
CA GLU A 19 -29.32 -18.85 -0.81
C GLU A 19 -30.40 -19.71 -0.16
N ASP A 20 -30.68 -20.90 -0.73
CA ASP A 20 -31.67 -21.84 -0.21
C ASP A 20 -31.13 -22.84 0.81
N LEU A 21 -29.93 -23.40 0.60
CA LEU A 21 -29.38 -24.28 1.63
C LEU A 21 -29.05 -23.53 2.90
N PHE A 22 -28.57 -22.29 2.77
CA PHE A 22 -28.37 -21.46 3.95
C PHE A 22 -29.70 -21.02 4.55
N TYR A 23 -30.75 -20.93 3.74
CA TYR A 23 -32.05 -20.61 4.32
C TYR A 23 -32.65 -21.83 5.03
N GLN A 24 -32.46 -23.03 4.48
CA GLN A 24 -32.86 -24.25 5.19
C GLN A 24 -32.14 -24.41 6.52
N SER A 25 -30.89 -23.96 6.61
CA SER A 25 -30.21 -24.09 7.89
C SER A 25 -30.70 -23.04 8.87
N SER A 26 -30.78 -21.78 8.44
CA SER A 26 -31.28 -20.74 9.33
C SER A 26 -32.67 -21.08 9.80
N LEU A 27 -33.48 -21.58 8.87
CA LEU A 27 -34.88 -21.80 9.14
C LEU A 27 -35.06 -22.89 10.18
N ALA A 28 -34.18 -23.91 10.14
CA ALA A 28 -34.19 -24.99 11.11
C ALA A 28 -33.43 -24.64 12.39
N SER A 29 -32.40 -23.79 12.28
CA SER A 29 -31.69 -23.34 13.47
C SER A 29 -32.51 -22.31 14.24
N TRP A 30 -33.59 -21.82 13.68
CA TRP A 30 -34.49 -21.02 14.48
C TRP A 30 -35.38 -21.90 15.35
N ASN A 31 -35.78 -23.07 14.86
CA ASN A 31 -36.71 -23.89 15.63
C ASN A 31 -36.06 -24.46 16.87
N TYR A 32 -34.79 -24.83 16.76
CA TYR A 32 -34.13 -25.30 17.96
C TYR A 32 -34.00 -24.16 18.95
N ASN A 33 -33.94 -22.92 18.48
CA ASN A 33 -33.73 -21.79 19.35
C ASN A 33 -35.05 -21.14 19.77
N THR A 34 -36.18 -21.75 19.46
CA THR A 34 -37.45 -21.20 19.92
C THR A 34 -38.35 -22.28 20.50
N ASN A 35 -38.15 -23.54 20.10
CA ASN A 35 -38.99 -24.62 20.57
C ASN A 35 -38.19 -25.64 21.29
N ILE A 36 -36.91 -25.39 21.51
CA ILE A 36 -36.02 -26.39 22.11
C ILE A 36 -36.58 -27.79 22.44
N THR A 37 -36.61 -28.68 21.46
CA THR A 37 -37.14 -30.00 21.67
C THR A 37 -36.15 -30.96 21.06
N GLU A 38 -36.00 -32.18 21.58
CA GLU A 38 -34.96 -33.05 21.04
C GLU A 38 -35.20 -33.36 19.57
N GLU A 39 -36.46 -33.30 19.13
CA GLU A 39 -36.73 -33.42 17.70
C GLU A 39 -36.08 -32.30 16.92
N ASN A 40 -36.38 -31.05 17.30
CA ASN A 40 -35.85 -29.87 16.63
C ASN A 40 -34.33 -29.76 16.77
N VAL A 41 -33.74 -30.37 17.80
CA VAL A 41 -32.28 -30.48 17.85
C VAL A 41 -31.75 -31.27 16.67
N GLN A 42 -32.53 -32.22 16.16
CA GLN A 42 -32.03 -33.05 15.07
C GLN A 42 -32.28 -32.42 13.70
N ASN A 43 -33.46 -31.81 13.49
CA ASN A 43 -33.71 -31.10 12.24
C ASN A 43 -32.69 -29.99 12.02
N MET A 44 -32.21 -29.36 13.10
CA MET A 44 -31.16 -28.36 12.99
C MET A 44 -29.85 -28.96 12.51
N ASN A 45 -29.36 -30.01 13.18
CA ASN A 45 -28.03 -30.51 12.89
C ASN A 45 -27.94 -31.03 11.46
N ASN A 46 -28.97 -31.73 11.00
CA ASN A 46 -28.98 -32.21 9.62
C ASN A 46 -28.92 -31.03 8.66
N ALA A 47 -29.76 -30.02 8.88
CA ALA A 47 -29.73 -28.83 8.02
C ALA A 47 -28.33 -28.21 7.98
N GLY A 48 -27.68 -28.15 9.14
CA GLY A 48 -26.34 -27.62 9.18
C GLY A 48 -25.31 -28.59 8.67
N ASP A 49 -25.61 -29.89 8.76
CA ASP A 49 -24.75 -30.92 8.16
C ASP A 49 -24.76 -30.82 6.64
N LYS A 50 -25.95 -30.63 6.05
CA LYS A 50 -26.05 -30.38 4.62
C LYS A 50 -25.28 -29.12 4.25
N TRP A 51 -25.54 -28.02 4.97
CA TRP A 51 -24.91 -26.76 4.62
C TRP A 51 -23.41 -26.86 4.74
N SER A 52 -22.93 -27.36 5.89
CA SER A 52 -21.48 -27.42 6.15
C SER A 52 -20.77 -28.22 5.08
N ALA A 53 -21.38 -29.33 4.65
CA ALA A 53 -20.77 -30.17 3.63
C ALA A 53 -20.79 -29.49 2.27
N PHE A 54 -21.92 -28.86 1.93
CA PHE A 54 -22.04 -28.14 0.66
C PHE A 54 -20.90 -27.14 0.48
N LEU A 55 -20.49 -26.48 1.56
CA LEU A 55 -19.46 -25.46 1.45
C LEU A 55 -18.13 -26.05 1.02
N LYS A 56 -17.74 -27.19 1.60
CA LYS A 56 -16.44 -27.78 1.27
C LYS A 56 -16.45 -28.42 -0.10
N GLU A 57 -17.58 -28.98 -0.50
CA GLU A 57 -17.75 -29.35 -1.89
C GLU A 57 -17.41 -28.17 -2.80
N GLN A 58 -18.08 -27.03 -2.56
CA GLN A 58 -17.83 -25.82 -3.35
C GLN A 58 -16.44 -25.28 -3.11
N SER A 59 -15.90 -25.53 -1.93
CA SER A 59 -14.58 -25.03 -1.61
C SER A 59 -13.55 -25.65 -2.55
N THR A 60 -13.53 -26.98 -2.61
CA THR A 60 -12.61 -27.66 -3.51
C THR A 60 -12.87 -27.27 -4.96
N LEU A 61 -14.12 -26.98 -5.31
CA LEU A 61 -14.42 -26.56 -6.67
C LEU A 61 -13.82 -25.19 -6.97
N ALA A 62 -14.01 -24.22 -6.07
CA ALA A 62 -13.56 -22.86 -6.33
C ALA A 62 -12.06 -22.78 -6.62
N GLN A 63 -11.29 -23.72 -6.08
CA GLN A 63 -9.83 -23.64 -6.19
C GLN A 63 -9.34 -23.82 -7.62
N MET A 64 -10.16 -24.32 -8.53
CA MET A 64 -9.74 -24.45 -9.92
C MET A 64 -9.99 -23.17 -10.71
N TYR A 65 -10.24 -22.07 -10.01
CA TYR A 65 -10.28 -20.72 -10.56
C TYR A 65 -9.28 -19.92 -9.73
N PRO A 66 -7.97 -19.97 -10.06
CA PRO A 66 -6.97 -19.33 -9.19
C PRO A 66 -7.03 -17.80 -9.25
N LEU A 67 -6.92 -17.20 -8.05
CA LEU A 67 -6.97 -15.74 -7.91
C LEU A 67 -5.90 -15.06 -8.75
N GLN A 68 -4.78 -15.76 -8.94
CA GLN A 68 -3.69 -15.26 -9.77
C GLN A 68 -4.18 -14.84 -11.17
N GLU A 69 -5.37 -15.31 -11.59
CA GLU A 69 -5.92 -14.95 -12.88
C GLU A 69 -7.18 -14.12 -12.79
N ILE A 70 -7.47 -13.56 -11.62
CA ILE A 70 -8.71 -12.82 -11.40
C ILE A 70 -8.38 -11.35 -11.23
N GLN A 71 -9.05 -10.49 -11.98
CA GLN A 71 -8.84 -9.06 -11.93
C GLN A 71 -9.98 -8.34 -11.21
N ASN A 72 -11.25 -8.62 -11.58
CA ASN A 72 -12.42 -8.06 -10.91
C ASN A 72 -12.34 -8.45 -9.43
N LEU A 73 -12.15 -7.46 -8.56
CA LEU A 73 -11.79 -7.74 -7.17
C LEU A 73 -12.98 -8.25 -6.35
N THR A 74 -14.21 -7.88 -6.70
CA THR A 74 -15.35 -8.51 -6.02
C THR A 74 -15.34 -10.00 -6.32
N VAL A 75 -15.12 -10.33 -7.59
CA VAL A 75 -14.95 -11.73 -7.98
C VAL A 75 -13.80 -12.37 -7.20
N LYS A 76 -12.67 -11.67 -7.13
CA LYS A 76 -11.54 -12.20 -6.39
C LYS A 76 -11.89 -12.43 -4.92
N LEU A 77 -12.64 -11.48 -4.33
CA LEU A 77 -12.97 -11.57 -2.91
C LEU A 77 -13.85 -12.78 -2.63
N GLN A 78 -14.86 -13.00 -3.47
CA GLN A 78 -15.76 -14.12 -3.25
C GLN A 78 -15.03 -15.46 -3.34
N LEU A 79 -14.28 -15.66 -4.45
CA LEU A 79 -13.45 -16.85 -4.62
C LEU A 79 -12.52 -17.08 -3.43
N GLN A 80 -12.06 -16.00 -2.82
CA GLN A 80 -11.15 -16.13 -1.71
C GLN A 80 -11.87 -16.70 -0.49
N ALA A 81 -12.98 -16.08 -0.10
CA ALA A 81 -13.73 -16.57 1.04
C ALA A 81 -14.14 -18.02 0.84
N LEU A 82 -14.23 -18.46 -0.42
CA LEU A 82 -14.73 -19.78 -0.74
C LEU A 82 -13.59 -20.78 -0.92
N GLN A 83 -12.44 -20.30 -1.42
CA GLN A 83 -11.30 -21.18 -1.68
C GLN A 83 -10.60 -21.60 -0.41
N GLN A 84 -10.82 -20.89 0.70
CA GLN A 84 -10.16 -21.23 1.94
C GLN A 84 -10.70 -22.58 2.43
N ASN A 85 -9.93 -23.63 2.15
CA ASN A 85 -10.27 -25.02 2.51
C ASN A 85 -10.23 -25.28 4.01
N GLY A 86 -9.70 -24.34 4.79
CA GLY A 86 -9.96 -24.31 6.22
C GLY A 86 -9.41 -25.51 6.96
N SER A 87 -10.15 -25.91 8.00
CA SER A 87 -9.67 -26.88 8.96
C SER A 87 -9.55 -28.28 8.37
N SER A 88 -10.11 -28.51 7.19
CA SER A 88 -9.98 -29.81 6.56
C SER A 88 -8.57 -30.09 6.05
N VAL A 89 -7.70 -29.08 6.01
CA VAL A 89 -6.33 -29.25 5.53
C VAL A 89 -5.54 -30.27 6.36
N LEU A 90 -6.06 -30.67 7.53
CA LEU A 90 -5.42 -31.69 8.35
C LEU A 90 -5.70 -33.09 7.79
N SER A 91 -5.02 -34.08 8.38
CA SER A 91 -5.46 -35.45 8.20
C SER A 91 -6.79 -35.65 8.90
N GLU A 92 -7.57 -36.61 8.40
CA GLU A 92 -8.88 -36.86 8.99
C GLU A 92 -8.78 -37.31 10.45
N ASP A 93 -7.64 -37.90 10.84
CA ASP A 93 -7.48 -38.33 12.22
C ASP A 93 -7.32 -37.14 13.19
N LYS A 94 -6.68 -36.04 12.72
CA LYS A 94 -6.45 -34.85 13.54
C LYS A 94 -7.68 -33.96 13.61
N SER A 95 -8.42 -33.82 12.50
CA SER A 95 -9.68 -33.09 12.53
C SER A 95 -10.69 -33.68 13.50
N LYS A 96 -10.62 -34.99 13.76
CA LYS A 96 -11.48 -35.56 14.81
C LYS A 96 -11.06 -35.11 16.20
N ARG A 97 -9.76 -35.12 16.50
CA ARG A 97 -9.29 -34.55 17.75
C ARG A 97 -9.70 -33.09 17.87
N LEU A 98 -9.35 -32.27 16.88
CA LEU A 98 -9.58 -30.83 16.99
C LEU A 98 -11.04 -30.54 17.32
N ASN A 99 -11.98 -31.16 16.61
CA ASN A 99 -13.39 -30.86 16.89
C ASN A 99 -13.84 -31.50 18.20
N THR A 100 -13.25 -32.63 18.61
CA THR A 100 -13.70 -33.19 19.88
C THR A 100 -13.15 -32.37 21.03
N ILE A 101 -11.97 -31.77 20.84
CA ILE A 101 -11.42 -30.88 21.84
C ILE A 101 -12.35 -29.69 22.03
N LEU A 102 -12.60 -28.96 20.93
CA LEU A 102 -13.46 -27.79 20.94
C LEU A 102 -14.80 -28.10 21.61
N ASN A 103 -15.36 -29.27 21.33
CA ASN A 103 -16.61 -29.67 21.96
C ASN A 103 -16.41 -30.08 23.41
N THR A 104 -15.29 -30.74 23.72
CA THR A 104 -15.05 -31.08 25.12
C THR A 104 -14.89 -29.81 25.92
N MET A 105 -14.11 -28.85 25.40
CA MET A 105 -13.87 -27.61 26.14
C MET A 105 -15.18 -26.88 26.38
N SER A 106 -15.98 -26.75 25.32
CA SER A 106 -17.27 -26.07 25.41
C SER A 106 -18.20 -26.72 26.45
N THR A 107 -18.28 -28.05 26.46
CA THR A 107 -19.15 -28.76 27.39
C THR A 107 -18.62 -28.73 28.82
N ILE A 108 -17.33 -28.45 29.03
CA ILE A 108 -16.83 -28.27 30.39
C ILE A 108 -17.27 -26.91 30.90
N TYR A 109 -17.09 -25.88 30.05
CA TYR A 109 -17.36 -24.49 30.41
C TYR A 109 -18.82 -24.27 30.74
N SER A 110 -19.70 -24.87 29.94
CA SER A 110 -21.14 -24.68 30.15
C SER A 110 -21.66 -25.51 31.32
N THR A 111 -21.04 -26.67 31.58
CA THR A 111 -21.52 -27.59 32.59
C THR A 111 -20.68 -27.58 33.87
N GLY A 112 -19.58 -26.85 33.90
CA GLY A 112 -18.83 -26.78 35.14
C GLY A 112 -19.67 -26.17 36.23
N LYS A 113 -19.69 -26.81 37.40
CA LYS A 113 -20.24 -26.19 38.61
C LYS A 113 -19.22 -26.34 39.72
N VAL A 114 -19.22 -25.46 40.71
CA VAL A 114 -18.46 -25.58 41.95
C VAL A 114 -19.45 -25.60 43.10
N CYS A 115 -19.12 -26.26 44.21
CA CYS A 115 -20.02 -26.37 45.36
C CYS A 115 -19.33 -25.77 46.55
N ASN A 116 -20.07 -25.14 47.46
CA ASN A 116 -19.42 -24.39 48.54
C ASN A 116 -19.06 -25.11 49.79
N PRO A 117 -17.88 -24.83 50.30
CA PRO A 117 -17.41 -25.56 51.47
C PRO A 117 -18.33 -25.57 52.66
N ASP A 118 -18.76 -24.40 53.08
CA ASP A 118 -19.64 -24.29 54.24
C ASP A 118 -21.08 -24.67 53.92
N ASN A 119 -21.35 -25.21 52.72
CA ASN A 119 -22.66 -25.74 52.33
C ASN A 119 -22.57 -26.59 51.07
N PRO A 120 -21.94 -27.78 51.11
CA PRO A 120 -21.96 -28.64 49.91
C PRO A 120 -23.36 -28.96 49.41
N GLN A 121 -24.40 -28.61 50.19
CA GLN A 121 -25.78 -28.86 49.80
C GLN A 121 -26.15 -28.07 48.56
N GLU A 122 -25.58 -26.88 48.40
CA GLU A 122 -25.81 -25.96 47.28
C GLU A 122 -24.63 -25.98 46.32
N CYS A 123 -24.91 -26.24 45.04
CA CYS A 123 -23.90 -26.16 44.00
C CYS A 123 -24.30 -25.12 42.96
N LEU A 124 -23.28 -24.48 42.37
CA LEU A 124 -23.49 -23.30 41.54
C LEU A 124 -22.87 -23.52 40.18
N LEU A 125 -23.65 -23.24 39.14
CA LEU A 125 -23.15 -23.07 37.78
C LEU A 125 -22.53 -21.70 37.63
N LEU A 126 -21.82 -21.38 36.55
CA LEU A 126 -21.37 -20.00 36.40
C LEU A 126 -22.57 -19.32 35.91
N GLU A 127 -23.25 -19.96 34.97
CA GLU A 127 -24.41 -19.37 34.30
C GLU A 127 -25.36 -18.52 35.08
N PRO A 128 -25.92 -19.08 36.15
CA PRO A 128 -26.69 -18.11 36.91
C PRO A 128 -26.04 -17.82 38.24
N GLY A 129 -25.35 -18.77 38.84
CA GLY A 129 -24.83 -18.61 40.18
C GLY A 129 -23.57 -17.92 40.52
N LEU A 130 -22.43 -18.46 40.11
CA LEU A 130 -21.23 -17.69 40.40
C LEU A 130 -21.34 -16.26 39.88
N ASN A 131 -21.97 -16.04 38.73
CA ASN A 131 -22.02 -14.69 38.17
C ASN A 131 -22.82 -13.76 39.06
N GLU A 132 -23.75 -14.29 39.84
CA GLU A 132 -24.49 -13.46 40.78
C GLU A 132 -23.60 -13.05 41.96
N ILE A 133 -22.73 -13.96 42.41
CA ILE A 133 -21.74 -13.62 43.43
C ILE A 133 -20.81 -12.55 42.91
N MET A 134 -20.11 -12.84 41.81
CA MET A 134 -19.11 -11.97 41.20
C MET A 134 -19.69 -10.65 40.72
N ALA A 135 -21.00 -10.46 40.75
CA ALA A 135 -21.57 -9.17 40.43
C ALA A 135 -22.01 -8.39 41.65
N ASN A 136 -22.49 -9.05 42.72
CA ASN A 136 -23.11 -8.32 43.83
C ASN A 136 -22.40 -8.43 45.17
N SER A 137 -21.77 -9.57 45.46
CA SER A 137 -21.22 -9.82 46.79
C SER A 137 -20.14 -8.83 47.17
N LEU A 138 -20.20 -8.34 48.42
CA LEU A 138 -19.18 -7.44 48.97
C LEU A 138 -18.28 -8.11 50.00
N ASP A 139 -18.37 -9.43 50.17
CA ASP A 139 -17.50 -10.19 51.07
C ASP A 139 -16.25 -10.67 50.33
N TYR A 140 -15.09 -10.27 50.81
CA TYR A 140 -13.85 -10.57 50.10
C TYR A 140 -13.66 -12.05 49.90
N ASN A 141 -13.93 -12.85 50.93
CA ASN A 141 -13.54 -14.25 50.87
C ASN A 141 -14.46 -15.03 49.94
N GLU A 142 -15.77 -14.75 50.02
CA GLU A 142 -16.74 -15.37 49.11
C GLU A 142 -16.38 -15.05 47.66
N ARG A 143 -16.08 -13.78 47.36
CA ARG A 143 -15.58 -13.43 46.04
C ARG A 143 -14.29 -14.16 45.73
N LEU A 144 -13.36 -14.18 46.69
CA LEU A 144 -12.12 -14.94 46.52
C LEU A 144 -12.42 -16.40 46.20
N TRP A 145 -13.40 -16.98 46.88
CA TRP A 145 -13.70 -18.40 46.68
C TRP A 145 -14.26 -18.66 45.28
N ALA A 146 -15.34 -17.97 44.91
CA ALA A 146 -15.90 -18.21 43.59
C ALA A 146 -14.89 -17.90 42.48
N TRP A 147 -13.99 -16.95 42.69
CA TRP A 147 -12.97 -16.68 41.68
C TRP A 147 -12.01 -17.83 41.55
N GLU A 148 -11.52 -18.34 42.69
CA GLU A 148 -10.40 -19.27 42.69
C GLU A 148 -10.86 -20.69 42.44
N SER A 149 -12.00 -21.08 42.99
CA SER A 149 -12.51 -22.41 42.74
C SER A 149 -12.88 -22.61 41.27
N TRP A 150 -13.41 -21.58 40.60
CA TRP A 150 -13.63 -21.69 39.16
C TRP A 150 -12.31 -21.93 38.43
N ARG A 151 -11.35 -21.02 38.58
CA ARG A 151 -10.13 -21.14 37.79
C ARG A 151 -9.32 -22.40 38.09
N SER A 152 -9.60 -23.07 39.20
CA SER A 152 -8.92 -24.32 39.55
C SER A 152 -9.75 -25.53 39.18
N GLU A 153 -10.99 -25.62 39.71
CA GLU A 153 -11.78 -26.84 39.55
C GLU A 153 -12.23 -27.01 38.07
N VAL A 154 -12.41 -25.90 37.34
CA VAL A 154 -12.80 -25.93 35.93
C VAL A 154 -11.70 -25.44 35.01
N GLY A 155 -10.84 -24.55 35.47
CA GLY A 155 -9.80 -24.04 34.61
C GLY A 155 -8.69 -25.05 34.43
N LYS A 156 -8.48 -25.90 35.44
CA LYS A 156 -7.44 -26.91 35.32
C LYS A 156 -7.82 -27.95 34.28
N GLN A 157 -9.10 -28.35 34.25
CA GLN A 157 -9.56 -29.34 33.28
C GLN A 157 -9.28 -28.89 31.85
N LEU A 158 -9.32 -27.58 31.61
CA LEU A 158 -9.12 -27.07 30.27
C LEU A 158 -7.65 -26.98 29.91
N ARG A 159 -6.78 -26.99 30.91
CA ARG A 159 -5.35 -26.83 30.64
C ARG A 159 -4.84 -27.87 29.65
N PRO A 160 -5.08 -29.17 29.85
CA PRO A 160 -4.54 -30.14 28.88
C PRO A 160 -5.13 -29.98 27.49
N LEU A 161 -6.46 -29.92 27.40
CA LEU A 161 -7.10 -29.64 26.12
C LEU A 161 -6.50 -28.39 25.48
N TYR A 162 -6.32 -27.32 26.25
CA TYR A 162 -5.87 -26.07 25.65
C TYR A 162 -4.51 -26.25 25.00
N GLU A 163 -3.65 -27.06 25.61
CA GLU A 163 -2.37 -27.36 24.98
C GLU A 163 -2.56 -28.04 23.64
N GLU A 164 -3.32 -29.15 23.64
CA GLU A 164 -3.57 -29.90 22.42
C GLU A 164 -4.30 -29.04 21.40
N TYR A 165 -5.29 -28.26 21.86
CA TYR A 165 -5.92 -27.22 21.06
C TYR A 165 -4.89 -26.38 20.31
N VAL A 166 -3.95 -25.77 21.04
CA VAL A 166 -3.02 -24.85 20.38
C VAL A 166 -2.19 -25.59 19.35
N VAL A 167 -1.84 -26.84 19.68
CA VAL A 167 -0.94 -27.61 18.83
C VAL A 167 -1.60 -27.89 17.49
N LEU A 168 -2.85 -28.36 17.53
CA LEU A 168 -3.57 -28.66 16.30
C LEU A 168 -3.87 -27.37 15.52
N LYS A 169 -4.44 -26.36 16.19
CA LYS A 169 -4.79 -25.10 15.53
C LYS A 169 -3.59 -24.47 14.82
N ASN A 170 -2.41 -24.62 15.40
CA ASN A 170 -1.21 -24.11 14.74
C ASN A 170 -0.96 -24.87 13.43
N GLU A 171 -1.20 -26.20 13.41
CA GLU A 171 -0.94 -26.98 12.19
C GLU A 171 -1.79 -26.48 11.05
N MET A 172 -3.08 -26.23 11.34
CA MET A 172 -4.00 -25.72 10.36
C MET A 172 -3.59 -24.34 9.87
N ALA A 173 -3.15 -23.48 10.79
CA ALA A 173 -2.83 -22.11 10.41
C ALA A 173 -1.60 -22.05 9.51
N ARG A 174 -0.60 -22.88 9.81
CA ARG A 174 0.60 -22.89 8.99
C ARG A 174 0.31 -23.48 7.61
N ALA A 175 -0.45 -24.58 7.57
CA ALA A 175 -0.80 -25.22 6.31
C ALA A 175 -1.44 -24.22 5.36
N ASN A 176 -2.26 -23.33 5.89
CA ASN A 176 -2.91 -22.29 5.11
C ASN A 176 -1.97 -21.11 4.81
N HIS A 177 -0.68 -21.24 5.14
CA HIS A 177 0.33 -20.22 4.85
C HIS A 177 0.18 -18.96 5.74
N TYR A 178 -0.44 -19.11 6.92
CA TYR A 178 -0.31 -18.14 8.01
C TYR A 178 0.77 -18.63 8.94
N GLU A 179 1.56 -17.70 9.51
CA GLU A 179 2.71 -18.15 10.29
C GLU A 179 2.28 -18.80 11.61
N ASP A 180 1.18 -18.35 12.20
CA ASP A 180 0.65 -18.92 13.43
C ASP A 180 -0.86 -18.74 13.42
N TYR A 181 -1.54 -19.28 14.44
CA TYR A 181 -3.00 -19.18 14.46
C TYR A 181 -3.46 -17.77 14.79
N GLY A 182 -2.76 -17.07 15.69
CA GLY A 182 -3.09 -15.66 15.92
C GLY A 182 -2.98 -14.81 14.66
N ASP A 183 -1.97 -15.12 13.83
CA ASP A 183 -1.82 -14.46 12.53
C ASP A 183 -3.02 -14.79 11.65
N TYR A 184 -3.49 -16.02 11.73
CA TYR A 184 -4.68 -16.41 10.98
C TYR A 184 -5.87 -15.55 11.39
N TRP A 185 -6.04 -15.30 12.70
CA TRP A 185 -7.15 -14.46 13.13
C TRP A 185 -6.97 -13.03 12.68
N ARG A 186 -5.72 -12.52 12.65
CA ARG A 186 -5.47 -11.17 12.18
C ARG A 186 -5.84 -10.99 10.72
N GLY A 187 -5.94 -12.08 9.94
CA GLY A 187 -6.32 -11.94 8.55
C GLY A 187 -7.69 -11.31 8.33
N ASP A 188 -8.53 -11.23 9.38
CA ASP A 188 -9.87 -10.66 9.22
C ASP A 188 -9.79 -9.22 8.79
N TYR A 189 -8.77 -8.50 9.25
CA TYR A 189 -8.55 -7.09 8.93
C TYR A 189 -7.72 -6.88 7.68
N GLU A 190 -7.30 -7.97 7.01
CA GLU A 190 -6.28 -7.92 5.97
C GLU A 190 -6.88 -7.43 4.65
N VAL A 191 -6.20 -6.46 4.02
CA VAL A 191 -6.59 -5.85 2.74
C VAL A 191 -5.36 -5.80 1.84
N ASN A 192 -5.54 -6.23 0.57
CA ASN A 192 -4.46 -6.24 -0.41
C ASN A 192 -4.95 -5.67 -1.74
N GLY A 193 -3.99 -5.26 -2.57
CA GLY A 193 -4.29 -4.95 -3.96
C GLY A 193 -5.24 -3.79 -4.20
N VAL A 194 -5.37 -2.89 -3.24
CA VAL A 194 -6.12 -1.66 -3.43
C VAL A 194 -5.24 -0.53 -2.92
N ASP A 195 -4.94 0.44 -3.77
CA ASP A 195 -3.90 1.42 -3.45
C ASP A 195 -4.37 2.38 -2.36
N GLY A 196 -3.46 2.71 -1.43
CA GLY A 196 -3.81 3.62 -0.35
C GLY A 196 -4.82 3.10 0.63
N TYR A 197 -5.22 1.83 0.50
CA TYR A 197 -6.19 1.21 1.40
C TYR A 197 -5.78 -0.20 1.79
N ASP A 198 -4.69 -0.73 1.27
CA ASP A 198 -4.16 -2.01 1.74
C ASP A 198 -4.03 -2.02 3.25
N TYR A 199 -3.82 -3.19 3.83
CA TYR A 199 -3.63 -3.28 5.26
C TYR A 199 -3.13 -4.67 5.59
N SER A 200 -1.90 -4.79 6.06
CA SER A 200 -1.35 -6.12 6.31
C SER A 200 -1.76 -6.62 7.69
N ARG A 201 -1.66 -7.92 7.90
CA ARG A 201 -1.97 -8.51 9.21
C ARG A 201 -1.05 -7.97 10.29
N GLY A 202 0.25 -7.83 9.99
CA GLY A 202 1.18 -7.32 10.96
C GLY A 202 1.01 -5.85 11.26
N GLN A 203 0.21 -5.14 10.47
CA GLN A 203 -0.12 -3.76 10.75
C GLN A 203 -1.16 -3.62 11.86
N LEU A 204 -1.78 -4.72 12.28
CA LEU A 204 -2.77 -4.64 13.34
C LEU A 204 -2.13 -4.63 14.71
N ILE A 205 -1.09 -5.46 14.90
CA ILE A 205 -0.46 -5.50 16.22
C ILE A 205 0.15 -4.14 16.56
N GLU A 206 0.70 -3.46 15.57
CA GLU A 206 1.20 -2.12 15.83
C GLU A 206 0.05 -1.17 16.16
N ASP A 207 -0.99 -1.13 15.30
CA ASP A 207 -2.04 -0.13 15.49
C ASP A 207 -2.79 -0.36 16.79
N VAL A 208 -3.05 -1.61 17.16
CA VAL A 208 -3.67 -1.87 18.45
C VAL A 208 -2.78 -1.38 19.58
N GLU A 209 -1.45 -1.52 19.43
CA GLU A 209 -0.48 -1.11 20.45
C GLU A 209 -0.28 0.39 20.47
N HIS A 210 -0.09 1.02 19.31
CA HIS A 210 0.08 2.47 19.32
CA HIS A 210 0.06 2.48 19.25
C HIS A 210 -1.17 3.18 19.79
N THR A 211 -2.36 2.60 19.56
CA THR A 211 -3.59 3.21 20.09
C THR A 211 -3.78 2.97 21.59
N PHE A 212 -3.34 1.83 22.11
CA PHE A 212 -3.49 1.58 23.53
C PHE A 212 -2.70 2.58 24.36
N GLU A 213 -1.56 3.03 23.84
CA GLU A 213 -0.70 3.92 24.60
C GLU A 213 -1.38 5.24 24.92
N GLU A 214 -2.29 5.70 24.05
CA GLU A 214 -3.05 6.92 24.29
C GLU A 214 -4.27 6.69 25.14
N ILE A 215 -4.53 5.45 25.51
CA ILE A 215 -5.56 5.15 26.48
C ILE A 215 -5.02 5.26 27.90
N LYS A 216 -3.80 4.77 28.12
CA LYS A 216 -3.20 4.70 29.46
C LYS A 216 -3.47 5.89 30.37
N PRO A 217 -3.20 7.15 29.97
CA PRO A 217 -3.50 8.26 30.88
C PRO A 217 -4.90 8.23 31.40
N LEU A 218 -5.89 7.97 30.54
CA LEU A 218 -7.26 7.89 31.01
C LEU A 218 -7.42 6.73 31.98
N TYR A 219 -6.99 5.53 31.56
CA TYR A 219 -7.16 4.34 32.38
C TYR A 219 -6.45 4.48 33.71
N GLU A 220 -5.17 4.90 33.67
CA GLU A 220 -4.41 5.05 34.91
C GLU A 220 -5.19 5.85 35.93
N HIS A 221 -5.80 6.96 35.48
CA HIS A 221 -6.57 7.84 36.36
C HIS A 221 -7.91 7.23 36.74
N LEU A 222 -8.48 6.39 35.89
CA LEU A 222 -9.65 5.61 36.28
C LEU A 222 -9.26 4.50 37.24
N HIS A 223 -8.13 3.86 36.98
CA HIS A 223 -7.64 2.83 37.87
C HIS A 223 -7.49 3.41 39.28
N ALA A 224 -6.63 4.41 39.41
CA ALA A 224 -6.36 5.04 40.71
C ALA A 224 -7.64 5.45 41.43
N TYR A 225 -8.56 6.08 40.73
CA TYR A 225 -9.81 6.47 41.38
C TYR A 225 -10.54 5.24 41.92
N VAL A 226 -10.77 4.23 41.08
CA VAL A 226 -11.56 3.07 41.52
C VAL A 226 -10.85 2.35 42.68
N ARG A 227 -9.51 2.31 42.63
CA ARG A 227 -8.74 1.69 43.69
C ARG A 227 -9.04 2.35 45.03
N ALA A 228 -8.90 3.68 45.08
CA ALA A 228 -9.23 4.44 46.28
C ALA A 228 -10.67 4.17 46.75
N LYS A 229 -11.62 4.05 45.81
CA LYS A 229 -12.99 3.72 46.20
C LYS A 229 -13.09 2.27 46.66
N LEU A 230 -12.36 1.35 46.02
CA LEU A 230 -12.38 -0.03 46.52
C LEU A 230 -11.74 -0.13 47.90
N MET A 231 -10.77 0.74 48.19
CA MET A 231 -10.02 0.64 49.43
C MET A 231 -10.84 1.06 50.64
N ASN A 232 -12.12 1.44 50.45
CA ASN A 232 -13.12 1.57 51.51
C ASN A 232 -13.92 0.30 51.66
N ALA A 233 -14.38 -0.24 50.55
CA ALA A 233 -15.20 -1.44 50.63
C ALA A 233 -14.43 -2.63 51.18
N TYR A 234 -13.11 -2.57 51.18
CA TYR A 234 -12.28 -3.71 51.58
C TYR A 234 -11.08 -3.18 52.35
N PRO A 235 -11.32 -2.60 53.52
CA PRO A 235 -10.28 -1.78 54.16
C PRO A 235 -8.92 -2.45 54.31
N SER A 236 -8.83 -3.71 54.74
CA SER A 236 -7.54 -4.28 55.13
C SER A 236 -6.94 -5.18 54.07
N TYR A 237 -7.45 -5.13 52.84
CA TYR A 237 -7.09 -6.06 51.78
C TYR A 237 -6.45 -5.40 50.57
N ILE A 238 -6.59 -4.09 50.40
CA ILE A 238 -6.15 -3.41 49.18
C ILE A 238 -5.01 -2.45 49.51
N SER A 239 -3.95 -2.42 48.62
CA SER A 239 -2.87 -1.45 48.84
C SER A 239 -3.08 -0.24 47.98
N PRO A 240 -3.01 0.96 48.52
CA PRO A 240 -3.25 2.17 47.72
C PRO A 240 -2.27 2.38 46.61
N ILE A 241 -1.22 1.58 46.49
CA ILE A 241 -0.33 1.67 45.34
C ILE A 241 -0.19 0.34 44.61
N GLY A 242 -0.95 -0.68 45.04
CA GLY A 242 -0.87 -2.00 44.45
C GLY A 242 -1.94 -2.25 43.41
N CYS A 243 -1.68 -3.26 42.57
CA CYS A 243 -2.69 -3.64 41.59
C CYS A 243 -4.02 -3.99 42.25
N LEU A 244 -5.07 -4.06 41.42
CA LEU A 244 -6.35 -4.42 41.98
C LEU A 244 -6.45 -5.95 42.04
N PRO A 245 -6.96 -6.49 43.14
CA PRO A 245 -7.13 -7.94 43.22
C PRO A 245 -8.17 -8.38 42.22
N ALA A 246 -7.82 -9.39 41.43
CA ALA A 246 -8.65 -9.79 40.30
C ALA A 246 -10.08 -10.18 40.67
N HIS A 247 -10.34 -10.64 41.91
CA HIS A 247 -11.68 -11.11 42.27
C HIS A 247 -12.58 -10.00 42.79
N LEU A 248 -12.10 -8.76 42.81
CA LEU A 248 -12.85 -7.63 43.33
C LEU A 248 -13.38 -6.71 42.23
N LEU A 249 -13.35 -7.15 40.97
CA LEU A 249 -13.51 -6.27 39.82
C LEU A 249 -14.92 -6.25 39.23
N GLY A 250 -15.86 -6.91 39.86
CA GLY A 250 -17.23 -6.73 39.47
C GLY A 250 -17.81 -7.85 38.68
N ASP A 251 -16.99 -8.77 38.18
CA ASP A 251 -17.49 -9.99 37.54
C ASP A 251 -16.37 -11.03 37.56
N MET A 252 -16.61 -12.17 36.92
CA MET A 252 -15.75 -13.32 37.18
C MET A 252 -14.32 -13.04 36.74
N TRP A 253 -14.13 -12.25 35.70
CA TRP A 253 -12.80 -12.04 35.17
C TRP A 253 -12.32 -10.62 35.37
N GLY A 254 -13.23 -9.68 35.52
CA GLY A 254 -12.87 -8.29 35.41
C GLY A 254 -12.97 -7.74 34.01
N ARG A 255 -13.70 -8.42 33.12
CA ARG A 255 -13.80 -7.95 31.76
C ARG A 255 -14.41 -6.55 31.71
N PHE A 256 -15.51 -6.34 32.44
CA PHE A 256 -16.13 -5.04 32.57
C PHE A 256 -16.25 -4.69 34.05
N TRP A 257 -15.83 -3.48 34.40
CA TRP A 257 -15.98 -2.98 35.75
C TRP A 257 -17.40 -2.40 35.99
N THR A 258 -18.41 -2.86 35.23
CA THR A 258 -19.74 -2.26 35.30
C THR A 258 -20.31 -2.37 36.70
N ASN A 259 -20.18 -3.54 37.30
CA ASN A 259 -20.85 -3.77 38.56
C ASN A 259 -20.25 -3.00 39.74
N LEU A 260 -19.14 -2.28 39.54
CA LEU A 260 -18.51 -1.50 40.59
C LEU A 260 -19.04 -0.08 40.67
N TYR A 261 -20.20 0.20 40.09
CA TYR A 261 -20.66 1.58 39.99
C TYR A 261 -21.12 2.14 41.33
N SER A 262 -21.90 1.35 42.08
CA SER A 262 -22.30 1.77 43.42
C SER A 262 -21.09 1.99 44.34
N LEU A 263 -20.10 1.11 44.26
CA LEU A 263 -18.91 1.32 45.06
C LEU A 263 -18.00 2.42 44.53
N THR A 264 -18.36 3.08 43.41
CA THR A 264 -17.52 4.10 42.80
C THR A 264 -18.31 5.24 42.17
N VAL A 265 -19.62 5.34 42.42
CA VAL A 265 -20.40 6.47 41.91
C VAL A 265 -19.75 7.78 42.33
N PRO A 266 -19.58 8.76 41.42
CA PRO A 266 -19.02 10.07 41.82
C PRO A 266 -19.89 10.87 42.79
N PHE A 267 -21.10 11.22 42.36
CA PHE A 267 -22.03 12.05 43.14
C PHE A 267 -23.26 11.20 43.45
N GLY A 268 -23.11 10.31 44.43
CA GLY A 268 -24.16 9.33 44.72
C GLY A 268 -25.45 9.92 45.26
N GLN A 269 -25.46 11.22 45.57
CA GLN A 269 -26.68 11.87 46.02
C GLN A 269 -27.71 12.06 44.90
N LYS A 270 -27.21 12.17 43.68
CA LYS A 270 -28.05 12.45 42.55
C LYS A 270 -28.94 11.32 42.07
N PRO A 271 -30.24 11.59 41.78
CA PRO A 271 -31.09 10.45 41.42
C PRO A 271 -30.74 9.95 40.04
N ASN A 272 -30.54 8.63 39.93
CA ASN A 272 -30.04 8.09 38.69
C ASN A 272 -31.16 8.03 37.65
N ILE A 273 -30.75 7.95 36.38
CA ILE A 273 -31.68 7.88 35.27
C ILE A 273 -32.00 6.40 35.06
N ASP A 274 -33.23 5.99 35.37
CA ASP A 274 -33.70 4.63 35.08
C ASP A 274 -35.19 4.73 34.79
N VAL A 275 -35.53 4.66 33.49
CA VAL A 275 -36.91 4.88 33.02
C VAL A 275 -37.73 3.59 33.10
N THR A 276 -37.23 2.61 33.86
CA THR A 276 -37.95 1.35 33.97
C THR A 276 -39.37 1.58 34.42
N ASP A 277 -39.56 2.60 35.26
CA ASP A 277 -40.82 2.87 35.93
C ASP A 277 -41.78 3.71 35.09
N ALA A 278 -41.28 4.59 34.23
CA ALA A 278 -42.16 5.45 33.43
C ALA A 278 -42.84 4.66 32.32
N MET A 279 -42.25 3.54 31.94
CA MET A 279 -42.82 2.68 30.90
C MET A 279 -44.04 1.96 31.42
N VAL A 280 -43.88 1.28 32.56
CA VAL A 280 -44.97 0.53 33.16
C VAL A 280 -46.21 1.40 33.26
N ASP A 281 -46.02 2.63 33.68
CA ASP A 281 -47.18 3.46 33.89
C ASP A 281 -47.92 3.94 32.65
N GLN A 282 -47.25 3.98 31.51
CA GLN A 282 -47.91 4.49 30.33
C GLN A 282 -48.22 3.28 29.53
N ALA A 283 -47.99 2.11 30.12
CA ALA A 283 -48.31 0.85 29.46
C ALA A 283 -47.51 0.56 28.21
N TRP A 284 -46.35 -0.03 28.39
CA TRP A 284 -45.50 -0.33 27.26
C TRP A 284 -45.27 -1.84 27.13
N ASP A 285 -45.26 -2.38 25.90
CA ASP A 285 -45.04 -3.82 25.68
C ASP A 285 -43.84 -4.08 24.79
N ALA A 286 -43.36 -5.32 24.70
CA ALA A 286 -42.28 -5.55 23.75
C ALA A 286 -42.68 -5.10 22.35
N GLN A 287 -43.98 -5.14 22.02
CA GLN A 287 -44.43 -4.55 20.76
C GLN A 287 -44.10 -3.07 20.70
N ARG A 288 -44.33 -2.33 21.78
CA ARG A 288 -44.08 -0.90 21.78
C ARG A 288 -42.58 -0.60 21.74
N ILE A 289 -41.80 -1.31 22.55
CA ILE A 289 -40.35 -1.10 22.56
C ILE A 289 -39.79 -1.21 21.15
N PHE A 290 -40.10 -2.32 20.46
CA PHE A 290 -39.61 -2.56 19.11
C PHE A 290 -40.30 -1.69 18.08
N LYS A 291 -41.53 -1.25 18.36
CA LYS A 291 -42.13 -0.21 17.53
C LYS A 291 -41.44 1.13 17.76
N GLU A 292 -41.05 1.43 19.00
CA GLU A 292 -40.27 2.64 19.23
C GLU A 292 -38.90 2.55 18.57
N ALA A 293 -38.18 1.44 18.79
CA ALA A 293 -36.89 1.28 18.15
C ALA A 293 -37.02 1.51 16.65
N GLU A 294 -38.04 0.92 16.03
CA GLU A 294 -38.29 1.14 14.61
C GLU A 294 -38.43 2.61 14.26
N LYS A 295 -39.03 3.40 15.17
CA LYS A 295 -39.28 4.81 14.86
C LYS A 295 -37.97 5.57 14.76
N PHE A 296 -37.06 5.29 15.68
CA PHE A 296 -35.76 5.96 15.70
C PHE A 296 -35.04 5.80 14.38
N PHE A 297 -35.04 4.61 13.81
CA PHE A 297 -34.38 4.44 12.54
C PHE A 297 -35.14 5.10 11.42
N VAL A 298 -36.44 5.34 11.57
CA VAL A 298 -37.13 5.98 10.44
C VAL A 298 -36.92 7.49 10.49
N SER A 299 -36.68 8.05 11.68
CA SER A 299 -36.34 9.47 11.76
C SER A 299 -35.01 9.82 11.10
N VAL A 300 -34.16 8.85 10.78
CA VAL A 300 -32.92 9.16 10.08
C VAL A 300 -32.97 8.76 8.63
N GLY A 301 -34.13 8.33 8.15
CA GLY A 301 -34.31 7.92 6.76
C GLY A 301 -34.35 6.42 6.54
N LEU A 302 -33.80 5.63 7.46
CA LEU A 302 -33.64 4.21 7.18
C LEU A 302 -35.02 3.55 7.05
N PRO A 303 -35.08 2.43 6.32
CA PRO A 303 -36.34 1.70 6.17
C PRO A 303 -36.83 1.06 7.45
N ASN A 304 -38.15 0.99 7.54
CA ASN A 304 -38.80 0.35 8.65
C ASN A 304 -38.81 -1.16 8.48
N MET A 305 -39.01 -1.85 9.61
CA MET A 305 -38.86 -3.29 9.66
C MET A 305 -39.91 -3.96 8.78
N THR A 306 -39.49 -5.04 8.07
CA THR A 306 -40.32 -5.72 7.07
C THR A 306 -41.55 -6.38 7.67
N GLN A 307 -42.59 -6.53 6.84
CA GLN A 307 -43.86 -7.09 7.32
C GLN A 307 -43.65 -8.47 7.95
N GLY A 308 -42.82 -9.30 7.33
CA GLY A 308 -42.51 -10.59 7.90
C GLY A 308 -41.67 -10.51 9.15
N PHE A 309 -41.06 -9.36 9.42
CA PHE A 309 -40.31 -9.22 10.65
C PHE A 309 -41.26 -9.16 11.84
N TRP A 310 -42.40 -8.51 11.64
CA TRP A 310 -43.37 -8.41 12.71
C TRP A 310 -44.10 -9.73 12.92
N GLU A 311 -44.12 -10.60 11.92
CA GLU A 311 -44.93 -11.81 11.98
C GLU A 311 -44.15 -13.00 12.49
N ASN A 312 -42.84 -13.05 12.25
CA ASN A 312 -42.04 -14.24 12.53
C ASN A 312 -41.03 -14.05 13.65
N SER A 313 -40.79 -12.80 14.08
CA SER A 313 -39.82 -12.54 15.14
C SER A 313 -40.38 -12.94 16.49
N MET A 314 -39.50 -13.32 17.38
CA MET A 314 -39.88 -13.65 18.75
C MET A 314 -39.46 -12.51 19.66
N LEU A 315 -40.43 -11.68 20.06
CA LEU A 315 -40.12 -10.48 20.83
C LEU A 315 -40.35 -10.62 22.33
N THR A 316 -41.17 -11.58 22.78
CA THR A 316 -41.58 -11.67 24.17
C THR A 316 -40.98 -13.03 24.75
N ASP A 317 -41.81 -13.85 25.34
CA ASP A 317 -41.35 -15.18 25.80
C ASP A 317 -42.62 -15.93 26.16
N PRO A 318 -43.00 -16.98 25.41
CA PRO A 318 -44.17 -17.73 25.78
C PRO A 318 -43.80 -18.26 27.17
N GLY A 319 -42.66 -18.95 27.31
CA GLY A 319 -42.17 -19.49 28.60
C GLY A 319 -42.92 -20.75 29.01
N ASN A 320 -42.76 -21.25 30.24
CA ASN A 320 -43.38 -22.51 30.64
C ASN A 320 -43.11 -23.60 29.62
N VAL A 321 -44.04 -23.78 28.68
CA VAL A 321 -43.90 -24.82 27.67
C VAL A 321 -42.67 -24.71 26.78
N GLN A 322 -42.65 -23.74 25.87
CA GLN A 322 -41.56 -23.63 24.92
C GLN A 322 -40.35 -23.11 25.62
N LYS A 323 -39.16 -23.46 25.15
CA LYS A 323 -37.96 -23.09 25.90
C LYS A 323 -36.80 -22.29 25.28
N ALA A 324 -36.96 -21.31 24.41
CA ALA A 324 -35.92 -20.49 23.75
C ALA A 324 -34.63 -20.06 24.41
N VAL A 325 -33.60 -19.79 23.62
CA VAL A 325 -32.38 -19.26 24.20
C VAL A 325 -32.62 -17.78 24.32
N CYS A 326 -32.73 -17.23 25.51
CA CYS A 326 -33.06 -15.81 25.56
C CYS A 326 -31.94 -14.85 25.36
N HIS A 327 -30.85 -15.22 24.71
CA HIS A 327 -29.83 -14.23 24.40
C HIS A 327 -30.37 -13.39 23.30
N PRO A 328 -30.39 -12.07 23.46
CA PRO A 328 -30.82 -11.23 22.37
C PRO A 328 -30.05 -11.57 21.12
N THR A 329 -30.70 -11.86 20.00
CA THR A 329 -29.96 -12.11 18.79
C THR A 329 -30.61 -11.50 17.60
N ALA A 330 -29.81 -11.17 16.59
CA ALA A 330 -30.33 -10.67 15.35
C ALA A 330 -30.12 -11.72 14.31
N TRP A 331 -31.08 -11.89 13.40
CA TRP A 331 -30.99 -12.96 12.45
C TRP A 331 -31.12 -12.59 10.98
N ASP A 332 -30.15 -12.95 10.16
CA ASP A 332 -30.26 -12.75 8.72
C ASP A 332 -30.42 -14.16 8.32
N LEU A 333 -31.64 -14.57 8.01
CA LEU A 333 -31.86 -15.95 7.74
C LEU A 333 -31.73 -16.24 6.29
N GLY A 334 -31.99 -15.24 5.49
CA GLY A 334 -31.87 -15.42 4.08
C GLY A 334 -33.14 -14.95 3.47
N LYS A 335 -33.20 -14.92 2.16
CA LYS A 335 -34.38 -14.52 1.46
C LYS A 335 -35.28 -13.52 2.12
N GLY A 336 -34.75 -12.41 2.57
CA GLY A 336 -35.59 -11.38 3.16
C GLY A 336 -36.15 -11.61 4.54
N ASP A 337 -35.82 -12.70 5.17
CA ASP A 337 -36.36 -13.03 6.44
C ASP A 337 -35.42 -12.43 7.37
N PHE A 338 -35.84 -11.38 8.04
CA PHE A 338 -35.02 -10.75 9.00
C PHE A 338 -35.81 -10.86 10.25
N ARG A 339 -35.16 -11.22 11.34
CA ARG A 339 -35.86 -11.43 12.57
C ARG A 339 -34.96 -11.08 13.73
N ILE A 340 -35.51 -10.73 14.88
CA ILE A 340 -34.72 -10.44 16.08
C ILE A 340 -35.36 -11.33 17.10
N LEU A 341 -34.56 -11.95 17.79
CA LEU A 341 -35.09 -12.80 18.79
C LEU A 341 -34.61 -12.28 20.09
N MET A 342 -35.52 -11.76 20.89
CA MET A 342 -35.15 -11.31 22.20
C MET A 342 -36.30 -11.51 23.12
N CYS A 343 -36.05 -12.12 24.26
CA CYS A 343 -37.06 -12.27 25.27
C CYS A 343 -37.02 -10.94 25.98
N THR A 344 -37.91 -10.03 25.59
CA THR A 344 -37.82 -8.69 26.14
C THR A 344 -38.66 -8.38 27.34
N LYS A 345 -38.01 -8.02 28.46
CA LYS A 345 -38.72 -7.58 29.63
C LYS A 345 -38.94 -6.08 29.43
N VAL A 346 -39.83 -5.46 30.18
CA VAL A 346 -40.06 -4.01 30.08
C VAL A 346 -39.08 -3.14 30.82
N THR A 347 -37.81 -3.49 30.74
CA THR A 347 -36.81 -2.71 31.37
C THR A 347 -36.35 -1.65 30.41
N MET A 348 -35.42 -0.83 30.83
CA MET A 348 -34.91 0.21 29.99
C MET A 348 -33.70 -0.39 29.40
N ASP A 349 -33.01 -1.22 30.16
CA ASP A 349 -31.78 -1.74 29.66
C ASP A 349 -32.05 -2.80 28.65
N ASP A 350 -33.32 -3.10 28.40
CA ASP A 350 -33.69 -4.06 27.42
C ASP A 350 -34.30 -3.28 26.31
N PHE A 351 -34.47 -1.99 26.51
CA PHE A 351 -35.02 -1.14 25.47
C PHE A 351 -33.86 -0.53 24.73
N LEU A 352 -32.72 -0.45 25.38
CA LEU A 352 -31.57 0.08 24.74
C LEU A 352 -30.84 -1.03 24.05
N THR A 353 -31.00 -2.26 24.52
CA THR A 353 -30.40 -3.40 23.84
C THR A 353 -31.37 -3.98 22.89
N ALA A 354 -32.12 -3.14 22.22
CA ALA A 354 -33.06 -3.60 21.25
C ALA A 354 -32.87 -2.60 20.17
N HIS A 355 -32.15 -1.55 20.49
CA HIS A 355 -31.90 -0.54 19.52
C HIS A 355 -30.61 -1.03 19.05
N HIS A 356 -29.89 -1.71 19.91
CA HIS A 356 -28.67 -2.32 19.44
C HIS A 356 -28.99 -3.35 18.36
N GLU A 357 -29.87 -4.30 18.67
CA GLU A 357 -30.15 -5.40 17.77
C GLU A 357 -30.80 -4.92 16.48
N MET A 358 -31.73 -3.97 16.57
CA MET A 358 -32.31 -3.45 15.33
C MET A 358 -31.26 -2.69 14.50
N GLY A 359 -30.20 -2.18 15.13
CA GLY A 359 -29.10 -1.65 14.35
C GLY A 359 -28.52 -2.71 13.44
N HIS A 360 -28.28 -3.90 14.03
CA HIS A 360 -27.86 -5.06 13.26
C HIS A 360 -28.80 -5.26 12.10
N ILE A 361 -30.08 -5.47 12.40
CA ILE A 361 -31.08 -5.74 11.38
C ILE A 361 -31.10 -4.63 10.34
N GLN A 362 -31.12 -3.38 10.79
CA GLN A 362 -30.98 -2.29 9.84
C GLN A 362 -29.74 -2.46 8.95
N TYR A 363 -28.66 -2.99 9.52
CA TYR A 363 -27.42 -3.09 8.76
C TYR A 363 -27.48 -4.28 7.84
N ASP A 364 -27.92 -5.43 8.37
CA ASP A 364 -28.13 -6.64 7.57
C ASP A 364 -28.99 -6.35 6.34
N MET A 365 -30.04 -5.53 6.52
CA MET A 365 -30.99 -5.22 5.45
C MET A 365 -30.38 -4.28 4.41
N ALA A 366 -29.38 -3.47 4.76
CA ALA A 366 -28.79 -2.55 3.78
C ALA A 366 -27.96 -3.30 2.75
N TYR A 367 -27.03 -4.12 3.20
CA TYR A 367 -26.21 -4.92 2.31
C TYR A 367 -26.87 -6.24 1.95
N ALA A 368 -28.19 -6.32 2.01
CA ALA A 368 -28.87 -7.53 1.60
C ALA A 368 -28.82 -7.73 0.09
N ALA A 369 -28.70 -6.64 -0.68
CA ALA A 369 -28.64 -6.72 -2.13
C ALA A 369 -27.27 -7.09 -2.67
N GLN A 370 -26.25 -7.23 -1.83
CA GLN A 370 -24.94 -7.68 -2.27
C GLN A 370 -25.00 -9.13 -2.69
N PRO A 371 -23.95 -9.62 -3.36
CA PRO A 371 -23.83 -11.07 -3.59
C PRO A 371 -23.84 -11.86 -2.28
N PHE A 372 -24.12 -13.15 -2.39
CA PHE A 372 -24.25 -13.93 -1.16
C PHE A 372 -22.99 -13.84 -0.34
N LEU A 373 -21.83 -14.15 -0.94
CA LEU A 373 -20.64 -14.21 -0.10
C LEU A 373 -20.25 -12.86 0.50
N LEU A 374 -20.65 -11.75 -0.10
CA LEU A 374 -20.25 -10.45 0.41
C LEU A 374 -21.27 -9.85 1.37
N ARG A 375 -22.08 -10.69 2.01
CA ARG A 375 -23.08 -10.23 2.97
C ARG A 375 -22.55 -10.39 4.39
N ASN A 376 -21.78 -9.40 4.83
CA ASN A 376 -21.35 -9.35 6.22
C ASN A 376 -20.74 -7.96 6.43
N GLY A 377 -20.64 -7.55 7.69
CA GLY A 377 -20.05 -6.25 7.99
C GLY A 377 -18.62 -6.11 7.50
N ALA A 378 -18.14 -4.86 7.46
CA ALA A 378 -16.87 -4.58 6.77
C ALA A 378 -15.70 -5.31 7.43
N ASN A 379 -15.65 -5.38 8.77
CA ASN A 379 -14.77 -6.31 9.50
C ASN A 379 -15.50 -6.80 10.76
N GLU A 380 -14.82 -7.71 11.49
CA GLU A 380 -15.45 -8.35 12.64
C GLU A 380 -16.01 -7.32 13.60
N GLY A 381 -15.29 -6.21 13.77
CA GLY A 381 -15.70 -5.17 14.67
C GLY A 381 -16.80 -4.28 14.15
N PHE A 382 -16.96 -4.18 12.82
CA PHE A 382 -17.94 -3.23 12.30
C PHE A 382 -19.31 -3.49 12.86
N HIS A 383 -19.63 -4.74 13.10
CA HIS A 383 -21.05 -5.06 13.09
C HIS A 383 -21.62 -4.82 14.49
N GLU A 384 -20.85 -5.11 15.54
CA GLU A 384 -21.31 -4.74 16.88
C GLU A 384 -21.19 -3.22 17.12
N ALA A 385 -20.26 -2.56 16.46
CA ALA A 385 -20.09 -1.13 16.67
C ALA A 385 -21.26 -0.32 16.11
N VAL A 386 -21.84 -0.74 14.98
CA VAL A 386 -23.05 -0.11 14.46
C VAL A 386 -24.18 -0.16 15.50
N GLY A 387 -24.21 -1.22 16.29
CA GLY A 387 -25.24 -1.34 17.29
C GLY A 387 -24.97 -0.47 18.50
N GLU A 388 -23.71 -0.31 18.90
CA GLU A 388 -23.51 0.44 20.12
C GLU A 388 -23.87 1.91 19.97
N ILE A 389 -23.55 2.51 18.82
CA ILE A 389 -23.84 3.93 18.67
C ILE A 389 -25.35 4.18 18.77
N MET A 390 -26.18 3.17 18.47
CA MET A 390 -27.64 3.31 18.61
C MET A 390 -28.04 3.38 20.08
N SER A 391 -27.42 2.55 20.93
CA SER A 391 -27.67 2.66 22.37
C SER A 391 -27.14 3.98 22.90
N LEU A 392 -25.95 4.40 22.43
CA LEU A 392 -25.41 5.68 22.87
C LEU A 392 -26.39 6.81 22.62
N SER A 393 -27.03 6.83 21.44
CA SER A 393 -27.90 7.92 21.06
C SER A 393 -29.28 7.82 21.68
N ALA A 394 -29.69 6.64 22.10
CA ALA A 394 -31.03 6.52 22.64
C ALA A 394 -31.06 6.60 24.15
N ALA A 395 -29.94 6.29 24.80
CA ALA A 395 -29.83 6.38 26.26
C ALA A 395 -29.84 7.81 26.75
N THR A 396 -29.51 8.77 25.87
CA THR A 396 -29.29 10.15 26.25
C THR A 396 -30.56 10.78 26.82
N PRO A 397 -30.41 11.69 27.80
CA PRO A 397 -31.60 12.29 28.39
C PRO A 397 -32.37 13.10 27.38
N LYS A 398 -31.65 13.71 26.44
CA LYS A 398 -32.32 14.43 25.35
C LYS A 398 -33.29 13.53 24.61
N HIS A 399 -32.92 12.26 24.39
CA HIS A 399 -33.77 11.35 23.62
C HIS A 399 -34.95 10.88 24.45
N LEU A 400 -34.72 10.55 25.72
CA LEU A 400 -35.80 10.03 26.56
C LEU A 400 -36.92 11.04 26.80
N LYS A 401 -36.65 12.33 26.62
CA LYS A 401 -37.72 13.33 26.73
C LYS A 401 -38.49 13.47 25.43
N SER A 402 -37.85 13.20 24.28
CA SER A 402 -38.57 13.12 23.02
C SER A 402 -39.65 12.04 23.07
N ILE A 403 -39.23 10.79 23.33
CA ILE A 403 -40.15 9.65 23.36
C ILE A 403 -41.08 9.73 24.56
N GLY A 404 -40.76 10.56 25.55
CA GLY A 404 -41.59 10.70 26.73
C GLY A 404 -41.43 9.60 27.75
N LEU A 405 -40.21 9.30 28.14
CA LEU A 405 -39.98 8.40 29.25
C LEU A 405 -39.17 9.03 30.37
N LEU A 406 -38.70 10.26 30.18
CA LEU A 406 -37.98 11.03 31.19
C LEU A 406 -38.78 12.30 31.48
N SER A 407 -38.80 12.71 32.73
CA SER A 407 -39.60 13.87 33.12
C SER A 407 -38.96 15.15 32.61
N PRO A 408 -39.76 16.07 32.04
CA PRO A 408 -39.19 17.39 31.68
C PRO A 408 -38.67 18.14 32.90
N ASP A 409 -39.08 17.72 34.10
CA ASP A 409 -38.61 18.25 35.36
C ASP A 409 -37.29 17.63 35.82
N PHE A 410 -36.57 16.95 34.92
CA PHE A 410 -35.25 16.43 35.23
C PHE A 410 -34.20 17.51 34.97
N GLN A 411 -33.34 17.74 35.95
CA GLN A 411 -32.28 18.73 35.86
C GLN A 411 -30.98 18.08 35.43
N GLU A 412 -30.42 18.55 34.31
CA GLU A 412 -29.21 17.99 33.77
C GLU A 412 -28.07 18.90 34.22
N ASP A 413 -27.68 18.74 35.47
CA ASP A 413 -26.52 19.48 35.95
C ASP A 413 -25.26 18.67 35.61
N ASN A 414 -24.11 19.23 35.95
CA ASN A 414 -22.85 18.58 35.64
C ASN A 414 -22.73 17.24 36.34
N GLU A 415 -23.21 17.17 37.59
CA GLU A 415 -23.01 15.97 38.39
C GLU A 415 -23.71 14.77 37.78
N THR A 416 -24.95 14.92 37.28
CA THR A 416 -25.61 13.79 36.63
C THR A 416 -24.84 13.34 35.39
N GLU A 417 -24.12 14.25 34.76
CA GLU A 417 -23.39 13.83 33.58
C GLU A 417 -22.09 13.14 33.92
N ILE A 418 -21.38 13.58 34.97
CA ILE A 418 -20.20 12.84 35.39
C ILE A 418 -20.60 11.46 35.90
N ASN A 419 -21.76 11.37 36.54
CA ASN A 419 -22.31 10.08 36.95
C ASN A 419 -22.62 9.22 35.74
N PHE A 420 -23.15 9.82 34.68
CA PHE A 420 -23.41 9.05 33.48
C PHE A 420 -22.11 8.65 32.80
N LEU A 421 -21.13 9.54 32.73
CA LEU A 421 -19.89 9.20 32.06
C LEU A 421 -19.13 8.11 32.79
N LEU A 422 -19.19 8.08 34.13
CA LEU A 422 -18.37 7.11 34.85
C LEU A 422 -18.91 5.71 34.67
N LYS A 423 -20.23 5.55 34.76
CA LYS A 423 -20.85 4.27 34.45
C LYS A 423 -20.46 3.78 33.05
N GLN A 424 -20.25 4.72 32.11
CA GLN A 424 -19.78 4.33 30.78
C GLN A 424 -18.30 3.96 30.84
N ALA A 425 -17.53 4.68 31.63
CA ALA A 425 -16.11 4.39 31.70
C ALA A 425 -15.85 3.01 32.29
N LEU A 426 -16.64 2.60 33.28
CA LEU A 426 -16.46 1.29 33.90
C LEU A 426 -16.63 0.17 32.89
N THR A 427 -17.49 0.38 31.91
CA THR A 427 -17.69 -0.65 30.92
C THR A 427 -16.76 -0.47 29.74
N ILE A 428 -16.94 0.63 29.00
CA ILE A 428 -16.20 0.90 27.77
C ILE A 428 -14.69 0.96 28.02
N VAL A 429 -14.23 1.82 28.95
CA VAL A 429 -12.80 1.95 29.19
C VAL A 429 -12.25 0.75 29.94
N GLY A 430 -13.01 0.21 30.90
CA GLY A 430 -12.55 -0.94 31.64
C GLY A 430 -12.02 -2.02 30.73
N THR A 431 -12.81 -2.43 29.74
CA THR A 431 -12.51 -3.65 29.01
C THR A 431 -11.39 -3.49 27.99
N LEU A 432 -10.90 -2.27 27.78
CA LEU A 432 -9.86 -2.09 26.78
C LEU A 432 -8.52 -2.67 27.21
N PRO A 433 -7.98 -2.36 28.40
CA PRO A 433 -6.76 -3.07 28.80
C PRO A 433 -6.99 -4.56 28.86
N PHE A 434 -8.11 -4.98 29.46
CA PHE A 434 -8.45 -6.39 29.60
C PHE A 434 -8.47 -7.08 28.26
N THR A 435 -9.11 -6.45 27.25
CA THR A 435 -9.17 -7.04 25.92
C THR A 435 -7.80 -7.01 25.25
N TYR A 436 -7.05 -5.90 25.33
CA TYR A 436 -5.78 -5.84 24.60
C TYR A 436 -4.83 -6.91 25.10
N MET A 437 -4.73 -7.05 26.43
CA MET A 437 -3.97 -8.15 27.00
C MET A 437 -4.36 -9.50 26.44
N LEU A 438 -5.63 -9.87 26.61
CA LEU A 438 -5.99 -11.26 26.41
C LEU A 438 -5.55 -11.75 25.03
N GLU A 439 -5.76 -10.95 23.99
CA GLU A 439 -5.25 -11.31 22.65
C GLU A 439 -3.73 -11.36 22.62
N LYS A 440 -3.08 -10.29 23.10
CA LYS A 440 -1.63 -10.26 23.04
C LYS A 440 -1.00 -11.44 23.76
N TRP A 441 -1.67 -11.97 24.79
CA TRP A 441 -1.21 -13.22 25.40
C TRP A 441 -1.39 -14.38 24.42
N ARG A 442 -2.55 -14.50 23.81
CA ARG A 442 -2.74 -15.51 22.77
C ARG A 442 -1.81 -15.30 21.59
N TRP A 443 -1.78 -14.08 21.03
CA TRP A 443 -0.93 -13.82 19.87
C TRP A 443 0.47 -14.37 20.11
N MET A 444 0.97 -14.17 21.35
CA MET A 444 2.30 -14.64 21.74
C MET A 444 2.34 -16.17 21.83
N VAL A 445 1.40 -16.75 22.57
CA VAL A 445 1.34 -18.21 22.69
C VAL A 445 1.39 -18.87 21.31
N PHE A 446 0.53 -18.42 20.41
CA PHE A 446 0.49 -18.99 19.08
C PHE A 446 1.77 -18.73 18.29
N LYS A 447 2.44 -17.60 18.57
CA LYS A 447 3.76 -17.28 18.04
C LYS A 447 4.88 -18.03 18.75
N GLY A 448 4.55 -18.69 19.87
CA GLY A 448 5.51 -19.43 20.64
C GLY A 448 6.40 -18.60 21.55
N GLU A 449 6.16 -17.29 21.67
CA GLU A 449 6.99 -16.46 22.56
C GLU A 449 6.73 -16.73 24.02
N ILE A 450 5.86 -17.68 24.33
CA ILE A 450 5.57 -18.03 25.72
C ILE A 450 5.48 -19.55 25.80
N PRO A 451 6.49 -20.19 26.39
CA PRO A 451 6.46 -21.65 26.55
C PRO A 451 5.43 -22.13 27.56
N LYS A 452 5.14 -23.43 27.45
CA LYS A 452 4.15 -24.07 28.31
C LYS A 452 4.50 -23.94 29.78
N ASP A 453 5.79 -24.03 30.12
CA ASP A 453 6.25 -23.89 31.50
C ASP A 453 6.28 -22.45 32.00
N GLN A 454 5.83 -21.48 31.17
CA GLN A 454 5.69 -20.07 31.52
C GLN A 454 4.31 -19.54 31.13
N TRP A 455 3.32 -20.42 30.91
CA TRP A 455 2.00 -19.99 30.45
C TRP A 455 1.31 -19.11 31.47
N MET A 456 1.09 -19.62 32.67
CA MET A 456 0.39 -18.83 33.68
C MET A 456 1.31 -17.85 34.39
N LYS A 457 2.63 -18.06 34.31
CA LYS A 457 3.57 -17.04 34.76
C LYS A 457 3.37 -15.76 33.97
N LYS A 458 3.49 -15.86 32.66
CA LYS A 458 3.47 -14.68 31.82
C LYS A 458 2.04 -14.13 31.65
N TRP A 459 1.01 -14.92 31.98
CA TRP A 459 -0.36 -14.39 31.98
C TRP A 459 -0.52 -13.34 33.05
N TRP A 460 -0.20 -13.71 34.29
CA TRP A 460 -0.37 -12.81 35.42
C TRP A 460 0.72 -11.76 35.49
N GLU A 461 1.88 -11.98 34.86
CA GLU A 461 2.80 -10.86 34.74
C GLU A 461 2.13 -9.75 33.93
N MET A 462 1.49 -10.15 32.80
CA MET A 462 0.82 -9.19 31.92
C MET A 462 -0.41 -8.61 32.57
N LYS A 463 -1.10 -9.39 33.42
CA LYS A 463 -2.18 -8.79 34.21
C LYS A 463 -1.64 -7.67 35.08
N ARG A 464 -0.44 -7.87 35.65
CA ARG A 464 0.14 -6.86 36.54
C ARG A 464 0.65 -5.66 35.74
N GLU A 465 1.42 -5.91 34.70
CA GLU A 465 2.07 -4.80 34.01
C GLU A 465 1.08 -3.97 33.21
N ILE A 466 0.27 -4.64 32.37
CA ILE A 466 -0.60 -3.99 31.38
C ILE A 466 -1.91 -3.52 32.01
N VAL A 467 -2.43 -4.29 32.96
CA VAL A 467 -3.80 -4.10 33.43
C VAL A 467 -3.90 -3.58 34.86
N GLY A 468 -2.82 -3.64 35.64
CA GLY A 468 -2.90 -3.21 37.02
C GLY A 468 -3.81 -4.09 37.83
N VAL A 469 -3.72 -5.38 37.61
CA VAL A 469 -4.57 -6.37 38.27
C VAL A 469 -3.68 -7.53 38.72
N VAL A 470 -3.96 -8.06 39.92
CA VAL A 470 -3.14 -9.10 40.54
C VAL A 470 -4.04 -10.25 40.93
N GLU A 471 -3.48 -11.46 40.94
CA GLU A 471 -4.20 -12.64 41.41
C GLU A 471 -4.26 -12.67 42.92
N PRO A 472 -5.35 -13.13 43.54
CA PRO A 472 -5.38 -13.20 45.01
C PRO A 472 -4.75 -14.47 45.55
N VAL A 473 -4.51 -15.46 44.70
CA VAL A 473 -3.86 -16.69 45.12
C VAL A 473 -2.84 -17.01 44.05
N PRO A 474 -1.60 -17.35 44.38
CA PRO A 474 -0.61 -17.65 43.33
C PRO A 474 -1.02 -18.89 42.54
N HIS A 475 -0.86 -18.81 41.22
CA HIS A 475 -1.26 -19.85 40.28
C HIS A 475 -0.03 -20.35 39.54
N ASP A 476 0.11 -21.68 39.49
CA ASP A 476 1.20 -22.36 38.79
C ASP A 476 0.77 -22.76 37.39
N GLU A 477 1.63 -23.52 36.72
CA GLU A 477 1.30 -23.95 35.36
C GLU A 477 0.24 -25.04 35.31
N THR A 478 -0.30 -25.47 36.45
CA THR A 478 -1.42 -26.40 36.45
C THR A 478 -2.76 -25.70 36.17
N TYR A 479 -2.89 -24.43 36.55
CA TYR A 479 -4.05 -23.64 36.20
C TYR A 479 -4.08 -23.37 34.69
N CYS A 480 -5.26 -22.96 34.21
CA CYS A 480 -5.34 -22.37 32.89
C CYS A 480 -6.49 -21.36 32.98
N ASP A 481 -6.15 -20.18 33.48
CA ASP A 481 -7.13 -19.12 33.69
C ASP A 481 -7.67 -18.55 32.36
N PRO A 482 -6.84 -18.31 31.34
CA PRO A 482 -7.41 -17.73 30.10
C PRO A 482 -8.67 -18.44 29.64
N ALA A 483 -8.65 -19.76 29.58
CA ALA A 483 -9.78 -20.56 29.12
C ALA A 483 -10.88 -20.70 30.17
N SER A 484 -10.76 -20.06 31.33
CA SER A 484 -11.91 -19.89 32.21
C SER A 484 -12.84 -18.77 31.76
N LEU A 485 -12.45 -18.02 30.72
CA LEU A 485 -13.29 -17.04 30.03
C LEU A 485 -13.91 -17.68 28.79
N PHE A 486 -15.21 -17.40 28.56
CA PHE A 486 -15.99 -18.08 27.50
C PHE A 486 -15.39 -17.97 26.09
N HIS A 487 -14.89 -16.80 25.71
CA HIS A 487 -14.28 -16.65 24.39
C HIS A 487 -13.07 -17.51 24.20
N VAL A 488 -12.32 -17.76 25.28
CA VAL A 488 -10.99 -18.37 25.15
C VAL A 488 -11.09 -19.85 24.84
N SER A 489 -11.94 -20.54 25.62
CA SER A 489 -12.23 -21.97 25.48
C SER A 489 -13.36 -22.26 24.50
N ASN A 490 -13.76 -21.30 23.66
CA ASN A 490 -14.70 -21.58 22.59
C ASN A 490 -14.15 -21.22 21.23
N ASP A 491 -12.90 -20.75 21.13
CA ASP A 491 -12.21 -20.60 19.84
C ASP A 491 -12.70 -19.36 19.07
N TYR A 492 -12.85 -18.25 19.78
CA TYR A 492 -13.32 -16.99 19.18
C TYR A 492 -12.27 -15.90 19.37
N SER A 493 -11.96 -15.15 18.31
CA SER A 493 -11.05 -14.03 18.51
C SER A 493 -11.70 -13.02 19.45
N PHE A 494 -10.88 -12.19 20.06
CA PHE A 494 -11.38 -11.34 21.11
C PHE A 494 -10.93 -9.89 20.92
N ILE A 495 -9.92 -9.61 20.07
CA ILE A 495 -9.59 -8.23 19.71
C ILE A 495 -10.74 -7.52 19.01
N ARG A 496 -11.74 -8.28 18.56
CA ARG A 496 -12.90 -7.63 17.95
C ARG A 496 -13.51 -6.63 18.91
N TYR A 497 -13.41 -6.90 20.20
CA TYR A 497 -14.03 -5.99 21.15
C TYR A 497 -13.21 -4.73 21.30
N TYR A 498 -11.89 -4.85 21.19
CA TYR A 498 -11.05 -3.67 21.23
C TYR A 498 -11.33 -2.75 20.04
N THR A 499 -11.33 -3.29 18.83
CA THR A 499 -11.48 -2.41 17.68
C THR A 499 -12.90 -1.88 17.55
N ARG A 500 -13.91 -2.67 17.95
CA ARG A 500 -15.28 -2.17 17.92
C ARG A 500 -15.46 -0.95 18.83
N THR A 501 -14.89 -1.00 20.04
CA THR A 501 -14.94 0.15 20.93
C THR A 501 -14.42 1.40 20.23
N LEU A 502 -13.23 1.32 19.64
CA LEU A 502 -12.66 2.50 19.02
C LEU A 502 -13.51 2.97 17.83
N TYR A 503 -14.02 2.03 17.02
CA TYR A 503 -14.80 2.43 15.85
C TYR A 503 -16.01 3.22 16.26
N GLN A 504 -16.72 2.73 17.29
CA GLN A 504 -18.05 3.28 17.55
C GLN A 504 -17.98 4.76 17.86
N PHE A 505 -16.90 5.22 18.48
CA PHE A 505 -16.82 6.64 18.77
C PHE A 505 -16.38 7.42 17.55
N GLN A 506 -15.57 6.83 16.68
CA GLN A 506 -15.33 7.44 15.38
C GLN A 506 -16.66 7.66 14.62
N PHE A 507 -17.44 6.58 14.46
CA PHE A 507 -18.78 6.66 13.86
C PHE A 507 -19.64 7.70 14.56
N GLN A 508 -19.69 7.65 15.89
CA GLN A 508 -20.60 8.52 16.63
C GLN A 508 -20.17 9.98 16.52
N GLU A 509 -18.90 10.27 16.39
CA GLU A 509 -18.49 11.65 16.20
C GLU A 509 -18.93 12.18 14.91
N ALA A 510 -19.00 11.34 13.91
CA ALA A 510 -19.30 11.78 12.59
C ALA A 510 -20.73 11.97 12.36
N LEU A 511 -21.48 11.03 12.83
CA LEU A 511 -22.89 11.09 12.62
C LEU A 511 -23.47 12.19 13.46
N CYS A 512 -22.71 12.64 14.43
CA CYS A 512 -23.19 13.69 15.30
C CYS A 512 -22.58 15.00 14.89
N GLN A 513 -21.92 15.02 13.76
CA GLN A 513 -21.34 16.24 13.27
C GLN A 513 -22.14 16.59 12.10
N ALA A 514 -22.91 15.63 11.63
CA ALA A 514 -23.69 15.84 10.45
C ALA A 514 -25.09 16.05 10.89
N ALA A 515 -25.29 16.04 12.18
CA ALA A 515 -26.58 16.27 12.70
C ALA A 515 -26.47 17.58 13.31
N LYS A 516 -25.39 18.27 13.01
CA LYS A 516 -25.18 19.59 13.53
C LYS A 516 -25.42 19.67 15.03
N HIS A 517 -24.72 18.85 15.79
CA HIS A 517 -24.91 18.82 17.23
C HIS A 517 -23.92 19.70 17.84
N GLU A 518 -24.41 20.55 18.73
CA GLU A 518 -23.55 21.45 19.41
C GLU A 518 -23.58 21.08 20.85
N GLY A 519 -22.43 20.68 21.35
CA GLY A 519 -22.34 20.27 22.72
C GLY A 519 -21.39 19.12 22.87
N PRO A 520 -21.28 18.63 24.08
CA PRO A 520 -20.43 17.47 24.26
C PRO A 520 -21.00 16.29 23.53
N LEU A 521 -20.14 15.46 22.98
CA LEU A 521 -20.57 14.31 22.23
C LEU A 521 -21.43 13.39 23.02
N HIS A 522 -21.29 13.38 24.32
CA HIS A 522 -22.05 12.44 25.10
C HIS A 522 -23.50 12.69 25.20
N LYS A 523 -23.95 13.80 24.66
CA LYS A 523 -25.33 14.15 24.76
C LYS A 523 -25.96 14.11 23.43
N CYS A 524 -25.26 13.64 22.50
CA CYS A 524 -25.75 13.59 21.15
C CYS A 524 -26.79 12.62 21.02
N ASP A 525 -27.55 12.79 19.98
CA ASP A 525 -28.68 11.92 19.71
C ASP A 525 -29.02 12.12 18.24
N ILE A 526 -28.62 11.15 17.34
CA ILE A 526 -28.73 11.38 15.90
C ILE A 526 -30.16 11.26 15.40
N SER A 527 -31.14 11.30 16.31
CA SER A 527 -32.54 11.19 15.91
C SER A 527 -32.99 12.36 15.02
N ASN A 528 -34.11 12.14 14.30
CA ASN A 528 -34.67 13.15 13.43
C ASN A 528 -33.66 13.67 12.40
N SER A 529 -32.47 13.06 12.28
CA SER A 529 -31.38 13.64 11.48
C SER A 529 -31.07 12.78 10.25
N THR A 530 -31.86 12.98 9.19
CA THR A 530 -31.68 12.19 7.97
C THR A 530 -30.35 12.46 7.27
N GLU A 531 -29.70 13.57 7.56
CA GLU A 531 -28.35 13.75 7.05
C GLU A 531 -27.40 12.76 7.70
N ALA A 532 -27.68 12.42 8.96
CA ALA A 532 -26.92 11.41 9.68
C ALA A 532 -27.14 10.03 9.08
N GLY A 533 -28.41 9.64 8.96
CA GLY A 533 -28.76 8.38 8.33
C GLY A 533 -28.04 8.16 7.01
N GLN A 534 -28.08 9.14 6.10
CA GLN A 534 -27.54 8.93 4.76
C GLN A 534 -26.04 8.60 4.82
N LYS A 535 -25.29 9.27 5.72
CA LYS A 535 -23.85 9.00 5.81
C LYS A 535 -23.58 7.63 6.38
N LEU A 536 -24.42 7.20 7.32
CA LEU A 536 -24.30 5.84 7.83
C LEU A 536 -24.62 4.82 6.74
N PHE A 537 -25.83 4.92 6.15
CA PHE A 537 -26.25 3.97 5.12
C PHE A 537 -25.23 3.79 4.01
N ASN A 538 -24.50 4.85 3.67
CA ASN A 538 -23.56 4.75 2.57
C ASN A 538 -22.51 3.70 2.85
N MET A 539 -22.08 3.59 4.12
CA MET A 539 -21.18 2.53 4.56
C MET A 539 -21.93 1.22 4.78
N LEU A 540 -23.14 1.28 5.29
CA LEU A 540 -23.84 0.05 5.64
C LEU A 540 -24.06 -0.79 4.38
N ARG A 541 -24.56 -0.17 3.31
CA ARG A 541 -24.89 -0.89 2.07
C ARG A 541 -23.69 -1.52 1.40
N LEU A 542 -22.47 -1.09 1.73
CA LEU A 542 -21.30 -1.73 1.12
C LEU A 542 -21.20 -3.19 1.54
N GLY A 543 -21.39 -3.48 2.81
CA GLY A 543 -21.03 -4.84 3.19
C GLY A 543 -19.52 -4.98 3.11
N LYS A 544 -19.07 -6.24 3.03
CA LYS A 544 -17.62 -6.45 2.89
C LYS A 544 -17.18 -6.37 1.48
N SER A 545 -17.99 -5.73 0.62
CA SER A 545 -17.65 -5.57 -0.78
C SER A 545 -16.48 -4.61 -0.99
N GLU A 546 -16.19 -3.73 -0.02
CA GLU A 546 -15.05 -2.83 -0.12
C GLU A 546 -14.07 -3.07 1.02
N PRO A 547 -12.80 -2.69 0.84
CA PRO A 547 -11.83 -2.82 1.94
C PRO A 547 -12.29 -2.01 3.13
N TRP A 548 -12.26 -2.63 4.33
CA TRP A 548 -12.81 -1.99 5.53
C TRP A 548 -12.25 -0.58 5.76
N THR A 549 -11.00 -0.33 5.39
CA THR A 549 -10.46 1.02 5.49
C THR A 549 -11.20 2.01 4.62
N LEU A 550 -11.85 1.56 3.54
CA LEU A 550 -12.62 2.48 2.72
C LEU A 550 -14.02 2.71 3.28
N ALA A 551 -14.61 1.68 3.90
CA ALA A 551 -15.92 1.82 4.52
C ALA A 551 -15.86 2.81 5.67
N LEU A 552 -14.86 2.65 6.53
CA LEU A 552 -14.64 3.57 7.64
C LEU A 552 -14.44 5.00 7.14
N GLU A 553 -13.71 5.15 6.03
CA GLU A 553 -13.43 6.45 5.46
C GLU A 553 -14.65 7.03 4.75
N ASN A 554 -15.64 6.20 4.39
CA ASN A 554 -16.90 6.71 3.88
C ASN A 554 -17.71 7.46 4.94
N VAL A 555 -17.42 7.21 6.23
CA VAL A 555 -18.18 7.76 7.35
C VAL A 555 -17.39 8.85 8.09
N VAL A 556 -16.13 8.57 8.44
CA VAL A 556 -15.35 9.41 9.34
C VAL A 556 -14.20 10.12 8.64
N GLY A 557 -13.93 9.81 7.37
CA GLY A 557 -12.88 10.51 6.67
C GLY A 557 -11.47 10.11 7.05
N ALA A 558 -11.28 8.96 7.69
CA ALA A 558 -9.94 8.46 7.99
C ALA A 558 -9.85 6.98 7.64
N LYS A 559 -8.64 6.55 7.31
CA LYS A 559 -8.36 5.19 6.84
C LYS A 559 -8.02 4.22 7.97
N ASN A 560 -8.28 4.58 9.23
CA ASN A 560 -7.76 3.73 10.30
C ASN A 560 -8.43 4.01 11.64
N MET A 561 -8.16 3.11 12.56
CA MET A 561 -8.55 3.21 13.95
C MET A 561 -7.96 4.45 14.61
N ASN A 562 -8.80 5.15 15.36
CA ASN A 562 -8.45 6.49 15.81
C ASN A 562 -8.95 6.65 17.25
N VAL A 563 -8.03 6.95 18.17
CA VAL A 563 -8.41 7.06 19.58
C VAL A 563 -8.92 8.45 19.96
N ARG A 564 -8.47 9.47 19.26
CA ARG A 564 -8.81 10.85 19.52
C ARG A 564 -10.32 11.05 19.73
N PRO A 565 -11.23 10.25 19.12
CA PRO A 565 -12.66 10.46 19.42
C PRO A 565 -13.05 9.78 20.73
N LEU A 566 -12.37 8.67 21.05
CA LEU A 566 -12.62 7.98 22.30
C LEU A 566 -12.31 8.88 23.49
N LEU A 567 -11.05 9.31 23.59
CA LEU A 567 -10.66 10.24 24.63
C LEU A 567 -11.60 11.44 24.67
N ASN A 568 -12.01 11.92 23.50
CA ASN A 568 -12.87 13.09 23.45
C ASN A 568 -14.21 12.85 24.15
N TYR A 569 -14.81 11.68 23.92
CA TYR A 569 -16.12 11.36 24.51
C TYR A 569 -16.06 11.41 26.04
N PHE A 570 -14.93 10.98 26.63
CA PHE A 570 -14.72 10.85 28.07
C PHE A 570 -13.87 11.97 28.66
N GLU A 571 -13.63 13.04 27.92
CA GLU A 571 -12.71 14.03 28.46
C GLU A 571 -13.33 14.84 29.60
N PRO A 572 -14.64 15.15 29.60
CA PRO A 572 -15.22 15.79 30.80
C PRO A 572 -15.07 14.97 32.05
N LEU A 573 -14.95 13.65 31.90
CA LEU A 573 -14.66 12.78 33.03
C LEU A 573 -13.18 12.78 33.34
N PHE A 574 -12.35 12.52 32.33
CA PHE A 574 -10.89 12.54 32.49
C PHE A 574 -10.42 13.71 33.34
N THR A 575 -10.83 14.92 32.98
CA THR A 575 -10.37 16.10 33.71
C THR A 575 -10.88 16.12 35.15
N TRP A 576 -12.11 15.60 35.40
CA TRP A 576 -12.58 15.50 36.77
C TRP A 576 -11.78 14.46 37.54
N LEU A 577 -11.51 13.32 36.91
CA LEU A 577 -10.72 12.28 37.55
C LEU A 577 -9.36 12.81 37.95
N LYS A 578 -8.69 13.56 37.07
CA LYS A 578 -7.37 14.08 37.38
C LYS A 578 -7.39 14.88 38.67
N ASP A 579 -8.30 15.85 38.77
CA ASP A 579 -8.40 16.58 40.02
C ASP A 579 -8.69 15.63 41.18
N GLN A 580 -9.63 14.70 40.99
CA GLN A 580 -9.96 13.74 42.03
C GLN A 580 -8.76 12.94 42.49
N ASN A 581 -7.69 12.89 41.72
CA ASN A 581 -6.55 12.06 42.07
C ASN A 581 -5.33 12.84 42.57
N LYS A 582 -5.48 14.15 42.85
CA LYS A 582 -4.27 14.96 43.07
C LYS A 582 -3.48 14.43 44.25
N ASN A 583 -4.16 13.76 45.19
CA ASN A 583 -3.52 13.22 46.38
C ASN A 583 -3.61 11.70 46.44
N SER A 584 -4.24 11.09 45.46
CA SER A 584 -4.12 9.66 45.31
C SER A 584 -2.83 9.36 44.55
N PHE A 585 -2.43 8.09 44.55
CA PHE A 585 -1.38 7.60 43.67
C PHE A 585 -1.98 7.05 42.39
N VAL A 586 -1.39 7.41 41.24
CA VAL A 586 -1.85 6.96 39.92
C VAL A 586 -0.75 6.10 39.30
N GLY A 587 -1.07 4.84 39.05
CA GLY A 587 -0.13 3.83 38.62
C GLY A 587 -0.23 2.66 39.57
N TRP A 588 0.67 1.69 39.39
CA TRP A 588 0.68 0.51 40.25
C TRP A 588 2.04 -0.17 40.24
N SER A 589 2.39 -0.81 41.35
CA SER A 589 3.64 -1.57 41.39
C SER A 589 3.41 -2.98 40.88
N THR A 590 4.31 -3.41 40.00
CA THR A 590 4.15 -4.72 39.40
C THR A 590 4.36 -5.88 40.37
N ASP A 591 4.87 -5.66 41.58
CA ASP A 591 5.26 -6.82 42.39
C ASP A 591 4.70 -6.71 43.79
N TRP A 592 3.49 -6.20 43.91
CA TRP A 592 2.68 -6.39 45.10
C TRP A 592 1.72 -7.55 44.87
N SER A 593 1.20 -8.12 45.96
CA SER A 593 0.24 -9.21 45.84
C SER A 593 -0.46 -9.40 47.17
N PRO A 594 -1.71 -9.88 47.18
CA PRO A 594 -2.45 -9.98 48.45
C PRO A 594 -2.12 -11.22 49.26
N TYR A 595 -0.88 -11.65 49.19
CA TYR A 595 -0.59 -12.93 49.86
C TYR A 595 0.86 -12.98 50.35
N ALA A 596 1.02 -13.78 51.40
CA ALA A 596 2.31 -14.03 52.05
C ALA A 596 3.26 -14.67 51.04
N ASP A 597 3.00 -15.93 50.68
CA ASP A 597 3.84 -16.73 49.73
C ASP A 597 5.25 -16.89 50.29
N THR B 1 -70.82 -10.75 -29.42
CA THR B 1 -71.25 -12.02 -30.00
C THR B 1 -70.78 -13.19 -29.13
N ASN B 2 -69.49 -13.17 -28.82
CA ASN B 2 -68.81 -14.18 -28.02
C ASN B 2 -67.98 -13.48 -26.94
N LEU B 3 -67.86 -14.17 -25.71
CA LEU B 3 -67.08 -13.45 -24.71
C LEU B 3 -65.66 -13.96 -24.61
N CYS B 4 -64.72 -13.05 -24.43
CA CYS B 4 -63.32 -13.45 -24.41
C CYS B 4 -62.94 -14.11 -23.10
N PRO B 5 -62.44 -15.33 -23.18
CA PRO B 5 -62.15 -16.06 -21.95
C PRO B 5 -60.92 -15.58 -21.27
N PHE B 6 -60.86 -14.30 -20.77
CA PHE B 6 -59.73 -13.80 -19.99
C PHE B 6 -59.76 -14.33 -18.57
N GLY B 7 -60.94 -14.66 -18.06
CA GLY B 7 -61.02 -15.13 -16.69
C GLY B 7 -60.29 -16.44 -16.50
N GLU B 8 -60.52 -17.40 -17.40
CA GLU B 8 -59.86 -18.69 -17.27
C GLU B 8 -58.35 -18.58 -17.41
N VAL B 9 -57.84 -17.42 -17.82
CA VAL B 9 -56.40 -17.14 -17.86
C VAL B 9 -55.93 -16.51 -16.56
N PHE B 10 -56.76 -15.64 -15.96
CA PHE B 10 -56.46 -15.05 -14.67
C PHE B 10 -56.88 -15.95 -13.52
N ASN B 11 -57.98 -16.68 -13.71
CA ASN B 11 -58.56 -17.50 -12.66
C ASN B 11 -57.96 -18.89 -12.60
N ALA B 12 -57.07 -19.25 -13.52
CA ALA B 12 -56.49 -20.60 -13.55
C ALA B 12 -55.80 -20.92 -12.23
N SER B 13 -55.87 -22.19 -11.85
CA SER B 13 -55.30 -22.58 -10.57
C SER B 13 -53.80 -22.87 -10.69
N LYS B 14 -53.37 -23.48 -11.78
CA LYS B 14 -51.97 -23.78 -11.97
C LYS B 14 -51.39 -22.87 -13.04
N PHE B 15 -50.14 -22.43 -12.83
CA PHE B 15 -49.41 -21.56 -13.75
C PHE B 15 -48.17 -22.27 -14.29
N ALA B 16 -47.68 -21.78 -15.42
CA ALA B 16 -46.43 -22.30 -15.97
C ALA B 16 -45.19 -21.68 -15.28
N SER B 17 -44.09 -22.43 -15.31
CA SER B 17 -42.82 -21.84 -14.92
C SER B 17 -42.45 -20.81 -15.97
N VAL B 18 -41.70 -19.80 -15.55
CA VAL B 18 -41.47 -18.65 -16.43
C VAL B 18 -40.68 -19.03 -17.69
N TYR B 19 -39.84 -20.08 -17.63
CA TYR B 19 -39.02 -20.43 -18.79
C TYR B 19 -39.85 -21.06 -19.89
N ALA B 20 -40.92 -21.76 -19.50
CA ALA B 20 -41.92 -22.36 -20.39
C ALA B 20 -43.26 -21.63 -20.29
N TRP B 21 -43.18 -20.30 -20.19
CA TRP B 21 -44.35 -19.46 -20.04
C TRP B 21 -45.44 -19.86 -21.02
N ASN B 22 -46.67 -19.85 -20.54
CA ASN B 22 -47.84 -20.15 -21.35
C ASN B 22 -48.22 -18.98 -22.24
N ARG B 23 -48.94 -19.31 -23.31
CA ARG B 23 -49.52 -18.30 -24.19
C ARG B 23 -50.87 -18.83 -24.67
N LYS B 24 -51.91 -18.03 -24.48
CA LYS B 24 -53.23 -18.33 -25.02
C LYS B 24 -53.62 -17.21 -25.98
N ARG B 25 -54.16 -17.58 -27.16
CA ARG B 25 -54.49 -16.63 -28.22
C ARG B 25 -55.98 -16.33 -28.16
N ILE B 26 -56.31 -15.09 -27.80
CA ILE B 26 -57.70 -14.63 -27.68
C ILE B 26 -58.09 -13.86 -28.93
N SER B 27 -59.06 -14.37 -29.68
CA SER B 27 -59.49 -13.73 -30.93
C SER B 27 -61.00 -13.92 -31.12
N ASN B 28 -61.56 -13.15 -32.14
CA ASN B 28 -63.01 -13.23 -32.45
C ASN B 28 -63.93 -13.31 -31.27
N CYS B 29 -63.85 -12.34 -30.39
CA CYS B 29 -64.70 -12.30 -29.25
C CYS B 29 -64.74 -10.88 -28.71
N VAL B 30 -65.40 -10.67 -27.56
CA VAL B 30 -65.43 -9.36 -26.93
C VAL B 30 -65.54 -9.52 -25.41
N ALA B 31 -64.70 -8.85 -24.62
CA ALA B 31 -64.80 -8.89 -23.15
C ALA B 31 -64.56 -7.58 -22.42
N ASP B 32 -64.68 -7.57 -21.10
CA ASP B 32 -64.60 -6.32 -20.33
C ASP B 32 -63.15 -6.03 -19.96
N TYR B 33 -62.69 -4.81 -20.21
CA TYR B 33 -61.34 -4.37 -19.89
C TYR B 33 -61.26 -3.56 -18.60
N SER B 34 -62.39 -3.32 -17.93
CA SER B 34 -62.42 -2.68 -16.62
C SER B 34 -62.62 -3.67 -15.47
N VAL B 35 -62.87 -4.95 -15.77
CA VAL B 35 -63.02 -6.03 -14.79
C VAL B 35 -61.62 -6.41 -14.34
N LEU B 36 -60.62 -5.75 -14.91
CA LEU B 36 -59.24 -5.95 -14.53
C LEU B 36 -58.63 -4.76 -13.84
N TYR B 37 -59.43 -3.76 -13.45
CA TYR B 37 -58.91 -2.58 -12.77
C TYR B 37 -59.38 -2.51 -11.32
N ASN B 38 -60.70 -2.50 -11.08
CA ASN B 38 -61.22 -2.52 -9.70
C ASN B 38 -61.16 -3.94 -9.12
N SER B 39 -60.11 -4.68 -9.47
CA SER B 39 -59.82 -5.93 -8.78
C SER B 39 -59.03 -5.68 -7.48
N THR B 40 -58.28 -4.57 -7.40
CA THR B 40 -57.57 -4.06 -6.22
C THR B 40 -56.69 -5.11 -5.54
N SER B 41 -56.48 -6.24 -6.21
CA SER B 41 -55.47 -7.21 -5.82
C SER B 41 -54.16 -6.98 -6.57
N PHE B 42 -54.23 -6.62 -7.85
CA PHE B 42 -53.04 -6.45 -8.67
C PHE B 42 -52.12 -5.38 -8.10
N SER B 43 -51.03 -5.83 -7.47
CA SER B 43 -49.97 -4.92 -7.04
C SER B 43 -49.35 -4.21 -8.23
N THR B 44 -49.22 -4.90 -9.35
CA THR B 44 -48.73 -4.31 -10.57
C THR B 44 -49.75 -4.47 -11.68
N PHE B 45 -49.91 -3.42 -12.47
CA PHE B 45 -50.93 -3.35 -13.50
C PHE B 45 -50.63 -2.13 -14.34
N LYS B 46 -49.54 -2.16 -15.21
CA LYS B 46 -49.05 -1.05 -15.96
C LYS B 46 -49.01 -1.32 -17.41
N CYS B 47 -49.79 -0.56 -18.15
CA CYS B 47 -49.85 -0.74 -19.55
C CYS B 47 -48.70 0.03 -20.13
N TYR B 48 -47.97 -0.59 -21.04
CA TYR B 48 -46.79 0.02 -21.58
C TYR B 48 -46.95 0.25 -23.05
N GLY B 49 -48.05 0.78 -23.36
CA GLY B 49 -48.19 1.12 -24.75
C GLY B 49 -49.61 1.44 -25.09
N VAL B 50 -50.52 1.19 -24.16
CA VAL B 50 -51.92 1.39 -24.43
C VAL B 50 -52.59 1.94 -23.19
N SER B 51 -53.89 2.11 -23.21
CA SER B 51 -54.58 2.69 -22.10
C SER B 51 -55.81 1.91 -21.85
N PRO B 52 -56.10 1.61 -20.61
CA PRO B 52 -57.23 0.74 -20.34
C PRO B 52 -58.56 1.22 -20.89
N THR B 53 -58.83 2.50 -20.85
CA THR B 53 -60.12 2.97 -21.28
C THR B 53 -60.23 2.90 -22.76
N LYS B 54 -59.16 3.23 -23.46
CA LYS B 54 -59.21 3.28 -24.90
C LYS B 54 -59.38 1.92 -25.47
N LEU B 55 -58.85 0.92 -24.81
CA LEU B 55 -58.94 -0.43 -25.29
C LEU B 55 -60.37 -0.81 -25.54
N ASN B 56 -61.27 -0.40 -24.68
CA ASN B 56 -62.65 -0.76 -24.85
C ASN B 56 -63.16 -0.22 -26.14
N ASP B 57 -62.79 1.01 -26.46
CA ASP B 57 -63.28 1.65 -27.67
C ASP B 57 -62.38 1.44 -28.86
N LEU B 58 -61.55 0.41 -28.82
CA LEU B 58 -60.74 0.07 -29.97
C LEU B 58 -60.86 -1.41 -30.23
N CYS B 59 -60.90 -1.81 -31.49
CA CYS B 59 -60.91 -3.21 -31.79
C CYS B 59 -59.51 -3.62 -32.14
N PHE B 60 -59.15 -4.87 -31.87
CA PHE B 60 -57.80 -5.33 -32.11
C PHE B 60 -57.72 -6.53 -33.00
N THR B 61 -56.60 -6.68 -33.68
CA THR B 61 -56.43 -7.78 -34.60
C THR B 61 -56.00 -9.03 -33.89
N ASN B 62 -55.19 -8.86 -32.85
CA ASN B 62 -54.71 -10.00 -32.09
C ASN B 62 -54.48 -9.70 -30.63
N VAL B 63 -55.15 -10.41 -29.73
CA VAL B 63 -54.89 -10.26 -28.31
C VAL B 63 -54.32 -11.54 -27.75
N TYR B 64 -53.06 -11.49 -27.39
CA TYR B 64 -52.42 -12.66 -26.87
C TYR B 64 -52.28 -12.44 -25.39
N ALA B 65 -52.11 -13.50 -24.62
CA ALA B 65 -51.97 -13.38 -23.20
C ALA B 65 -51.03 -14.41 -22.69
N ASP B 66 -50.07 -14.01 -21.88
CA ASP B 66 -49.11 -14.93 -21.38
C ASP B 66 -49.19 -15.01 -19.90
N SER B 67 -48.94 -16.18 -19.33
CA SER B 67 -49.05 -16.40 -17.91
C SER B 67 -47.86 -17.16 -17.33
N PHE B 68 -47.32 -16.73 -16.19
CA PHE B 68 -46.18 -17.38 -15.57
C PHE B 68 -45.94 -16.99 -14.12
N VAL B 69 -44.95 -17.59 -13.46
CA VAL B 69 -44.62 -17.28 -12.06
C VAL B 69 -43.18 -16.94 -11.89
N VAL B 70 -42.89 -15.82 -11.25
CA VAL B 70 -41.54 -15.34 -11.07
C VAL B 70 -41.45 -14.84 -9.64
N LYS B 71 -40.29 -14.43 -9.16
CA LYS B 71 -40.13 -13.95 -7.79
C LYS B 71 -40.29 -12.47 -7.78
N GLY B 72 -40.53 -11.87 -6.64
CA GLY B 72 -40.80 -10.45 -6.64
C GLY B 72 -39.76 -9.50 -7.11
N ASP B 73 -38.51 -9.89 -7.04
CA ASP B 73 -37.42 -9.06 -7.43
C ASP B 73 -37.36 -9.09 -8.89
N GLU B 74 -38.19 -9.87 -9.52
CA GLU B 74 -38.07 -10.07 -10.93
C GLU B 74 -39.21 -9.66 -11.80
N VAL B 75 -40.29 -9.19 -11.23
CA VAL B 75 -41.43 -8.73 -12.00
C VAL B 75 -41.13 -7.41 -12.63
N ARG B 76 -39.98 -6.87 -12.32
CA ARG B 76 -39.58 -5.61 -12.86
C ARG B 76 -38.95 -5.87 -14.15
N GLN B 77 -38.66 -7.12 -14.43
CA GLN B 77 -37.96 -7.42 -15.64
C GLN B 77 -38.97 -7.84 -16.63
N ILE B 78 -40.24 -7.83 -16.25
CA ILE B 78 -41.29 -8.12 -17.21
C ILE B 78 -41.76 -6.76 -17.63
N ALA B 79 -40.83 -5.99 -18.18
CA ALA B 79 -41.15 -4.68 -18.59
C ALA B 79 -40.29 -4.45 -19.79
N PRO B 80 -40.72 -3.59 -20.68
CA PRO B 80 -39.98 -3.37 -21.90
C PRO B 80 -38.62 -2.82 -21.72
N GLY B 81 -37.64 -3.50 -22.30
CA GLY B 81 -36.30 -3.00 -22.25
C GLY B 81 -35.55 -3.20 -20.97
N GLN B 82 -35.62 -4.36 -20.36
CA GLN B 82 -34.84 -4.56 -19.17
C GLN B 82 -33.96 -5.77 -19.27
N THR B 83 -32.91 -5.82 -18.48
CA THR B 83 -32.01 -6.94 -18.49
C THR B 83 -32.00 -7.62 -17.16
N GLY B 84 -31.89 -8.94 -17.16
CA GLY B 84 -31.93 -9.72 -15.95
C GLY B 84 -32.20 -11.14 -16.38
N VAL B 85 -31.90 -12.13 -15.56
CA VAL B 85 -32.04 -13.51 -15.96
C VAL B 85 -33.38 -13.80 -16.54
N ILE B 86 -34.41 -13.23 -15.99
CA ILE B 86 -35.75 -13.47 -16.47
C ILE B 86 -36.02 -12.78 -17.78
N ALA B 87 -35.40 -11.66 -18.02
CA ALA B 87 -35.74 -10.99 -19.22
C ALA B 87 -34.82 -11.28 -20.32
N ASP B 88 -33.79 -12.03 -20.05
CA ASP B 88 -32.80 -12.24 -21.04
C ASP B 88 -32.89 -13.64 -21.39
N TYR B 89 -33.12 -14.48 -20.42
CA TYR B 89 -33.09 -15.88 -20.67
C TYR B 89 -34.41 -16.60 -20.49
N ASN B 90 -35.45 -15.92 -20.04
CA ASN B 90 -36.70 -16.59 -19.81
C ASN B 90 -37.91 -16.01 -20.53
N TYR B 91 -38.19 -14.72 -20.40
CA TYR B 91 -39.29 -14.05 -21.09
C TYR B 91 -38.97 -12.64 -21.47
N LYS B 92 -38.90 -12.35 -22.75
CA LYS B 92 -38.52 -11.02 -23.18
C LYS B 92 -39.61 -10.30 -23.88
N LEU B 93 -39.76 -9.04 -23.57
CA LEU B 93 -40.83 -8.27 -24.13
C LEU B 93 -40.17 -7.35 -25.07
N PRO B 94 -40.88 -6.94 -26.09
CA PRO B 94 -40.17 -6.11 -27.03
C PRO B 94 -40.11 -4.67 -26.61
N ASP B 95 -39.35 -3.87 -27.34
CA ASP B 95 -39.21 -2.46 -27.01
C ASP B 95 -40.30 -1.64 -27.64
N ASP B 96 -41.13 -2.25 -28.46
CA ASP B 96 -42.25 -1.58 -29.07
C ASP B 96 -43.49 -2.27 -28.60
N PHE B 97 -43.58 -2.53 -27.32
CA PHE B 97 -44.70 -3.26 -26.79
C PHE B 97 -45.92 -2.42 -26.75
N THR B 98 -47.06 -3.02 -27.01
CA THR B 98 -48.30 -2.31 -26.89
C THR B 98 -49.02 -3.31 -26.08
N GLY B 99 -49.19 -3.11 -24.87
CA GLY B 99 -49.78 -4.11 -24.02
C GLY B 99 -49.88 -3.81 -22.55
N CYS B 100 -49.89 -4.84 -21.70
CA CYS B 100 -50.10 -4.65 -20.28
C CYS B 100 -49.61 -5.80 -19.43
N VAL B 101 -48.76 -5.51 -18.46
CA VAL B 101 -48.22 -6.52 -17.60
C VAL B 101 -48.95 -6.48 -16.30
N ILE B 102 -49.69 -7.47 -15.87
CA ILE B 102 -50.50 -7.53 -14.65
C ILE B 102 -49.92 -8.60 -13.73
N ALA B 103 -49.77 -8.29 -12.45
CA ALA B 103 -49.14 -9.20 -11.51
C ALA B 103 -49.80 -9.05 -10.15
N TRP B 104 -49.42 -9.93 -9.22
CA TRP B 104 -49.96 -9.98 -7.86
C TRP B 104 -49.21 -11.02 -7.06
N ASN B 105 -49.27 -10.91 -5.73
CA ASN B 105 -48.54 -11.86 -4.90
C ASN B 105 -49.35 -13.15 -4.69
N SER B 106 -48.67 -14.28 -4.84
CA SER B 106 -49.31 -15.60 -4.75
C SER B 106 -48.61 -16.49 -3.72
N VAL B 107 -48.34 -15.93 -2.54
CA VAL B 107 -47.81 -16.76 -1.45
C VAL B 107 -48.91 -17.70 -0.97
N LYS B 108 -50.13 -17.18 -0.90
CA LYS B 108 -51.26 -17.99 -0.49
C LYS B 108 -51.25 -19.34 -1.17
N GLN B 109 -50.83 -19.38 -2.46
CA GLN B 109 -50.95 -20.56 -3.31
C GLN B 109 -49.61 -21.24 -3.61
N ASP B 110 -48.61 -20.44 -3.94
CA ASP B 110 -47.39 -20.96 -4.51
C ASP B 110 -46.30 -21.10 -3.48
N ALA B 111 -46.53 -20.71 -2.24
CA ALA B 111 -45.55 -20.88 -1.18
C ALA B 111 -46.05 -21.96 -0.23
N LEU B 112 -45.20 -22.95 0.04
CA LEU B 112 -45.49 -23.99 1.00
C LEU B 112 -44.39 -23.99 2.06
N THR B 113 -44.81 -24.19 3.32
CA THR B 113 -43.87 -24.25 4.43
C THR B 113 -42.88 -25.41 4.22
N GLY B 114 -41.58 -25.07 4.25
CA GLY B 114 -40.51 -26.04 4.10
C GLY B 114 -40.11 -26.31 2.68
N GLY B 115 -40.76 -25.69 1.71
CA GLY B 115 -40.30 -25.77 0.35
C GLY B 115 -41.44 -25.84 -0.63
N ASN B 116 -41.35 -25.05 -1.71
CA ASN B 116 -42.15 -25.28 -2.90
C ASN B 116 -41.25 -25.04 -4.09
N TYR B 117 -40.93 -26.10 -4.81
CA TYR B 117 -39.90 -26.04 -5.82
C TYR B 117 -40.39 -26.38 -7.23
N GLY B 118 -41.69 -26.34 -7.47
CA GLY B 118 -42.20 -26.71 -8.79
C GLY B 118 -41.84 -25.73 -9.89
N TYR B 119 -41.72 -24.44 -9.54
CA TYR B 119 -41.47 -23.40 -10.53
C TYR B 119 -39.97 -23.29 -10.82
N LEU B 120 -39.64 -23.22 -12.10
CA LEU B 120 -38.29 -23.22 -12.62
C LEU B 120 -37.99 -21.90 -13.30
N TYR B 121 -36.70 -21.62 -13.51
CA TYR B 121 -36.25 -20.58 -14.43
C TYR B 121 -34.94 -21.03 -15.06
N ARG B 122 -34.60 -20.38 -16.16
CA ARG B 122 -33.39 -20.69 -16.92
C ARG B 122 -32.28 -19.74 -16.51
N LEU B 123 -31.26 -20.28 -15.85
CA LEU B 123 -30.22 -19.44 -15.26
C LEU B 123 -29.16 -19.02 -16.28
N PHE B 124 -28.74 -19.95 -17.14
CA PHE B 124 -27.71 -19.71 -18.16
C PHE B 124 -28.24 -19.98 -19.57
N ARG B 125 -27.78 -19.15 -20.52
CA ARG B 125 -28.00 -19.41 -21.95
C ARG B 125 -26.76 -18.96 -22.71
N LYS B 126 -26.70 -19.42 -23.98
CA LYS B 126 -25.65 -19.10 -24.94
C LYS B 126 -25.85 -17.76 -25.62
N SER B 127 -27.01 -17.13 -25.42
CA SER B 127 -27.35 -15.84 -26.01
C SER B 127 -28.66 -15.38 -25.36
N LYS B 128 -29.05 -14.14 -25.65
CA LYS B 128 -30.29 -13.57 -25.13
C LYS B 128 -31.48 -13.96 -26.00
N LEU B 129 -32.68 -13.68 -25.51
CA LEU B 129 -33.91 -14.14 -26.16
C LEU B 129 -34.48 -13.05 -27.04
N LYS B 130 -34.75 -13.38 -28.30
CA LYS B 130 -35.58 -12.54 -29.15
C LYS B 130 -36.92 -12.31 -28.46
N PRO B 131 -37.58 -11.20 -28.73
CA PRO B 131 -38.83 -10.89 -28.01
C PRO B 131 -39.85 -12.03 -28.16
N PHE B 132 -40.62 -12.28 -27.12
CA PHE B 132 -41.61 -13.36 -27.05
C PHE B 132 -41.04 -14.74 -27.37
N GLU B 133 -39.73 -14.96 -27.25
CA GLU B 133 -39.15 -16.26 -27.57
C GLU B 133 -39.30 -17.18 -26.38
N ARG B 134 -39.43 -18.48 -26.65
CA ARG B 134 -39.58 -19.48 -25.61
C ARG B 134 -38.47 -20.51 -25.82
N ASP B 135 -37.62 -20.69 -24.83
CA ASP B 135 -36.61 -21.73 -24.89
C ASP B 135 -36.91 -22.77 -23.81
N ILE B 136 -37.12 -24.03 -24.23
CA ILE B 136 -37.43 -25.11 -23.30
C ILE B 136 -36.40 -26.25 -23.37
N SER B 137 -35.21 -25.96 -23.89
CA SER B 137 -34.17 -26.97 -24.07
C SER B 137 -33.49 -27.33 -22.75
N THR B 138 -33.68 -28.56 -22.27
CA THR B 138 -32.95 -29.02 -21.08
C THR B 138 -31.56 -29.56 -21.43
N GLU B 139 -30.80 -28.76 -22.18
CA GLU B 139 -29.51 -29.17 -22.72
C GLU B 139 -28.38 -28.47 -21.96
N ILE B 140 -27.27 -29.18 -21.73
CA ILE B 140 -26.24 -28.77 -20.77
C ILE B 140 -25.50 -27.53 -21.25
N TYR B 141 -25.21 -26.62 -20.32
CA TYR B 141 -24.53 -25.36 -20.65
C TYR B 141 -23.01 -25.54 -20.54
N GLN B 142 -22.32 -25.34 -21.65
CA GLN B 142 -20.86 -25.43 -21.67
C GLN B 142 -20.35 -24.04 -21.32
N ALA B 143 -20.04 -23.85 -20.05
CA ALA B 143 -19.47 -22.58 -19.61
C ALA B 143 -17.98 -22.51 -19.92
N GLY B 144 -17.33 -23.67 -19.98
CA GLY B 144 -15.89 -23.76 -20.15
C GLY B 144 -15.47 -23.92 -21.59
N SER B 145 -14.20 -24.28 -21.74
CA SER B 145 -13.66 -24.55 -23.05
C SER B 145 -13.57 -26.04 -23.14
N THR B 146 -14.21 -26.72 -22.21
CA THR B 146 -14.21 -28.17 -22.19
C THR B 146 -15.59 -28.64 -22.48
N PRO B 147 -15.74 -29.54 -23.45
CA PRO B 147 -17.04 -30.07 -23.83
C PRO B 147 -17.68 -30.84 -22.74
N CYS B 148 -18.99 -30.89 -22.71
CA CYS B 148 -19.67 -31.52 -21.58
C CYS B 148 -20.19 -32.95 -21.74
N ASN B 149 -20.35 -33.46 -22.95
CA ASN B 149 -20.79 -34.81 -23.19
C ASN B 149 -22.09 -35.13 -22.51
N GLY B 150 -23.04 -34.21 -22.49
CA GLY B 150 -24.30 -34.40 -21.80
C GLY B 150 -24.12 -34.86 -20.38
N GLN B 151 -22.93 -34.37 -19.73
CA GLN B 151 -22.62 -34.75 -18.36
C GLN B 151 -22.33 -33.46 -17.58
N VAL B 152 -22.85 -33.36 -16.34
CA VAL B 152 -22.61 -32.16 -15.54
C VAL B 152 -21.23 -32.26 -14.90
N GLY B 153 -20.51 -31.14 -14.86
CA GLY B 153 -19.19 -31.11 -14.25
C GLY B 153 -18.54 -29.76 -14.47
N LEU B 154 -17.23 -29.70 -14.16
CA LEU B 154 -16.46 -28.46 -14.13
C LEU B 154 -16.84 -27.57 -15.30
N ASN B 155 -17.43 -26.34 -14.92
CA ASN B 155 -17.85 -25.38 -15.93
C ASN B 155 -18.89 -25.96 -16.88
N CYS B 156 -19.69 -26.92 -16.40
CA CYS B 156 -20.76 -27.50 -17.20
C CYS B 156 -21.95 -27.63 -16.26
N TYR B 157 -22.93 -26.75 -16.44
CA TYR B 157 -24.09 -26.72 -15.55
C TYR B 157 -25.38 -27.06 -16.31
N TYR B 158 -26.34 -27.70 -15.64
CA TYR B 158 -27.70 -27.89 -16.14
C TYR B 158 -28.40 -26.53 -16.16
N PRO B 159 -29.09 -26.20 -17.15
CA PRO B 159 -29.50 -24.80 -17.29
C PRO B 159 -30.66 -24.37 -16.42
N LEU B 160 -31.56 -25.27 -16.03
CA LEU B 160 -32.71 -24.89 -15.22
C LEU B 160 -32.37 -24.93 -13.74
N GLU B 161 -32.85 -23.95 -13.01
CA GLU B 161 -32.74 -23.94 -11.56
C GLU B 161 -34.12 -23.76 -10.94
N ARG B 162 -34.23 -24.12 -9.67
CA ARG B 162 -35.51 -24.26 -9.01
C ARG B 162 -35.76 -23.10 -8.05
N TYR B 163 -36.90 -22.46 -8.20
CA TYR B 163 -37.34 -21.48 -7.23
C TYR B 163 -37.70 -22.15 -5.90
N GLY B 164 -37.10 -21.68 -4.81
CA GLY B 164 -37.55 -22.03 -3.47
C GLY B 164 -38.51 -21.00 -2.91
N PHE B 165 -39.81 -21.33 -2.85
CA PHE B 165 -40.84 -20.41 -2.35
C PHE B 165 -41.29 -20.87 -0.99
N HIS B 166 -40.96 -20.08 0.03
CA HIS B 166 -41.35 -20.28 1.41
C HIS B 166 -42.25 -19.14 1.83
N PRO B 167 -43.21 -19.39 2.71
CA PRO B 167 -44.11 -18.31 3.17
C PRO B 167 -43.52 -17.35 4.19
N THR B 168 -42.21 -17.40 4.47
CA THR B 168 -41.55 -16.42 5.33
C THR B 168 -40.40 -15.71 4.62
N ASN B 169 -40.48 -15.55 3.30
CA ASN B 169 -39.56 -14.69 2.58
C ASN B 169 -39.87 -13.25 2.85
N GLY B 170 -39.01 -12.40 2.33
CA GLY B 170 -39.40 -11.05 2.04
C GLY B 170 -40.29 -11.03 0.83
N VAL B 171 -41.08 -9.95 0.67
CA VAL B 171 -41.77 -9.74 -0.60
C VAL B 171 -40.76 -9.88 -1.74
N ASN B 172 -39.52 -9.50 -1.46
CA ASN B 172 -38.28 -9.81 -2.16
C ASN B 172 -38.29 -11.13 -2.94
N TYR B 173 -38.50 -12.27 -2.23
CA TYR B 173 -38.32 -13.64 -2.74
C TYR B 173 -39.61 -14.49 -2.73
N GLN B 174 -40.76 -13.87 -2.69
CA GLN B 174 -42.00 -14.61 -2.62
C GLN B 174 -42.54 -14.84 -4.02
N PRO B 175 -43.33 -15.88 -4.21
CA PRO B 175 -43.94 -16.13 -5.52
C PRO B 175 -44.90 -15.02 -5.95
N PHE B 176 -45.14 -14.99 -7.26
CA PHE B 176 -45.89 -13.92 -7.91
C PHE B 176 -46.37 -14.42 -9.26
N ARG B 177 -47.64 -14.25 -9.54
CA ARG B 177 -48.15 -14.61 -10.85
C ARG B 177 -48.30 -13.37 -11.70
N VAL B 178 -47.81 -13.45 -12.94
CA VAL B 178 -47.80 -12.37 -13.92
C VAL B 178 -48.73 -12.76 -15.07
N VAL B 179 -49.36 -11.76 -15.69
CA VAL B 179 -50.07 -11.94 -16.95
C VAL B 179 -49.68 -10.80 -17.88
N VAL B 180 -49.35 -11.11 -19.12
CA VAL B 180 -48.85 -10.11 -20.06
C VAL B 180 -49.79 -10.07 -21.26
N LEU B 181 -50.73 -9.11 -21.25
CA LEU B 181 -51.70 -8.98 -22.34
C LEU B 181 -51.06 -8.28 -23.53
N SER B 182 -51.09 -8.94 -24.68
CA SER B 182 -50.44 -8.45 -25.87
C SER B 182 -51.47 -7.97 -26.87
N PHE B 183 -51.07 -7.04 -27.75
CA PHE B 183 -51.96 -6.46 -28.78
C PHE B 183 -51.24 -6.12 -30.08
N ALA B 190 -59.32 -7.45 -36.97
CA ALA B 190 -60.12 -6.48 -36.23
C ALA B 190 -61.42 -7.11 -35.70
N THR B 191 -61.24 -8.13 -34.84
CA THR B 191 -62.39 -8.91 -34.34
C THR B 191 -62.56 -8.99 -32.84
N VAL B 192 -61.53 -8.61 -32.10
CA VAL B 192 -61.63 -8.63 -30.66
C VAL B 192 -61.99 -7.25 -30.17
N CYS B 193 -63.28 -7.01 -30.00
CA CYS B 193 -63.73 -5.70 -29.59
C CYS B 193 -64.06 -5.61 -28.13
N GLY B 194 -64.86 -4.64 -27.75
CA GLY B 194 -65.17 -4.45 -26.34
C GLY B 194 -66.51 -3.85 -26.00
N SER C 1 -1.67 -6.58 -33.32
CA SER C 1 -2.63 -7.20 -32.43
C SER C 1 -1.98 -8.41 -31.75
N THR C 2 -0.67 -8.63 -32.00
CA THR C 2 0.04 -9.83 -31.53
C THR C 2 0.40 -9.73 -30.05
N ILE C 3 1.47 -10.41 -29.63
CA ILE C 3 1.89 -10.38 -28.22
C ILE C 3 2.98 -9.36 -27.99
N GLU C 4 3.99 -9.31 -28.85
CA GLU C 4 5.00 -8.27 -28.67
C GLU C 4 4.39 -6.89 -28.90
N GLU C 5 3.54 -6.76 -29.92
CA GLU C 5 2.90 -5.48 -30.21
C GLU C 5 2.08 -4.97 -29.02
N GLN C 6 1.46 -5.87 -28.24
CA GLN C 6 0.73 -5.45 -27.06
C GLN C 6 1.65 -4.74 -26.07
N ALA C 7 2.86 -5.29 -25.88
CA ALA C 7 3.79 -4.74 -24.91
C ALA C 7 4.29 -3.35 -25.32
N LYS C 8 4.59 -3.15 -26.60
CA LYS C 8 4.97 -1.82 -27.08
C LYS C 8 3.88 -0.80 -26.76
N THR C 9 2.60 -1.21 -26.84
CA THR C 9 1.51 -0.38 -26.35
C THR C 9 1.45 -0.37 -24.83
N PHE C 10 1.72 -1.52 -24.21
CA PHE C 10 1.77 -1.54 -22.74
C PHE C 10 2.90 -0.68 -22.23
N LEU C 11 4.07 -0.74 -22.88
CA LEU C 11 5.18 0.07 -22.43
C LEU C 11 4.88 1.56 -22.57
N ASP C 12 4.03 1.94 -23.54
CA ASP C 12 3.64 3.35 -23.64
C ASP C 12 2.84 3.82 -22.44
N LYS C 13 1.88 3.05 -22.01
CA LYS C 13 1.13 3.42 -20.81
C LYS C 13 2.06 3.57 -19.65
N PHE C 14 3.03 2.68 -19.55
CA PHE C 14 3.95 2.71 -18.42
C PHE C 14 4.90 3.90 -18.50
N ASN C 15 5.53 4.09 -19.68
CA ASN C 15 6.44 5.22 -19.87
C ASN C 15 5.77 6.54 -19.48
N HIS C 16 4.58 6.79 -20.02
CA HIS C 16 3.93 8.09 -19.88
C HIS C 16 3.23 8.25 -18.54
N GLU C 17 3.37 7.27 -17.66
CA GLU C 17 2.85 7.27 -16.30
C GLU C 17 3.97 7.42 -15.29
N ALA C 18 4.90 6.47 -15.32
CA ALA C 18 6.08 6.55 -14.47
C ALA C 18 6.76 7.89 -14.60
N GLU C 19 6.79 8.45 -15.82
CA GLU C 19 7.59 9.65 -16.05
C GLU C 19 7.21 10.72 -15.04
N ASP C 20 5.99 10.68 -14.51
CA ASP C 20 5.59 11.74 -13.59
C ASP C 20 5.70 11.36 -12.12
N LEU C 21 5.33 10.11 -11.76
CA LEU C 21 5.52 9.63 -10.39
C LEU C 21 6.99 9.60 -9.96
N PHE C 22 7.88 9.22 -10.88
CA PHE C 22 9.30 9.27 -10.53
C PHE C 22 9.67 10.69 -10.15
N TYR C 23 9.22 11.66 -10.94
CA TYR C 23 9.51 13.05 -10.61
C TYR C 23 9.01 13.36 -9.21
N GLN C 24 7.75 13.02 -8.96
CA GLN C 24 7.12 13.10 -7.64
C GLN C 24 8.10 12.72 -6.54
N SER C 25 8.71 11.53 -6.67
CA SER C 25 9.65 11.04 -5.66
C SER C 25 10.96 11.81 -5.68
N SER C 26 11.56 11.97 -6.87
CA SER C 26 12.85 12.63 -6.96
C SER C 26 12.78 14.03 -6.37
N LEU C 27 11.73 14.75 -6.73
CA LEU C 27 11.62 16.12 -6.31
C LEU C 27 11.41 16.20 -4.80
N ALA C 28 10.67 15.23 -4.24
CA ALA C 28 10.43 15.16 -2.80
C ALA C 28 11.68 14.74 -2.06
N SER C 29 12.47 13.85 -2.66
CA SER C 29 13.74 13.44 -2.09
C SER C 29 14.77 14.57 -2.11
N TRP C 30 14.78 15.38 -3.18
CA TRP C 30 15.69 16.52 -3.21
C TRP C 30 15.46 17.45 -2.01
N ASN C 31 14.23 17.61 -1.62
CA ASN C 31 13.93 18.51 -0.52
C ASN C 31 14.18 17.94 0.84
N TYR C 32 14.73 16.75 0.93
CA TYR C 32 15.11 16.25 2.22
C TYR C 32 16.57 16.44 2.19
N ASN C 33 17.23 15.98 1.15
CA ASN C 33 18.65 16.06 1.11
C ASN C 33 19.16 17.47 1.12
N THR C 34 18.29 18.44 0.93
CA THR C 34 18.69 19.83 1.02
C THR C 34 18.20 20.54 2.26
N ASN C 35 17.35 19.93 3.08
CA ASN C 35 16.78 20.57 4.26
C ASN C 35 16.80 19.64 5.45
N ILE C 36 16.64 18.35 5.23
CA ILE C 36 16.70 17.35 6.30
C ILE C 36 15.91 17.73 7.54
N THR C 37 14.59 17.74 7.40
CA THR C 37 13.68 17.92 8.51
C THR C 37 12.68 16.76 8.55
N GLU C 38 12.16 16.47 9.74
CA GLU C 38 11.17 15.40 9.87
C GLU C 38 9.93 15.67 9.02
N GLU C 39 9.67 16.96 8.74
CA GLU C 39 8.61 17.35 7.81
C GLU C 39 8.89 16.78 6.42
N ASN C 40 10.14 16.92 5.96
CA ASN C 40 10.56 16.44 4.64
C ASN C 40 10.88 14.96 4.63
N VAL C 41 11.27 14.39 5.78
CA VAL C 41 11.47 12.96 5.82
C VAL C 41 10.17 12.23 5.51
N GLN C 42 9.05 12.73 6.07
CA GLN C 42 7.75 12.15 5.75
C GLN C 42 7.37 12.37 4.29
N ASN C 43 7.74 13.51 3.71
CA ASN C 43 7.36 13.81 2.34
C ASN C 43 8.19 13.00 1.35
N MET C 44 9.51 12.87 1.58
CA MET C 44 10.34 12.03 0.71
C MET C 44 9.86 10.58 0.69
N ASN C 45 9.47 10.07 1.86
CA ASN C 45 9.11 8.67 1.95
C ASN C 45 7.79 8.42 1.25
N ASN C 46 6.80 9.29 1.46
CA ASN C 46 5.49 9.11 0.83
C ASN C 46 5.60 8.99 -0.68
N ALA C 47 6.11 10.04 -1.33
CA ALA C 47 6.34 9.97 -2.78
C ALA C 47 7.27 8.82 -3.13
N GLY C 48 8.23 8.48 -2.26
CA GLY C 48 9.01 7.27 -2.46
C GLY C 48 8.15 6.02 -2.40
N ASP C 49 7.21 5.98 -1.46
CA ASP C 49 6.39 4.79 -1.25
C ASP C 49 5.42 4.58 -2.41
N LYS C 50 4.86 5.67 -2.94
CA LYS C 50 3.98 5.53 -4.10
C LYS C 50 4.72 5.02 -5.33
N TRP C 51 6.04 5.20 -5.38
CA TRP C 51 6.83 4.75 -6.52
C TRP C 51 7.10 3.24 -6.43
N SER C 52 7.38 2.71 -5.24
CA SER C 52 7.66 1.28 -5.12
C SER C 52 6.41 0.44 -5.37
N ALA C 53 5.24 0.93 -4.95
CA ALA C 53 3.99 0.21 -5.13
C ALA C 53 3.42 0.34 -6.54
N PHE C 54 3.85 1.36 -7.30
CA PHE C 54 3.62 1.39 -8.73
C PHE C 54 4.52 0.41 -9.44
N LEU C 55 5.80 0.32 -9.04
CA LEU C 55 6.68 -0.67 -9.62
C LEU C 55 6.17 -2.08 -9.36
N LYS C 56 5.82 -2.38 -8.11
CA LYS C 56 5.20 -3.66 -7.80
C LYS C 56 4.06 -3.95 -8.76
N GLU C 57 3.18 -2.96 -8.96
CA GLU C 57 2.04 -3.11 -9.84
C GLU C 57 2.48 -3.43 -11.27
N GLN C 58 3.27 -2.54 -11.87
CA GLN C 58 3.66 -2.76 -13.27
C GLN C 58 4.64 -3.92 -13.41
N SER C 59 5.42 -4.23 -12.35
CA SER C 59 6.25 -5.43 -12.40
C SER C 59 5.39 -6.66 -12.58
N THR C 60 4.21 -6.66 -11.94
CA THR C 60 3.26 -7.76 -12.08
C THR C 60 2.67 -7.80 -13.50
N LEU C 61 2.33 -6.64 -14.06
CA LEU C 61 1.63 -6.64 -15.34
C LEU C 61 2.56 -6.95 -16.49
N ALA C 62 3.84 -6.57 -16.39
CA ALA C 62 4.75 -6.82 -17.48
C ALA C 62 5.13 -8.29 -17.57
N GLN C 63 4.95 -9.04 -16.46
CA GLN C 63 5.27 -10.46 -16.41
C GLN C 63 4.28 -11.30 -17.21
N MET C 64 3.09 -10.79 -17.47
CA MET C 64 2.22 -11.47 -18.45
C MET C 64 2.67 -11.32 -19.84
N TYR C 65 3.85 -10.78 -20.14
CA TYR C 65 4.35 -10.65 -21.50
C TYR C 65 5.63 -11.49 -21.58
N PRO C 66 5.64 -12.54 -22.40
CA PRO C 66 6.71 -13.56 -22.34
C PRO C 66 8.02 -13.08 -22.94
N LEU C 67 9.07 -13.00 -22.12
CA LEU C 67 10.39 -12.61 -22.63
C LEU C 67 10.89 -13.55 -23.71
N GLN C 68 10.30 -14.73 -23.85
CA GLN C 68 10.71 -15.62 -24.92
C GLN C 68 10.15 -15.12 -26.26
N GLU C 69 8.84 -14.86 -26.30
CA GLU C 69 8.20 -14.40 -27.52
C GLU C 69 8.46 -12.92 -27.77
N ILE C 70 9.73 -12.55 -27.80
CA ILE C 70 10.15 -11.17 -28.00
C ILE C 70 11.25 -11.16 -29.05
N GLN C 71 11.13 -10.22 -29.99
CA GLN C 71 12.03 -10.14 -31.13
C GLN C 71 12.90 -8.88 -31.13
N ASN C 72 12.33 -7.73 -30.72
CA ASN C 72 13.09 -6.50 -30.55
C ASN C 72 13.82 -6.52 -29.19
N LEU C 73 15.14 -6.50 -29.20
CA LEU C 73 15.89 -6.65 -27.95
C LEU C 73 15.73 -5.42 -27.07
N THR C 74 15.66 -4.23 -27.69
CA THR C 74 15.34 -3.04 -26.91
C THR C 74 14.02 -3.20 -26.16
N VAL C 75 13.07 -3.95 -26.74
CA VAL C 75 11.78 -4.16 -26.10
C VAL C 75 11.88 -5.22 -25.01
N LYS C 76 12.65 -6.29 -25.23
CA LYS C 76 12.90 -7.24 -24.16
C LYS C 76 13.53 -6.54 -22.96
N LEU C 77 14.54 -5.69 -23.21
CA LEU C 77 15.33 -5.09 -22.13
C LEU C 77 14.44 -4.23 -21.24
N GLN C 78 13.64 -3.36 -21.84
CA GLN C 78 12.65 -2.65 -21.06
C GLN C 78 11.77 -3.62 -20.26
N LEU C 79 11.12 -4.55 -20.97
CA LEU C 79 10.38 -5.63 -20.32
C LEU C 79 11.22 -6.29 -19.24
N GLN C 80 12.36 -6.88 -19.66
CA GLN C 80 13.28 -7.57 -18.75
C GLN C 80 13.56 -6.76 -17.49
N ALA C 81 13.81 -5.44 -17.63
CA ALA C 81 14.13 -4.59 -16.49
C ALA C 81 12.95 -4.44 -15.52
N LEU C 82 11.73 -4.69 -16.00
CA LEU C 82 10.55 -4.48 -15.17
C LEU C 82 9.98 -5.78 -14.60
N GLN C 83 10.37 -6.93 -15.15
CA GLN C 83 9.88 -8.23 -14.69
C GLN C 83 10.50 -8.67 -13.38
N GLN C 84 11.57 -8.03 -12.92
CA GLN C 84 12.24 -8.39 -11.66
C GLN C 84 11.27 -8.54 -10.51
N ASN C 85 11.11 -9.78 -10.01
CA ASN C 85 10.23 -10.02 -8.88
C ASN C 85 10.62 -9.18 -7.67
N GLY C 86 11.72 -8.42 -7.76
CA GLY C 86 11.99 -7.33 -6.84
C GLY C 86 12.39 -7.77 -5.45
N SER C 87 12.69 -6.78 -4.62
CA SER C 87 13.01 -7.03 -3.21
C SER C 87 11.69 -7.17 -2.44
N SER C 88 10.84 -8.08 -2.89
CA SER C 88 9.49 -8.17 -2.38
C SER C 88 9.10 -9.63 -2.16
N VAL C 89 9.66 -10.53 -2.97
CA VAL C 89 9.47 -11.97 -2.77
C VAL C 89 9.92 -12.38 -1.38
N LEU C 90 10.73 -11.55 -0.74
CA LEU C 90 11.01 -11.69 0.69
C LEU C 90 9.73 -11.34 1.46
N SER C 91 9.37 -12.19 2.45
CA SER C 91 8.12 -12.03 3.17
C SER C 91 8.01 -10.64 3.78
N GLU C 92 6.83 -10.04 3.64
CA GLU C 92 6.57 -8.70 4.16
C GLU C 92 6.83 -8.61 5.67
N ASP C 93 6.76 -9.74 6.38
CA ASP C 93 7.08 -9.76 7.81
C ASP C 93 8.54 -9.40 8.04
N LYS C 94 9.46 -10.08 7.34
CA LYS C 94 10.91 -9.81 7.43
C LYS C 94 11.35 -8.62 6.60
N SER C 95 10.55 -8.21 5.62
CA SER C 95 10.96 -7.09 4.77
C SER C 95 10.99 -5.78 5.53
N LYS C 96 10.20 -5.65 6.59
CA LYS C 96 10.24 -4.43 7.38
C LYS C 96 11.51 -4.37 8.24
N ARG C 97 12.08 -5.51 8.62
CA ARG C 97 13.38 -5.48 9.25
C ARG C 97 14.40 -4.85 8.33
N LEU C 98 14.58 -5.42 7.13
CA LEU C 98 15.66 -5.00 6.22
C LEU C 98 15.61 -3.48 5.96
N ASN C 99 14.41 -2.93 5.78
CA ASN C 99 14.27 -1.48 5.62
C ASN C 99 14.69 -0.74 6.89
N THR C 100 14.31 -1.24 8.06
CA THR C 100 14.70 -0.59 9.31
C THR C 100 16.19 -0.77 9.58
N ILE C 101 16.71 -1.97 9.34
CA ILE C 101 18.14 -2.22 9.40
C ILE C 101 18.87 -1.19 8.55
N LEU C 102 18.57 -1.17 7.24
CA LEU C 102 19.28 -0.32 6.28
C LEU C 102 19.20 1.15 6.67
N ASN C 103 18.03 1.58 7.17
CA ASN C 103 17.87 2.95 7.64
C ASN C 103 18.65 3.22 8.92
N THR C 104 18.70 2.24 9.83
CA THR C 104 19.44 2.46 11.07
C THR C 104 20.93 2.54 10.80
N MET C 105 21.44 1.68 9.92
CA MET C 105 22.84 1.75 9.52
C MET C 105 23.15 3.10 8.87
N SER C 106 22.33 3.53 7.93
CA SER C 106 22.53 4.84 7.31
C SER C 106 22.52 5.97 8.36
N THR C 107 21.57 5.93 9.30
CA THR C 107 21.50 7.01 10.29
C THR C 107 22.69 6.96 11.25
N ILE C 108 23.13 5.76 11.64
CA ILE C 108 24.24 5.62 12.59
C ILE C 108 25.52 6.26 12.05
N TYR C 109 25.77 6.09 10.75
CA TYR C 109 26.99 6.59 10.12
C TYR C 109 27.01 8.13 10.11
N SER C 110 25.97 8.72 9.51
CA SER C 110 25.95 10.17 9.28
C SER C 110 25.85 10.96 10.58
N THR C 111 25.18 10.39 11.59
CA THR C 111 24.95 11.09 12.84
C THR C 111 25.90 10.67 13.96
N GLY C 112 26.53 9.49 13.86
CA GLY C 112 27.45 9.04 14.89
C GLY C 112 28.59 10.01 15.14
N LYS C 113 28.88 10.28 16.41
CA LYS C 113 29.97 11.18 16.77
C LYS C 113 30.80 10.55 17.88
N VAL C 114 32.09 10.86 17.86
CA VAL C 114 33.00 10.34 18.84
C VAL C 114 33.31 11.50 19.74
N CYS C 115 33.43 11.25 21.03
CA CYS C 115 33.60 12.37 21.92
C CYS C 115 34.90 12.33 22.64
N ASN C 116 35.43 13.48 22.96
CA ASN C 116 36.69 13.58 23.68
C ASN C 116 36.64 12.84 24.96
N PRO C 117 37.71 12.13 25.25
CA PRO C 117 37.65 11.51 26.56
C PRO C 117 38.01 12.61 27.52
N ASP C 118 38.92 13.49 27.13
CA ASP C 118 39.36 14.60 27.96
C ASP C 118 38.14 15.32 28.45
N ASN C 119 37.36 15.86 27.53
CA ASN C 119 36.12 16.49 27.94
C ASN C 119 35.00 15.64 27.49
N PRO C 120 34.32 15.00 28.44
CA PRO C 120 33.27 14.06 28.05
C PRO C 120 32.24 14.67 27.15
N GLN C 121 32.01 15.95 27.25
CA GLN C 121 30.99 16.50 26.44
C GLN C 121 31.53 17.30 25.29
N GLU C 122 32.64 16.94 24.68
CA GLU C 122 33.19 17.63 23.52
C GLU C 122 33.26 16.63 22.43
N CYS C 123 32.37 16.70 21.46
CA CYS C 123 32.36 15.65 20.46
C CYS C 123 32.61 16.07 19.02
N LEU C 124 33.12 15.14 18.20
CA LEU C 124 33.37 15.43 16.78
C LEU C 124 32.52 14.52 15.90
N LEU C 125 32.06 15.06 14.77
CA LEU C 125 31.43 14.30 13.71
C LEU C 125 32.48 13.91 12.66
N LEU C 126 32.23 12.90 11.82
CA LEU C 126 33.15 12.62 10.73
C LEU C 126 32.94 13.71 9.75
N GLU C 127 31.75 14.26 9.72
CA GLU C 127 31.37 15.26 8.73
C GLU C 127 32.37 16.29 8.39
N PRO C 128 32.72 17.15 9.34
CA PRO C 128 33.77 18.03 8.89
C PRO C 128 34.86 18.03 9.86
N GLY C 129 35.11 16.95 10.56
CA GLY C 129 36.08 17.02 11.61
C GLY C 129 36.95 15.86 11.87
N LEU C 130 36.44 14.65 11.81
CA LEU C 130 37.32 13.54 11.98
C LEU C 130 38.04 13.43 10.67
N ASN C 131 37.38 13.75 9.59
CA ASN C 131 37.99 13.73 8.26
C ASN C 131 39.13 14.74 8.18
N GLU C 132 38.92 15.95 8.72
CA GLU C 132 39.97 16.95 8.66
C GLU C 132 41.16 16.50 9.48
N ILE C 133 40.92 15.72 10.53
CA ILE C 133 42.00 15.16 11.32
C ILE C 133 42.73 14.05 10.57
N MET C 134 41.98 13.22 9.85
CA MET C 134 42.59 12.13 9.11
C MET C 134 43.25 12.61 7.81
N ALA C 135 43.04 13.86 7.41
CA ALA C 135 43.52 14.32 6.13
C ALA C 135 44.69 15.26 6.22
N ASN C 136 44.85 15.93 7.36
CA ASN C 136 45.85 16.99 7.49
C ASN C 136 46.87 16.78 8.62
N SER C 137 46.54 16.04 9.67
CA SER C 137 47.42 15.90 10.83
C SER C 137 48.70 15.10 10.54
N LEU C 138 49.79 15.53 11.19
CA LEU C 138 51.04 14.77 11.21
C LEU C 138 51.42 14.32 12.62
N ASP C 139 50.42 14.19 13.53
CA ASP C 139 50.64 13.75 14.91
C ASP C 139 50.12 12.31 15.02
N TYR C 140 51.06 11.36 14.95
CA TYR C 140 50.73 9.94 14.85
C TYR C 140 49.66 9.52 15.85
N ASN C 141 49.67 10.09 17.05
CA ASN C 141 48.77 9.58 18.08
C ASN C 141 47.37 10.18 17.93
N GLU C 142 47.29 11.48 17.62
CA GLU C 142 46.02 12.12 17.34
C GLU C 142 45.30 11.39 16.22
N ARG C 143 46.06 10.90 15.24
CA ARG C 143 45.47 10.16 14.13
C ARG C 143 45.01 8.79 14.57
N LEU C 144 45.67 8.19 15.53
CA LEU C 144 45.25 6.85 15.95
C LEU C 144 43.97 6.94 16.76
N TRP C 145 43.83 8.01 17.54
CA TRP C 145 42.58 8.29 18.23
C TRP C 145 41.43 8.25 17.23
N ALA C 146 41.38 9.27 16.37
CA ALA C 146 40.27 9.39 15.43
C ALA C 146 40.04 8.08 14.69
N TRP C 147 41.10 7.37 14.33
CA TRP C 147 40.92 6.12 13.60
C TRP C 147 40.25 5.06 14.46
N GLU C 148 40.72 4.89 15.69
CA GLU C 148 40.18 3.82 16.52
C GLU C 148 38.77 4.16 17.00
N SER C 149 38.62 5.29 17.69
CA SER C 149 37.32 5.63 18.26
C SER C 149 36.25 5.70 17.18
N TRP C 150 36.62 6.08 15.96
CA TRP C 150 35.63 6.00 14.89
C TRP C 150 35.24 4.56 14.59
N ARG C 151 36.08 3.59 14.94
CA ARG C 151 35.71 2.22 14.68
C ARG C 151 35.23 1.46 15.91
N SER C 152 35.30 2.03 17.09
CA SER C 152 34.77 1.40 18.30
C SER C 152 33.52 2.08 18.79
N GLU C 153 33.56 3.41 18.96
CA GLU C 153 32.35 4.14 19.25
C GLU C 153 31.27 3.81 18.20
N VAL C 154 31.65 3.84 16.92
CA VAL C 154 30.67 3.68 15.85
C VAL C 154 30.65 2.24 15.36
N GLY C 155 31.77 1.76 14.83
CA GLY C 155 31.79 0.47 14.16
C GLY C 155 31.31 -0.70 15.00
N LYS C 156 31.36 -0.56 16.35
CA LYS C 156 30.90 -1.64 17.21
C LYS C 156 29.37 -1.82 17.11
N GLN C 157 28.61 -0.71 17.21
CA GLN C 157 27.15 -0.79 17.11
C GLN C 157 26.66 -1.10 15.70
N LEU C 158 27.52 -0.97 14.69
CA LEU C 158 27.17 -1.43 13.36
C LEU C 158 27.29 -2.93 13.22
N ARG C 159 27.99 -3.60 14.15
CA ARG C 159 28.28 -5.03 13.99
C ARG C 159 27.02 -5.89 14.06
N PRO C 160 26.13 -5.75 15.06
CA PRO C 160 24.90 -6.58 15.05
C PRO C 160 24.06 -6.38 13.81
N LEU C 161 23.95 -5.12 13.35
CA LEU C 161 23.07 -4.83 12.24
C LEU C 161 23.58 -5.45 10.95
N TYR C 162 24.89 -5.35 10.68
CA TYR C 162 25.38 -5.84 9.40
C TYR C 162 25.19 -7.34 9.24
N GLU C 163 25.17 -8.07 10.37
CA GLU C 163 24.99 -9.52 10.27
C GLU C 163 23.58 -9.86 9.81
N GLU C 164 22.58 -9.22 10.43
CA GLU C 164 21.20 -9.46 10.01
C GLU C 164 20.97 -8.88 8.62
N TYR C 165 21.56 -7.71 8.33
CA TYR C 165 21.68 -7.21 6.96
C TYR C 165 22.11 -8.29 5.97
N VAL C 166 23.20 -8.98 6.27
CA VAL C 166 23.71 -9.98 5.35
C VAL C 166 22.67 -11.08 5.16
N VAL C 167 21.95 -11.43 6.24
CA VAL C 167 21.09 -12.60 6.21
C VAL C 167 19.90 -12.36 5.28
N LEU C 168 19.20 -11.26 5.52
CA LEU C 168 18.03 -10.97 4.72
C LEU C 168 18.44 -10.67 3.27
N LYS C 169 19.55 -9.96 3.10
CA LYS C 169 19.99 -9.61 1.74
C LYS C 169 20.24 -10.85 0.90
N ASN C 170 21.00 -11.81 1.44
CA ASN C 170 21.04 -13.14 0.82
C ASN C 170 19.65 -13.74 0.63
N GLU C 171 18.78 -13.64 1.65
CA GLU C 171 17.47 -14.24 1.52
C GLU C 171 16.76 -13.78 0.25
N MET C 172 16.72 -12.46 -0.01
CA MET C 172 16.02 -12.00 -1.21
C MET C 172 16.86 -12.26 -2.45
N ALA C 173 18.18 -12.29 -2.31
CA ALA C 173 19.03 -12.62 -3.44
C ALA C 173 18.85 -14.08 -3.83
N ARG C 174 18.83 -14.96 -2.82
CA ARG C 174 18.55 -16.38 -3.06
C ARG C 174 17.15 -16.54 -3.66
N ALA C 175 16.12 -15.98 -2.99
CA ALA C 175 14.69 -16.03 -3.39
C ALA C 175 14.37 -15.28 -4.71
N ASN C 176 15.40 -14.85 -5.45
CA ASN C 176 15.21 -14.27 -6.78
C ASN C 176 16.18 -14.91 -7.77
N HIS C 177 16.62 -16.14 -7.47
CA HIS C 177 17.43 -16.95 -8.40
C HIS C 177 18.87 -16.43 -8.54
N TYR C 178 19.43 -15.94 -7.43
CA TYR C 178 20.83 -15.57 -7.33
C TYR C 178 21.46 -16.44 -6.25
N GLU C 179 22.73 -16.79 -6.43
CA GLU C 179 23.37 -17.68 -5.47
C GLU C 179 23.62 -16.98 -4.14
N ASP C 180 24.05 -15.72 -4.18
CA ASP C 180 24.14 -14.90 -2.97
C ASP C 180 24.00 -13.46 -3.40
N TYR C 181 23.90 -12.56 -2.41
CA TYR C 181 23.73 -11.14 -2.69
C TYR C 181 24.88 -10.57 -3.52
N GLY C 182 26.11 -11.07 -3.30
CA GLY C 182 27.19 -10.76 -4.22
C GLY C 182 26.82 -11.02 -5.66
N ASP C 183 26.23 -12.19 -5.94
CA ASP C 183 25.79 -12.47 -7.30
C ASP C 183 24.68 -11.55 -7.74
N TYR C 184 23.91 -11.03 -6.79
CA TYR C 184 22.91 -10.04 -7.16
C TYR C 184 23.59 -8.77 -7.68
N TRP C 185 24.59 -8.26 -6.94
CA TRP C 185 25.31 -7.07 -7.36
C TRP C 185 26.11 -7.31 -8.65
N ARG C 186 26.89 -8.40 -8.70
CA ARG C 186 27.58 -8.76 -9.94
C ARG C 186 26.61 -8.86 -11.11
N GLY C 187 25.33 -9.13 -10.82
CA GLY C 187 24.32 -9.17 -11.86
C GLY C 187 24.30 -7.96 -12.77
N ASP C 188 24.90 -6.86 -12.34
CA ASP C 188 24.84 -5.64 -13.11
C ASP C 188 25.54 -5.78 -14.46
N TYR C 189 26.59 -6.60 -14.54
CA TYR C 189 27.36 -6.73 -15.77
C TYR C 189 26.86 -7.86 -16.66
N GLU C 190 25.81 -8.58 -16.26
CA GLU C 190 25.36 -9.73 -17.03
C GLU C 190 24.79 -9.27 -18.37
N VAL C 191 25.14 -10.00 -19.43
CA VAL C 191 24.61 -9.77 -20.78
C VAL C 191 24.34 -11.13 -21.41
N ASN C 192 23.09 -11.35 -21.84
CA ASN C 192 22.68 -12.61 -22.43
C ASN C 192 21.92 -12.32 -23.71
N GLY C 193 22.32 -12.99 -24.78
CA GLY C 193 21.50 -12.89 -25.96
C GLY C 193 22.25 -12.50 -27.20
N VAL C 194 22.99 -11.39 -27.16
CA VAL C 194 23.63 -10.92 -28.38
C VAL C 194 24.82 -11.82 -28.70
N ASP C 195 25.11 -11.96 -30.00
CA ASP C 195 26.10 -12.91 -30.48
C ASP C 195 27.50 -12.43 -30.14
N GLY C 196 28.22 -13.20 -29.32
CA GLY C 196 29.61 -12.92 -29.03
C GLY C 196 29.85 -11.79 -28.05
N TYR C 197 28.80 -11.29 -27.41
CA TYR C 197 28.88 -10.21 -26.44
C TYR C 197 28.43 -10.63 -25.06
N ASP C 198 28.16 -11.92 -24.87
CA ASP C 198 27.59 -12.38 -23.62
C ASP C 198 28.57 -12.16 -22.47
N TYR C 199 28.09 -12.30 -21.23
CA TYR C 199 28.94 -12.08 -20.06
C TYR C 199 28.34 -12.80 -18.85
N SER C 200 29.15 -13.65 -18.21
CA SER C 200 28.76 -14.42 -17.03
C SER C 200 28.95 -13.62 -15.74
N ARG C 201 28.00 -13.76 -14.81
CA ARG C 201 28.12 -13.13 -13.49
C ARG C 201 29.38 -13.55 -12.73
N GLY C 202 29.98 -14.69 -13.06
CA GLY C 202 31.17 -15.10 -12.35
C GLY C 202 32.41 -14.53 -12.98
N GLN C 203 32.38 -14.36 -14.31
CA GLN C 203 33.53 -13.88 -15.09
C GLN C 203 34.09 -12.57 -14.54
N LEU C 204 33.22 -11.72 -13.98
CA LEU C 204 33.71 -10.49 -13.36
C LEU C 204 34.75 -10.79 -12.29
N ILE C 205 34.45 -11.69 -11.35
CA ILE C 205 35.44 -11.99 -10.33
C ILE C 205 36.72 -12.49 -11.02
N GLU C 206 36.57 -13.26 -12.10
CA GLU C 206 37.71 -13.70 -12.87
C GLU C 206 38.44 -12.49 -13.47
N ASP C 207 37.74 -11.68 -14.26
CA ASP C 207 38.35 -10.55 -14.96
C ASP C 207 38.94 -9.52 -14.01
N VAL C 208 38.29 -9.28 -12.88
CA VAL C 208 38.82 -8.38 -11.88
C VAL C 208 40.14 -8.90 -11.35
N GLU C 209 40.16 -10.16 -10.92
CA GLU C 209 41.36 -10.75 -10.34
C GLU C 209 42.44 -10.99 -11.38
N HIS C 210 42.09 -11.12 -12.67
CA HIS C 210 43.11 -11.27 -13.70
CA HIS C 210 43.12 -11.26 -13.70
C HIS C 210 43.73 -9.92 -14.09
N THR C 211 42.98 -8.83 -13.96
CA THR C 211 43.57 -7.52 -14.23
C THR C 211 44.40 -7.09 -13.04
N PHE C 212 43.88 -7.31 -11.83
CA PHE C 212 44.60 -6.84 -10.66
C PHE C 212 46.03 -7.31 -10.70
N GLU C 213 46.29 -8.46 -11.30
CA GLU C 213 47.63 -9.02 -11.23
C GLU C 213 48.63 -8.05 -11.83
N GLU C 214 48.34 -7.56 -13.05
CA GLU C 214 49.31 -6.72 -13.73
C GLU C 214 49.43 -5.35 -13.07
N ILE C 215 48.45 -4.99 -12.24
CA ILE C 215 48.51 -3.78 -11.44
C ILE C 215 49.38 -3.93 -10.19
N LYS C 216 49.56 -5.15 -9.69
CA LYS C 216 50.37 -5.35 -8.48
C LYS C 216 51.79 -4.79 -8.54
N PRO C 217 52.55 -4.96 -9.64
CA PRO C 217 53.92 -4.42 -9.67
C PRO C 217 54.00 -2.92 -9.51
N LEU C 218 53.10 -2.18 -10.17
CA LEU C 218 53.08 -0.73 -9.99
C LEU C 218 52.71 -0.35 -8.56
N TYR C 219 51.73 -1.05 -7.97
CA TYR C 219 51.35 -0.77 -6.60
C TYR C 219 52.49 -1.00 -5.61
N GLU C 220 53.21 -2.13 -5.76
CA GLU C 220 54.28 -2.44 -4.82
C GLU C 220 55.33 -1.36 -4.82
N HIS C 221 55.64 -0.83 -6.01
CA HIS C 221 56.65 0.21 -6.12
C HIS C 221 56.13 1.56 -5.66
N LEU C 222 54.84 1.84 -5.82
CA LEU C 222 54.25 2.98 -5.13
C LEU C 222 54.29 2.75 -3.62
N HIS C 223 53.75 1.61 -3.16
CA HIS C 223 53.75 1.26 -1.74
C HIS C 223 55.14 1.44 -1.14
N ALA C 224 56.12 0.72 -1.70
CA ALA C 224 57.49 0.77 -1.22
C ALA C 224 58.07 2.18 -1.18
N TYR C 225 57.71 3.04 -2.14
CA TYR C 225 58.23 4.39 -2.19
C TYR C 225 57.50 5.30 -1.21
N VAL C 226 56.20 5.12 -1.05
CA VAL C 226 55.49 5.97 -0.09
C VAL C 226 55.91 5.59 1.34
N ARG C 227 56.09 4.29 1.61
CA ARG C 227 56.57 3.87 2.93
C ARG C 227 57.81 4.65 3.33
N ALA C 228 58.77 4.77 2.40
CA ALA C 228 59.98 5.55 2.64
C ALA C 228 59.66 6.99 3.01
N LYS C 229 58.80 7.63 2.22
CA LYS C 229 58.49 9.03 2.50
C LYS C 229 57.77 9.16 3.83
N LEU C 230 57.03 8.13 4.23
CA LEU C 230 56.26 8.23 5.47
C LEU C 230 57.14 7.98 6.68
N MET C 231 58.18 7.13 6.55
CA MET C 231 59.16 6.92 7.61
C MET C 231 59.96 8.17 7.95
N ASN C 232 59.92 9.20 7.11
CA ASN C 232 60.41 10.51 7.52
C ASN C 232 59.36 11.25 8.33
N ALA C 233 58.11 11.26 7.85
CA ALA C 233 57.01 11.86 8.59
C ALA C 233 56.95 11.33 10.01
N TYR C 234 56.60 10.07 10.16
CA TYR C 234 56.54 9.43 11.47
C TYR C 234 57.81 8.64 11.72
N PRO C 235 58.85 9.26 12.31
CA PRO C 235 60.20 8.75 12.11
C PRO C 235 60.44 7.37 12.69
N SER C 236 59.71 6.95 13.71
CA SER C 236 60.08 5.68 14.33
C SER C 236 58.93 4.67 14.36
N TYR C 237 57.84 4.94 13.65
CA TYR C 237 56.64 4.13 13.74
C TYR C 237 56.51 3.09 12.63
N ILE C 238 57.36 3.11 11.61
CA ILE C 238 57.11 2.32 10.41
C ILE C 238 58.31 1.41 10.14
N SER C 239 58.06 0.13 9.96
CA SER C 239 59.10 -0.80 9.53
C SER C 239 59.40 -0.60 8.06
N PRO C 240 60.68 -0.50 7.66
CA PRO C 240 61.04 -0.46 6.23
C PRO C 240 60.71 -1.73 5.45
N ILE C 241 60.22 -2.76 6.13
CA ILE C 241 59.73 -3.97 5.47
C ILE C 241 58.29 -4.28 5.88
N GLY C 242 57.67 -3.40 6.69
CA GLY C 242 56.34 -3.63 7.22
C GLY C 242 55.23 -3.09 6.34
N CYS C 243 54.01 -3.51 6.66
CA CYS C 243 52.87 -2.87 6.04
C CYS C 243 52.68 -1.45 6.57
N LEU C 244 51.88 -0.68 5.85
CA LEU C 244 51.59 0.68 6.25
C LEU C 244 50.48 0.67 7.30
N PRO C 245 50.65 1.34 8.41
CA PRO C 245 49.53 1.54 9.33
C PRO C 245 48.33 2.18 8.61
N ALA C 246 47.11 1.84 9.06
CA ALA C 246 45.92 2.31 8.37
C ALA C 246 45.53 3.75 8.74
N HIS C 247 45.94 4.26 9.89
CA HIS C 247 45.60 5.62 10.24
C HIS C 247 46.57 6.62 9.65
N LEU C 248 47.50 6.16 8.82
CA LEU C 248 48.52 7.01 8.23
C LEU C 248 48.32 7.27 6.73
N LEU C 249 47.13 6.97 6.19
CA LEU C 249 46.97 6.91 4.75
C LEU C 249 46.27 8.12 4.13
N GLY C 250 45.89 9.14 4.92
CA GLY C 250 45.36 10.38 4.39
C GLY C 250 43.83 10.48 4.30
N ASP C 251 43.08 9.45 4.72
CA ASP C 251 41.66 9.57 5.06
C ASP C 251 41.26 8.45 6.02
N MET C 252 39.96 8.40 6.34
CA MET C 252 39.49 7.58 7.45
C MET C 252 39.65 6.08 7.19
N TRP C 253 39.87 5.66 5.95
CA TRP C 253 39.95 4.25 5.63
C TRP C 253 41.16 3.90 4.76
N GLY C 254 41.94 4.89 4.36
CA GLY C 254 43.01 4.64 3.42
C GLY C 254 42.48 4.40 2.03
N ARG C 255 41.39 5.06 1.66
CA ARG C 255 40.77 4.82 0.36
C ARG C 255 41.52 5.54 -0.73
N PHE C 256 42.03 6.72 -0.44
CA PHE C 256 42.79 7.53 -1.38
C PHE C 256 44.02 8.07 -0.68
N TRP C 257 45.18 7.87 -1.30
CA TRP C 257 46.41 8.46 -0.81
C TRP C 257 46.59 9.88 -1.29
N THR C 258 45.50 10.51 -1.74
CA THR C 258 45.62 11.87 -2.24
C THR C 258 46.29 12.76 -1.23
N ASN C 259 45.92 12.67 0.04
CA ASN C 259 46.41 13.69 0.96
C ASN C 259 47.79 13.35 1.48
N LEU C 260 48.33 12.18 1.13
CA LEU C 260 49.74 11.90 1.32
C LEU C 260 50.60 12.59 0.28
N TYR C 261 50.01 13.34 -0.65
CA TYR C 261 50.86 13.95 -1.66
C TYR C 261 51.77 15.01 -1.05
N SER C 262 51.29 15.79 -0.07
CA SER C 262 52.12 16.83 0.53
C SER C 262 53.45 16.29 1.12
N LEU C 263 53.51 15.00 1.51
CA LEU C 263 54.72 14.36 2.00
C LEU C 263 55.44 13.50 0.96
N THR C 264 54.74 12.85 0.05
CA THR C 264 55.41 11.99 -0.92
C THR C 264 55.77 12.70 -2.23
N VAL C 265 55.54 14.00 -2.29
CA VAL C 265 55.81 14.79 -3.47
C VAL C 265 57.19 14.61 -3.88
N PRO C 266 57.36 14.18 -5.12
CA PRO C 266 58.72 13.89 -5.52
C PRO C 266 59.63 15.07 -5.41
N PHE C 267 59.45 16.03 -6.28
CA PHE C 267 60.33 17.17 -6.30
C PHE C 267 59.50 18.35 -5.92
N GLY C 268 59.62 18.81 -4.69
CA GLY C 268 58.72 19.82 -4.25
C GLY C 268 59.08 21.25 -4.07
N GLN C 269 59.91 21.77 -4.93
CA GLN C 269 60.19 23.17 -4.89
C GLN C 269 59.75 23.53 -6.26
N LYS C 270 59.14 22.57 -6.93
CA LYS C 270 58.57 22.86 -8.23
C LYS C 270 57.25 23.63 -8.09
N PRO C 271 56.92 24.53 -9.03
CA PRO C 271 55.55 25.08 -9.03
C PRO C 271 54.51 24.01 -8.77
N ASN C 272 53.52 24.32 -7.93
CA ASN C 272 52.69 23.27 -7.37
C ASN C 272 51.58 22.80 -8.29
N ILE C 273 51.60 21.50 -8.63
CA ILE C 273 50.52 20.85 -9.36
C ILE C 273 49.23 20.90 -8.58
N ASP C 274 49.28 20.49 -7.32
CA ASP C 274 48.15 20.75 -6.46
C ASP C 274 47.87 22.23 -6.54
N VAL C 275 46.82 22.60 -7.28
CA VAL C 275 46.50 24.02 -7.44
C VAL C 275 45.70 24.57 -6.28
N THR C 276 45.44 23.78 -5.24
CA THR C 276 44.49 24.19 -4.21
C THR C 276 44.84 25.55 -3.65
N ASP C 277 46.13 25.80 -3.38
CA ASP C 277 46.49 27.09 -2.78
C ASP C 277 46.33 28.21 -3.79
N ALA C 278 46.68 27.94 -5.05
CA ALA C 278 46.43 28.89 -6.12
C ALA C 278 44.96 29.29 -6.17
N MET C 279 44.06 28.31 -6.15
CA MET C 279 42.64 28.58 -6.09
C MET C 279 42.29 29.45 -4.90
N VAL C 280 42.89 29.17 -3.75
CA VAL C 280 42.62 29.98 -2.56
C VAL C 280 43.22 31.39 -2.72
N ASP C 281 44.48 31.47 -3.18
CA ASP C 281 45.14 32.76 -3.35
C ASP C 281 44.52 33.63 -4.43
N GLN C 282 43.78 33.06 -5.37
CA GLN C 282 43.13 33.83 -6.43
C GLN C 282 41.68 34.16 -6.12
N ALA C 283 41.15 33.65 -4.99
CA ALA C 283 39.79 33.94 -4.54
C ALA C 283 38.76 33.39 -5.52
N TRP C 284 38.90 32.11 -5.83
CA TRP C 284 37.89 31.37 -6.56
C TRP C 284 36.74 31.00 -5.62
N ASP C 285 35.60 30.66 -6.21
CA ASP C 285 34.43 30.18 -5.46
C ASP C 285 33.71 29.08 -6.24
N ALA C 286 32.72 28.50 -5.57
CA ALA C 286 31.91 27.44 -6.17
C ALA C 286 31.49 27.76 -7.61
N GLN C 287 30.89 28.93 -7.85
CA GLN C 287 30.59 29.37 -9.22
C GLN C 287 31.77 29.18 -10.18
N ARG C 288 32.93 29.74 -9.82
CA ARG C 288 34.05 29.64 -10.75
C ARG C 288 34.37 28.19 -11.05
N ILE C 289 34.15 27.27 -10.09
CA ILE C 289 34.49 25.86 -10.30
C ILE C 289 33.51 25.20 -11.26
N PHE C 290 32.22 25.40 -11.04
CA PHE C 290 31.24 24.79 -11.92
C PHE C 290 31.11 25.51 -13.25
N LYS C 291 31.31 26.83 -13.28
CA LYS C 291 31.24 27.54 -14.56
C LYS C 291 32.41 27.16 -15.45
N GLU C 292 33.57 26.91 -14.85
CA GLU C 292 34.73 26.41 -15.58
C GLU C 292 34.49 25.00 -16.15
N ALA C 293 33.96 24.08 -15.33
CA ALA C 293 33.63 22.76 -15.86
C ALA C 293 32.59 22.84 -16.98
N GLU C 294 31.56 23.66 -16.79
CA GLU C 294 30.60 23.89 -17.86
C GLU C 294 31.28 24.36 -19.12
N LYS C 295 32.21 25.32 -19.01
CA LYS C 295 32.93 25.75 -20.20
C LYS C 295 33.64 24.58 -20.86
N PHE C 296 34.21 23.67 -20.06
CA PHE C 296 34.95 22.53 -20.61
C PHE C 296 34.05 21.68 -21.48
N PHE C 297 32.94 21.21 -20.91
CA PHE C 297 32.03 20.40 -21.71
C PHE C 297 31.53 21.14 -22.95
N VAL C 298 31.44 22.48 -22.91
CA VAL C 298 31.14 23.22 -24.15
C VAL C 298 32.28 23.08 -25.14
N SER C 299 33.51 23.38 -24.71
CA SER C 299 34.65 23.37 -25.64
C SER C 299 34.76 22.07 -26.41
N VAL C 300 34.13 20.99 -25.94
CA VAL C 300 34.15 19.73 -26.68
C VAL C 300 32.89 19.51 -27.51
N GLY C 301 31.94 20.45 -27.51
CA GLY C 301 30.80 20.37 -28.39
C GLY C 301 29.51 19.95 -27.72
N LEU C 302 29.59 19.50 -26.48
CA LEU C 302 28.39 19.20 -25.73
C LEU C 302 27.69 20.51 -25.31
N PRO C 303 26.49 20.40 -24.78
CA PRO C 303 25.76 21.58 -24.33
C PRO C 303 26.22 22.17 -23.01
N ASN C 304 26.13 23.49 -22.88
CA ASN C 304 26.30 23.99 -21.53
C ASN C 304 25.03 23.67 -20.75
N MET C 305 25.15 23.75 -19.44
CA MET C 305 24.14 23.24 -18.55
C MET C 305 22.83 23.98 -18.79
N THR C 306 21.72 23.33 -18.38
CA THR C 306 20.39 23.93 -18.49
C THR C 306 20.22 25.12 -17.55
N GLN C 307 19.32 26.03 -17.92
CA GLN C 307 18.83 27.03 -16.99
C GLN C 307 18.40 26.38 -15.68
N GLY C 308 17.55 25.34 -15.78
CA GLY C 308 17.10 24.62 -14.60
C GLY C 308 18.22 24.14 -13.71
N PHE C 309 19.36 23.74 -14.30
CA PHE C 309 20.52 23.37 -13.51
C PHE C 309 21.00 24.53 -12.66
N TRP C 310 21.50 25.57 -13.33
CA TRP C 310 22.01 26.70 -12.58
C TRP C 310 20.97 27.29 -11.64
N GLU C 311 19.67 27.05 -11.87
CA GLU C 311 18.69 27.64 -10.97
C GLU C 311 18.47 26.80 -9.72
N ASN C 312 18.36 25.47 -9.84
CA ASN C 312 17.89 24.65 -8.73
C ASN C 312 19.03 23.93 -7.97
N SER C 313 20.25 23.96 -8.51
CA SER C 313 21.30 23.16 -7.90
C SER C 313 21.75 23.76 -6.58
N MET C 314 22.23 22.90 -5.71
CA MET C 314 22.86 23.33 -4.47
C MET C 314 24.33 22.99 -4.58
N LEU C 315 25.17 24.02 -4.82
CA LEU C 315 26.62 23.83 -4.97
C LEU C 315 27.42 24.22 -3.72
N THR C 316 26.80 24.80 -2.71
CA THR C 316 27.46 25.03 -1.44
C THR C 316 26.54 24.68 -0.29
N ASP C 317 27.17 24.40 0.85
CA ASP C 317 26.48 24.11 2.11
C ASP C 317 25.57 25.27 2.46
N PRO C 318 24.25 25.04 2.62
CA PRO C 318 23.32 26.17 2.76
C PRO C 318 23.41 26.83 4.12
N GLY C 319 24.55 27.44 4.41
CA GLY C 319 24.72 27.81 5.79
C GLY C 319 24.62 26.58 6.68
N ASN C 320 24.58 26.87 7.98
CA ASN C 320 24.42 25.83 8.98
C ASN C 320 23.02 25.92 9.58
N VAL C 321 22.26 26.96 9.20
CA VAL C 321 20.86 27.05 9.61
C VAL C 321 20.11 25.79 9.21
N GLN C 322 19.99 25.53 7.90
CA GLN C 322 19.40 24.31 7.39
C GLN C 322 20.48 23.30 7.03
N LYS C 323 20.23 22.03 7.35
CA LYS C 323 21.20 20.97 7.14
C LYS C 323 21.11 20.45 5.69
N ALA C 324 22.02 19.48 5.30
CA ALA C 324 22.09 18.95 3.96
C ALA C 324 22.88 17.71 3.94
N VAL C 325 22.64 16.84 2.98
CA VAL C 325 23.45 15.65 2.84
C VAL C 325 24.53 16.01 1.88
N CYS C 326 25.71 16.34 2.36
CA CYS C 326 26.77 16.82 1.52
C CYS C 326 27.52 15.80 0.72
N HIS C 327 27.06 14.58 0.67
CA HIS C 327 27.71 13.59 -0.13
C HIS C 327 27.53 14.03 -1.56
N PRO C 328 28.68 14.25 -2.34
CA PRO C 328 28.42 14.82 -3.68
C PRO C 328 27.65 13.90 -4.62
N THR C 329 26.63 14.47 -5.29
CA THR C 329 25.70 13.72 -6.12
C THR C 329 25.22 14.55 -7.32
N ALA C 330 24.94 13.84 -8.43
CA ALA C 330 24.46 14.42 -9.67
C ALA C 330 23.08 13.83 -9.97
N TRP C 331 22.05 14.68 -10.02
CA TRP C 331 20.65 14.24 -10.02
C TRP C 331 20.04 14.25 -11.41
N ASP C 332 19.25 13.22 -11.70
CA ASP C 332 18.38 13.17 -12.88
C ASP C 332 16.95 12.95 -12.35
N LEU C 333 16.31 14.06 -11.94
CA LEU C 333 15.02 13.96 -11.26
C LEU C 333 13.91 13.52 -12.17
N GLY C 334 14.09 13.65 -13.48
CA GLY C 334 13.04 13.42 -14.44
C GLY C 334 12.66 14.71 -15.13
N LYS C 335 11.82 14.54 -16.15
CA LYS C 335 11.28 15.61 -16.98
C LYS C 335 12.28 16.74 -17.23
N GLY C 336 13.48 16.39 -17.70
CA GLY C 336 14.45 17.38 -18.11
C GLY C 336 15.08 18.16 -16.99
N ASP C 337 14.86 17.75 -15.72
CA ASP C 337 15.33 18.46 -14.54
C ASP C 337 16.66 17.88 -14.08
N PHE C 338 17.73 18.66 -14.28
CA PHE C 338 19.09 18.24 -13.98
C PHE C 338 19.70 19.18 -12.95
N ARG C 339 20.30 18.61 -11.92
CA ARG C 339 20.83 19.34 -10.77
C ARG C 339 22.07 18.62 -10.25
N ILE C 340 22.99 19.38 -9.65
CA ILE C 340 24.10 18.81 -8.88
C ILE C 340 23.96 19.26 -7.43
N LEU C 341 24.25 18.36 -6.48
CA LEU C 341 24.27 18.66 -5.05
C LEU C 341 25.63 18.30 -4.49
N MET C 342 26.45 19.33 -4.19
CA MET C 342 27.74 19.11 -3.61
C MET C 342 28.03 20.27 -2.74
N CYS C 343 28.52 20.07 -1.55
CA CYS C 343 28.90 21.18 -0.70
C CYS C 343 30.30 21.60 -1.04
N THR C 344 30.48 22.37 -2.11
CA THR C 344 31.80 22.69 -2.62
C THR C 344 32.78 23.48 -1.83
N LYS C 345 33.97 22.92 -1.61
CA LYS C 345 35.05 23.67 -1.01
C LYS C 345 35.97 24.20 -2.11
N VAL C 346 36.86 25.13 -1.76
CA VAL C 346 37.86 25.63 -2.73
C VAL C 346 39.10 24.75 -2.56
N THR C 347 39.04 23.55 -3.15
CA THR C 347 40.17 22.63 -3.14
C THR C 347 40.35 22.11 -4.54
N MET C 348 41.46 21.38 -4.78
CA MET C 348 41.56 20.75 -6.10
C MET C 348 40.70 19.51 -6.17
N ASP C 349 40.63 18.70 -5.10
CA ASP C 349 39.69 17.56 -5.12
C ASP C 349 38.28 18.00 -5.47
N ASP C 350 37.80 19.06 -4.82
CA ASP C 350 36.50 19.58 -5.19
C ASP C 350 36.51 20.15 -6.60
N PHE C 351 37.66 20.64 -7.08
CA PHE C 351 37.70 21.13 -8.45
C PHE C 351 37.50 19.99 -9.44
N LEU C 352 38.23 18.89 -9.25
CA LEU C 352 38.08 17.76 -10.18
C LEU C 352 36.71 17.11 -10.01
N THR C 353 36.23 16.98 -8.77
CA THR C 353 34.93 16.37 -8.50
C THR C 353 33.79 17.07 -9.24
N ALA C 354 33.86 18.40 -9.34
CA ALA C 354 32.87 19.11 -10.13
C ALA C 354 32.86 18.60 -11.58
N HIS C 355 34.03 18.58 -12.24
CA HIS C 355 34.13 18.02 -13.59
C HIS C 355 33.61 16.60 -13.65
N HIS C 356 33.92 15.78 -12.64
CA HIS C 356 33.37 14.44 -12.54
C HIS C 356 31.86 14.46 -12.39
N GLU C 357 31.33 15.19 -11.41
CA GLU C 357 29.89 15.16 -11.23
C GLU C 357 29.19 15.74 -12.43
N MET C 358 29.75 16.78 -13.04
CA MET C 358 29.08 17.30 -14.22
C MET C 358 29.17 16.30 -15.35
N GLY C 359 30.09 15.34 -15.26
CA GLY C 359 30.08 14.22 -16.19
C GLY C 359 28.82 13.39 -16.05
N HIS C 360 28.53 12.94 -14.84
CA HIS C 360 27.28 12.21 -14.65
C HIS C 360 26.11 12.98 -15.24
N ILE C 361 26.05 14.30 -15.01
CA ILE C 361 24.94 15.10 -15.53
C ILE C 361 24.93 15.10 -17.06
N GLN C 362 26.09 15.36 -17.66
CA GLN C 362 26.20 15.55 -19.09
C GLN C 362 25.89 14.26 -19.83
N TYR C 363 26.01 13.13 -19.14
CA TYR C 363 25.68 11.83 -19.69
C TYR C 363 24.19 11.57 -19.52
N ASP C 364 23.64 11.94 -18.35
CA ASP C 364 22.20 11.81 -18.11
C ASP C 364 21.41 12.55 -19.16
N MET C 365 21.96 13.68 -19.65
CA MET C 365 21.27 14.49 -20.64
C MET C 365 21.23 13.80 -21.97
N ALA C 366 22.24 12.98 -22.28
CA ALA C 366 22.38 12.45 -23.64
C ALA C 366 21.37 11.32 -23.90
N TYR C 367 21.18 10.42 -22.95
CA TYR C 367 20.21 9.36 -23.12
C TYR C 367 18.80 9.74 -22.61
N ALA C 368 18.48 11.03 -22.53
CA ALA C 368 17.13 11.36 -22.13
C ALA C 368 16.14 11.00 -23.22
N ALA C 369 16.60 11.03 -24.48
CA ALA C 369 15.75 10.67 -25.60
C ALA C 369 15.42 9.17 -25.64
N GLN C 370 16.20 8.31 -25.00
CA GLN C 370 15.83 6.90 -24.88
C GLN C 370 14.58 6.74 -24.03
N PRO C 371 13.87 5.60 -24.16
CA PRO C 371 12.66 5.37 -23.36
C PRO C 371 13.00 5.28 -21.88
N PHE C 372 12.02 5.57 -21.03
CA PHE C 372 12.24 5.62 -19.59
C PHE C 372 13.21 4.55 -19.10
N LEU C 373 12.85 3.27 -19.30
CA LEU C 373 13.59 2.13 -18.74
C LEU C 373 14.99 1.96 -19.32
N LEU C 374 15.36 2.73 -20.34
CA LEU C 374 16.70 2.67 -20.92
C LEU C 374 17.51 3.92 -20.63
N ARG C 375 16.97 4.86 -19.85
CA ARG C 375 17.68 6.09 -19.50
C ARG C 375 18.63 5.79 -18.34
N ASN C 376 19.80 5.27 -18.70
CA ASN C 376 20.61 4.64 -17.68
C ASN C 376 21.99 4.38 -18.28
N GLY C 377 22.98 4.15 -17.40
CA GLY C 377 24.33 3.88 -17.85
C GLY C 377 24.50 2.46 -18.40
N ALA C 378 25.50 2.30 -19.28
CA ALA C 378 25.65 1.04 -20.00
C ALA C 378 25.94 -0.12 -19.04
N ASN C 379 26.76 0.13 -18.02
CA ASN C 379 26.78 -0.66 -16.79
C ASN C 379 27.10 0.29 -15.63
N GLU C 380 27.21 -0.28 -14.42
CA GLU C 380 27.35 0.53 -13.21
C GLU C 380 28.66 1.29 -13.17
N GLY C 381 29.53 1.04 -14.15
CA GLY C 381 30.85 1.61 -14.18
C GLY C 381 30.90 2.78 -15.13
N PHE C 382 29.91 2.89 -16.01
CA PHE C 382 30.08 3.86 -17.09
C PHE C 382 29.94 5.28 -16.58
N HIS C 383 28.88 5.59 -15.80
CA HIS C 383 28.83 6.92 -15.20
C HIS C 383 30.12 7.27 -14.50
N GLU C 384 30.55 6.43 -13.55
CA GLU C 384 31.72 6.87 -12.80
C GLU C 384 32.94 7.00 -13.70
N ALA C 385 32.99 6.24 -14.81
CA ALA C 385 34.14 6.40 -15.68
C ALA C 385 34.04 7.67 -16.52
N VAL C 386 32.83 8.02 -16.97
CA VAL C 386 32.68 9.20 -17.83
C VAL C 386 33.14 10.44 -17.10
N GLY C 387 32.77 10.57 -15.83
CA GLY C 387 33.24 11.72 -15.05
C GLY C 387 34.75 11.74 -14.92
N GLU C 388 35.35 10.57 -14.66
CA GLU C 388 36.76 10.48 -14.38
C GLU C 388 37.62 10.89 -15.56
N ILE C 389 37.16 10.63 -16.78
CA ILE C 389 37.95 11.01 -17.95
C ILE C 389 37.89 12.50 -18.16
N MET C 390 36.93 13.18 -17.55
CA MET C 390 36.98 14.64 -17.50
C MET C 390 38.09 15.09 -16.57
N SER C 391 38.05 14.65 -15.32
CA SER C 391 39.06 15.05 -14.37
C SER C 391 40.44 14.50 -14.72
N LEU C 392 40.52 13.58 -15.66
CA LEU C 392 41.83 13.28 -16.24
C LEU C 392 42.35 14.49 -17.03
N SER C 393 41.59 14.95 -18.02
CA SER C 393 42.07 16.05 -18.85
C SER C 393 42.16 17.33 -18.04
N ALA C 394 41.23 17.52 -17.13
CA ALA C 394 41.18 18.75 -16.39
C ALA C 394 42.27 18.82 -15.34
N ALA C 395 42.92 17.71 -15.03
CA ALA C 395 43.97 17.73 -14.02
C ALA C 395 45.34 18.06 -14.58
N THR C 396 45.52 17.99 -15.89
CA THR C 396 46.85 18.09 -16.49
C THR C 396 47.39 19.51 -16.35
N PRO C 397 48.69 19.67 -16.07
CA PRO C 397 49.29 21.02 -16.01
C PRO C 397 49.12 21.82 -17.28
N LYS C 398 49.09 21.16 -18.42
CA LYS C 398 48.75 21.84 -19.66
C LYS C 398 47.34 22.43 -19.65
N HIS C 399 46.43 21.86 -18.85
CA HIS C 399 45.11 22.47 -18.71
C HIS C 399 45.08 23.48 -17.60
N LEU C 400 45.90 23.26 -16.59
CA LEU C 400 45.86 24.11 -15.42
C LEU C 400 46.40 25.50 -15.74
N LYS C 401 47.38 25.61 -16.64
CA LYS C 401 47.68 26.96 -17.07
C LYS C 401 46.75 27.46 -18.15
N SER C 402 46.08 26.55 -18.86
CA SER C 402 45.02 26.97 -19.78
C SER C 402 43.98 27.83 -19.06
N ILE C 403 43.68 27.52 -17.80
CA ILE C 403 42.69 28.28 -17.05
C ILE C 403 43.32 29.12 -15.95
N GLY C 404 44.64 29.17 -15.88
CA GLY C 404 45.29 30.17 -15.08
C GLY C 404 45.51 29.84 -13.62
N LEU C 405 45.38 28.57 -13.24
CA LEU C 405 45.74 28.18 -11.88
C LEU C 405 47.24 27.94 -11.75
N LEU C 406 47.90 27.60 -12.85
CA LEU C 406 49.35 27.78 -12.95
C LEU C 406 49.65 29.02 -13.80
N SER C 407 50.80 29.63 -13.53
CA SER C 407 51.22 30.74 -14.36
C SER C 407 51.36 30.28 -15.82
N PRO C 408 51.09 31.18 -16.77
CA PRO C 408 51.37 30.85 -18.17
C PRO C 408 52.86 30.57 -18.44
N ASP C 409 53.76 31.18 -17.69
CA ASP C 409 55.19 30.93 -17.86
C ASP C 409 55.64 29.77 -16.98
N PHE C 410 54.92 28.65 -17.07
CA PHE C 410 55.20 27.44 -16.28
C PHE C 410 55.86 26.42 -17.20
N GLN C 411 57.15 26.17 -17.02
CA GLN C 411 57.83 25.27 -17.95
C GLN C 411 57.67 23.84 -17.48
N GLU C 412 57.02 23.03 -18.29
CA GLU C 412 56.88 21.62 -18.02
C GLU C 412 58.20 20.94 -18.36
N ASP C 413 58.74 20.20 -17.40
CA ASP C 413 59.95 19.42 -17.61
C ASP C 413 59.72 18.01 -17.10
N ASN C 414 60.83 17.27 -16.93
CA ASN C 414 60.75 15.87 -16.54
C ASN C 414 60.24 15.73 -15.13
N GLU C 415 60.61 16.68 -14.27
CA GLU C 415 60.20 16.68 -12.87
C GLU C 415 58.73 17.04 -12.70
N THR C 416 58.19 17.97 -13.50
CA THR C 416 56.77 18.24 -13.33
C THR C 416 55.93 17.04 -13.75
N GLU C 417 56.35 16.30 -14.78
CA GLU C 417 55.72 15.03 -15.12
C GLU C 417 55.60 14.11 -13.91
N ILE C 418 56.76 13.80 -13.30
CA ILE C 418 56.78 12.83 -12.21
C ILE C 418 55.94 13.33 -11.04
N ASN C 419 56.01 14.63 -10.74
CA ASN C 419 55.13 15.20 -9.74
C ASN C 419 53.68 14.88 -10.10
N PHE C 420 53.29 15.25 -11.34
CA PHE C 420 51.89 15.11 -11.70
C PHE C 420 51.49 13.63 -11.81
N LEU C 421 52.36 12.80 -12.35
CA LEU C 421 51.99 11.40 -12.40
C LEU C 421 51.88 10.82 -10.99
N LEU C 422 52.74 11.25 -10.06
CA LEU C 422 52.67 10.67 -8.73
C LEU C 422 51.39 11.05 -8.01
N LYS C 423 51.01 12.34 -8.06
CA LYS C 423 49.69 12.71 -7.56
C LYS C 423 48.61 11.79 -8.13
N GLN C 424 48.58 11.59 -9.45
CA GLN C 424 47.54 10.75 -10.02
C GLN C 424 47.61 9.32 -9.49
N ALA C 425 48.83 8.82 -9.27
CA ALA C 425 48.95 7.43 -8.83
C ALA C 425 48.45 7.27 -7.41
N LEU C 426 48.67 8.27 -6.56
CA LEU C 426 48.11 8.21 -5.21
C LEU C 426 46.59 8.13 -5.25
N THR C 427 45.97 8.85 -6.19
CA THR C 427 44.53 8.98 -6.29
C THR C 427 43.92 7.85 -7.10
N ILE C 428 44.55 7.48 -8.20
CA ILE C 428 44.00 6.51 -9.13
C ILE C 428 44.50 5.13 -8.72
N VAL C 429 45.82 4.94 -8.78
CA VAL C 429 46.36 3.61 -8.47
C VAL C 429 46.07 3.24 -7.02
N GLY C 430 46.26 4.18 -6.09
CA GLY C 430 46.15 3.85 -4.68
C GLY C 430 44.84 3.18 -4.30
N THR C 431 43.74 3.61 -4.93
CA THR C 431 42.44 3.06 -4.53
C THR C 431 42.29 1.63 -5.05
N LEU C 432 42.92 1.28 -6.19
CA LEU C 432 42.64 -0.01 -6.85
C LEU C 432 42.76 -1.21 -5.93
N PRO C 433 43.89 -1.46 -5.25
CA PRO C 433 43.93 -2.63 -4.35
C PRO C 433 42.98 -2.51 -3.18
N PHE C 434 42.87 -1.31 -2.61
CA PHE C 434 41.94 -1.07 -1.49
C PHE C 434 40.52 -1.39 -1.88
N THR C 435 40.16 -1.08 -3.13
CA THR C 435 38.81 -1.29 -3.64
C THR C 435 38.54 -2.76 -3.91
N TYR C 436 39.36 -3.39 -4.75
CA TYR C 436 39.21 -4.82 -5.02
C TYR C 436 39.11 -5.60 -3.72
N MET C 437 40.02 -5.32 -2.80
CA MET C 437 40.04 -6.04 -1.54
C MET C 437 38.72 -5.88 -0.79
N LEU C 438 38.13 -4.68 -0.79
CA LEU C 438 36.91 -4.50 0.00
C LEU C 438 35.80 -5.39 -0.53
N GLU C 439 35.44 -5.24 -1.82
CA GLU C 439 34.42 -6.13 -2.40
C GLU C 439 34.74 -7.59 -2.19
N LYS C 440 36.02 -7.98 -2.33
CA LYS C 440 36.28 -9.40 -2.25
C LYS C 440 35.97 -9.93 -0.85
N TRP C 441 36.32 -9.19 0.21
CA TRP C 441 35.91 -9.59 1.56
C TRP C 441 34.41 -9.56 1.73
N ARG C 442 33.76 -8.62 1.05
CA ARG C 442 32.32 -8.53 1.02
C ARG C 442 31.69 -9.66 0.22
N TRP C 443 32.28 -10.00 -0.92
CA TRP C 443 31.78 -11.13 -1.71
C TRP C 443 31.82 -12.45 -0.93
N MET C 444 32.93 -12.72 -0.24
CA MET C 444 33.11 -13.96 0.47
C MET C 444 32.19 -14.08 1.69
N VAL C 445 31.71 -12.95 2.23
CA VAL C 445 30.72 -13.01 3.29
C VAL C 445 29.37 -13.44 2.73
N PHE C 446 28.97 -12.84 1.63
CA PHE C 446 27.69 -13.14 1.02
C PHE C 446 27.64 -14.60 0.58
N LYS C 447 28.73 -15.11 -0.01
CA LYS C 447 28.80 -16.50 -0.46
C LYS C 447 28.85 -17.49 0.69
N GLY C 448 29.18 -17.01 1.89
CA GLY C 448 29.21 -17.82 3.08
C GLY C 448 30.55 -18.45 3.40
N GLU C 449 31.65 -17.87 2.91
CA GLU C 449 32.97 -18.44 3.10
C GLU C 449 33.68 -17.84 4.29
N ILE C 450 33.10 -16.82 4.91
CA ILE C 450 33.72 -16.23 6.08
C ILE C 450 32.70 -16.23 7.21
N PRO C 451 32.92 -17.03 8.25
CA PRO C 451 32.00 -17.07 9.40
C PRO C 451 32.05 -15.79 10.24
N LYS C 452 30.90 -15.51 10.89
CA LYS C 452 30.77 -14.29 11.68
C LYS C 452 31.85 -14.16 12.74
N ASP C 453 32.27 -15.28 13.33
CA ASP C 453 33.28 -15.23 14.37
C ASP C 453 34.67 -14.87 13.83
N GLN C 454 34.80 -14.59 12.53
CA GLN C 454 36.09 -14.41 11.86
C GLN C 454 36.05 -13.33 10.78
N TRP C 455 35.07 -12.43 10.82
CA TRP C 455 35.04 -11.31 9.89
C TRP C 455 36.26 -10.41 10.03
N MET C 456 36.49 -9.89 11.24
CA MET C 456 37.58 -8.94 11.44
C MET C 456 38.93 -9.64 11.42
N LYS C 457 38.97 -10.93 11.75
CA LYS C 457 40.19 -11.67 11.49
C LYS C 457 40.55 -11.57 10.01
N LYS C 458 39.66 -12.09 9.14
CA LYS C 458 39.94 -12.14 7.72
C LYS C 458 40.01 -10.77 7.07
N TRP C 459 39.29 -9.78 7.62
CA TRP C 459 39.45 -8.40 7.13
C TRP C 459 40.91 -7.99 7.15
N TRP C 460 41.53 -8.08 8.33
CA TRP C 460 42.87 -7.54 8.45
C TRP C 460 43.91 -8.45 7.84
N GLU C 461 43.65 -9.75 7.79
CA GLU C 461 44.48 -10.61 6.94
C GLU C 461 44.51 -10.07 5.52
N MET C 462 43.36 -9.65 5.00
CA MET C 462 43.26 -9.22 3.61
C MET C 462 43.72 -7.77 3.40
N LYS C 463 43.68 -6.94 4.43
CA LYS C 463 44.37 -5.66 4.36
C LYS C 463 45.87 -5.88 4.18
N ARG C 464 46.41 -6.87 4.89
CA ARG C 464 47.85 -7.01 5.02
C ARG C 464 48.45 -7.65 3.78
N GLU C 465 47.81 -8.68 3.23
CA GLU C 465 48.47 -9.34 2.11
C GLU C 465 48.16 -8.63 0.81
N ILE C 466 46.90 -8.23 0.64
CA ILE C 466 46.45 -7.58 -0.60
C ILE C 466 46.86 -6.12 -0.62
N VAL C 467 46.39 -5.34 0.34
CA VAL C 467 46.64 -3.91 0.31
C VAL C 467 47.98 -3.49 0.94
N GLY C 468 48.66 -4.37 1.68
CA GLY C 468 49.90 -3.95 2.32
C GLY C 468 49.69 -2.95 3.43
N VAL C 469 48.51 -2.96 4.06
CA VAL C 469 48.16 -2.05 5.13
C VAL C 469 47.85 -2.89 6.37
N VAL C 470 48.20 -2.36 7.55
CA VAL C 470 48.06 -3.10 8.79
C VAL C 470 47.34 -2.20 9.77
N GLU C 471 46.63 -2.81 10.73
CA GLU C 471 46.02 -2.04 11.80
C GLU C 471 47.05 -1.69 12.86
N PRO C 472 46.88 -0.57 13.57
CA PRO C 472 47.79 -0.24 14.68
C PRO C 472 47.23 -0.49 16.07
N VAL C 473 46.03 -1.06 16.17
CA VAL C 473 45.36 -1.50 17.39
C VAL C 473 44.64 -2.79 17.08
N PRO C 474 44.79 -3.85 17.87
CA PRO C 474 44.20 -5.14 17.49
C PRO C 474 42.68 -5.11 17.62
N HIS C 475 41.99 -5.59 16.58
CA HIS C 475 40.52 -5.54 16.51
C HIS C 475 39.96 -6.95 16.47
N ASP C 476 39.21 -7.30 17.52
CA ASP C 476 38.49 -8.55 17.60
C ASP C 476 37.11 -8.43 16.95
N GLU C 477 36.27 -9.42 17.19
CA GLU C 477 35.03 -9.52 16.44
C GLU C 477 33.99 -8.50 16.87
N THR C 478 34.26 -7.70 17.91
CA THR C 478 33.27 -6.69 18.30
C THR C 478 33.27 -5.50 17.37
N TYR C 479 34.36 -5.28 16.61
CA TYR C 479 34.47 -4.18 15.66
C TYR C 479 33.88 -4.61 14.34
N CYS C 480 33.43 -3.63 13.56
CA CYS C 480 32.99 -3.88 12.20
C CYS C 480 33.57 -2.78 11.30
N ASP C 481 34.89 -2.87 11.08
CA ASP C 481 35.56 -1.87 10.27
C ASP C 481 34.97 -1.71 8.87
N PRO C 482 34.59 -2.76 8.11
CA PRO C 482 33.96 -2.51 6.80
C PRO C 482 32.81 -1.51 6.88
N ALA C 483 31.89 -1.72 7.81
CA ALA C 483 30.71 -0.89 7.91
C ALA C 483 31.01 0.53 8.33
N SER C 484 32.26 0.86 8.67
CA SER C 484 32.57 2.25 9.00
C SER C 484 32.86 3.10 7.76
N LEU C 485 32.73 2.54 6.57
CA LEU C 485 32.80 3.30 5.34
C LEU C 485 31.40 3.43 4.78
N PHE C 486 31.08 4.64 4.28
CA PHE C 486 29.72 4.95 3.84
C PHE C 486 29.20 3.95 2.82
N HIS C 487 29.96 3.67 1.77
CA HIS C 487 29.48 2.77 0.71
C HIS C 487 29.09 1.40 1.27
N VAL C 488 29.65 0.97 2.39
CA VAL C 488 29.38 -0.36 2.91
C VAL C 488 28.03 -0.41 3.59
N SER C 489 27.90 0.37 4.67
CA SER C 489 26.76 0.44 5.57
C SER C 489 25.58 1.13 4.95
N ASN C 490 25.71 1.63 3.72
CA ASN C 490 24.59 2.18 2.95
C ASN C 490 24.27 1.32 1.74
N ASP C 491 24.63 0.04 1.78
CA ASP C 491 24.12 -0.96 0.85
C ASP C 491 24.39 -0.57 -0.60
N TYR C 492 25.60 -0.05 -0.86
CA TYR C 492 26.06 0.33 -2.19
C TYR C 492 27.20 -0.57 -2.65
N SER C 493 27.10 -1.07 -3.88
CA SER C 493 28.19 -1.86 -4.44
C SER C 493 29.42 -0.99 -4.64
N PHE C 494 30.61 -1.57 -4.41
CA PHE C 494 31.85 -0.82 -4.47
C PHE C 494 32.74 -1.21 -5.63
N ILE C 495 32.47 -2.35 -6.29
CA ILE C 495 33.33 -2.83 -7.37
C ILE C 495 33.30 -1.93 -8.58
N ARG C 496 32.25 -1.12 -8.72
CA ARG C 496 32.20 -0.21 -9.86
C ARG C 496 33.42 0.70 -9.89
N TYR C 497 33.93 1.13 -8.72
CA TYR C 497 35.09 2.00 -8.66
C TYR C 497 36.35 1.34 -9.19
N TYR C 498 36.43 0.00 -9.14
CA TYR C 498 37.55 -0.67 -9.78
C TYR C 498 37.40 -0.65 -11.30
N THR C 499 36.31 -1.26 -11.80
CA THR C 499 36.02 -1.28 -13.23
C THR C 499 36.00 0.12 -13.86
N ARG C 500 35.29 1.06 -13.22
CA ARG C 500 35.40 2.50 -13.49
C ARG C 500 36.78 2.96 -13.89
N THR C 501 37.79 2.56 -13.12
CA THR C 501 39.12 3.11 -13.30
C THR C 501 39.82 2.51 -14.51
N LEU C 502 39.49 1.26 -14.87
CA LEU C 502 40.06 0.74 -16.11
C LEU C 502 39.39 1.33 -17.33
N TYR C 503 38.04 1.25 -17.41
CA TYR C 503 37.33 1.89 -18.53
C TYR C 503 37.83 3.30 -18.76
N GLN C 504 38.15 3.99 -17.65
CA GLN C 504 38.54 5.40 -17.63
C GLN C 504 39.60 5.69 -18.65
N PHE C 505 40.63 4.86 -18.68
CA PHE C 505 41.79 5.05 -19.54
C PHE C 505 41.59 4.51 -20.95
N GLN C 506 40.90 3.36 -21.09
CA GLN C 506 40.56 2.88 -22.41
C GLN C 506 39.80 3.94 -23.18
N PHE C 507 38.76 4.50 -22.56
CA PHE C 507 38.05 5.64 -23.14
C PHE C 507 38.99 6.81 -23.43
N GLN C 508 39.87 7.13 -22.47
CA GLN C 508 40.76 8.28 -22.65
C GLN C 508 41.68 8.09 -23.83
N GLU C 509 42.19 6.90 -24.08
CA GLU C 509 43.04 6.69 -25.24
C GLU C 509 42.36 6.89 -26.53
N ALA C 510 41.10 6.51 -26.62
CA ALA C 510 40.40 6.58 -27.87
C ALA C 510 39.91 7.92 -28.24
N LEU C 511 39.69 8.75 -27.26
CA LEU C 511 39.20 10.07 -27.52
C LEU C 511 40.37 10.97 -27.77
N CYS C 512 41.51 10.60 -27.26
CA CYS C 512 42.67 11.38 -27.54
C CYS C 512 43.24 10.93 -28.86
N GLN C 513 42.72 9.87 -29.42
CA GLN C 513 43.18 9.42 -30.71
C GLN C 513 42.34 10.06 -31.73
N ALA C 514 41.34 10.80 -31.30
CA ALA C 514 40.45 11.42 -32.20
C ALA C 514 40.67 12.89 -32.16
N ALA C 515 41.44 13.34 -31.20
CA ALA C 515 41.76 14.74 -31.12
C ALA C 515 43.08 14.85 -31.74
N LYS C 516 43.66 13.72 -32.10
CA LYS C 516 44.94 13.69 -32.76
C LYS C 516 45.97 14.40 -31.96
N HIS C 517 46.35 13.81 -30.84
CA HIS C 517 47.35 14.40 -29.97
C HIS C 517 48.51 13.50 -30.20
N GLU C 518 49.68 14.08 -30.34
CA GLU C 518 50.80 13.26 -30.68
C GLU C 518 51.75 13.29 -29.56
N GLY C 519 51.31 12.85 -28.42
CA GLY C 519 52.16 12.83 -27.28
C GLY C 519 51.82 11.62 -26.48
N PRO C 520 52.04 11.70 -25.20
CA PRO C 520 51.74 10.59 -24.33
C PRO C 520 50.38 10.77 -23.69
N LEU C 521 49.73 9.72 -23.20
CA LEU C 521 48.37 9.85 -22.69
C LEU C 521 48.24 10.79 -21.58
N HIS C 522 49.29 10.93 -20.81
CA HIS C 522 49.23 11.76 -19.64
C HIS C 522 49.34 13.18 -19.95
N LYS C 523 49.48 13.56 -21.18
CA LYS C 523 49.62 14.91 -21.59
C LYS C 523 48.43 15.29 -22.42
N CYS C 524 47.38 14.56 -22.38
CA CYS C 524 46.14 14.82 -23.15
C CYS C 524 45.10 15.68 -22.50
N ASP C 525 44.40 16.50 -23.29
CA ASP C 525 43.38 17.40 -22.80
C ASP C 525 42.44 17.52 -23.96
N ILE C 526 41.31 16.73 -23.96
CA ILE C 526 40.31 16.72 -25.04
C ILE C 526 39.60 18.07 -25.13
N SER C 527 40.10 19.05 -24.38
CA SER C 527 39.51 20.37 -24.43
C SER C 527 39.63 20.95 -25.84
N ASN C 528 38.64 21.77 -26.21
CA ASN C 528 38.56 22.47 -27.49
C ASN C 528 38.49 21.47 -28.68
N SER C 529 38.13 20.19 -28.43
CA SER C 529 38.10 19.10 -29.42
C SER C 529 36.71 18.57 -29.76
N THR C 530 36.01 19.23 -30.69
CA THR C 530 34.67 18.78 -31.05
C THR C 530 34.66 17.37 -31.62
N GLU C 531 35.79 16.85 -32.12
CA GLU C 531 35.82 15.50 -32.69
C GLU C 531 35.75 14.45 -31.59
N ALA C 532 36.58 14.62 -30.56
CA ALA C 532 36.55 13.75 -29.38
C ALA C 532 35.24 13.90 -28.61
N GLY C 533 34.60 15.07 -28.68
CA GLY C 533 33.29 15.20 -28.09
C GLY C 533 32.27 14.29 -28.74
N GLN C 534 32.25 14.25 -30.09
CA GLN C 534 31.23 13.49 -30.79
C GLN C 534 31.40 12.01 -30.57
N LYS C 535 32.63 11.51 -30.73
CA LYS C 535 32.87 10.09 -30.54
C LYS C 535 32.40 9.65 -29.15
N LEU C 536 32.57 10.52 -28.14
CA LEU C 536 32.03 10.26 -26.81
C LEU C 536 30.50 10.27 -26.81
N PHE C 537 29.91 11.29 -27.44
CA PHE C 537 28.46 11.45 -27.40
C PHE C 537 27.77 10.30 -28.09
N ASN C 538 28.33 9.83 -29.19
CA ASN C 538 27.72 8.70 -29.86
C ASN C 538 27.67 7.47 -28.96
N MET C 539 28.42 7.46 -27.85
CA MET C 539 28.28 6.41 -26.86
C MET C 539 27.44 6.82 -25.67
N LEU C 540 27.52 8.09 -25.27
CA LEU C 540 26.71 8.54 -24.14
C LEU C 540 25.22 8.34 -24.43
N ARG C 541 24.81 8.66 -25.66
CA ARG C 541 23.40 8.71 -26.04
C ARG C 541 22.72 7.34 -26.01
N LEU C 542 23.47 6.24 -26.05
CA LEU C 542 22.85 4.93 -26.17
C LEU C 542 22.16 4.48 -24.88
N GLY C 543 22.43 5.15 -23.77
CA GLY C 543 21.77 4.76 -22.53
C GLY C 543 22.24 3.38 -22.15
N LYS C 544 21.28 2.50 -21.88
CA LYS C 544 21.58 1.08 -21.83
C LYS C 544 20.78 0.33 -22.90
N SER C 545 20.63 0.94 -24.07
CA SER C 545 19.97 0.26 -25.19
C SER C 545 20.85 -0.82 -25.77
N GLU C 546 22.18 -0.62 -25.71
CA GLU C 546 23.26 -1.47 -26.18
C GLU C 546 23.84 -2.22 -24.98
N PRO C 547 24.31 -3.45 -25.15
CA PRO C 547 24.97 -4.14 -24.04
C PRO C 547 26.29 -3.46 -23.75
N TRP C 548 26.65 -3.43 -22.46
CA TRP C 548 27.87 -2.71 -22.06
C TRP C 548 29.10 -3.19 -22.80
N THR C 549 29.15 -4.48 -23.15
CA THR C 549 30.29 -5.01 -23.91
C THR C 549 30.34 -4.47 -25.33
N LEU C 550 29.19 -4.15 -25.92
CA LEU C 550 29.24 -3.53 -27.23
C LEU C 550 29.41 -2.03 -27.11
N ALA C 551 28.74 -1.41 -26.15
CA ALA C 551 28.92 0.02 -25.98
C ALA C 551 30.38 0.34 -25.77
N LEU C 552 31.11 -0.57 -25.12
CA LEU C 552 32.55 -0.39 -24.97
C LEU C 552 33.26 -0.57 -26.30
N GLU C 553 32.92 -1.63 -27.06
CA GLU C 553 33.49 -1.83 -28.39
C GLU C 553 33.27 -0.63 -29.29
N ASN C 554 32.10 -0.01 -29.18
CA ASN C 554 31.75 1.14 -30.00
C ASN C 554 32.76 2.28 -29.87
N VAL C 555 33.49 2.35 -28.74
CA VAL C 555 34.38 3.47 -28.45
C VAL C 555 35.85 3.07 -28.59
N VAL C 556 36.29 2.07 -27.83
CA VAL C 556 37.70 1.68 -27.77
C VAL C 556 38.03 0.57 -28.76
N GLY C 557 37.16 -0.43 -28.89
CA GLY C 557 37.42 -1.54 -29.76
C GLY C 557 37.63 -2.84 -29.06
N ALA C 558 37.29 -2.92 -27.78
CA ALA C 558 37.31 -4.17 -27.02
C ALA C 558 35.93 -4.43 -26.43
N LYS C 559 35.78 -5.58 -25.78
CA LYS C 559 34.50 -5.88 -25.14
C LYS C 559 34.66 -6.28 -23.69
N ASN C 560 35.83 -6.09 -23.10
CA ASN C 560 36.05 -6.34 -21.68
C ASN C 560 37.04 -5.29 -21.18
N MET C 561 37.35 -5.35 -19.89
CA MET C 561 38.40 -4.51 -19.33
C MET C 561 39.76 -4.81 -19.96
N ASN C 562 40.71 -3.94 -19.65
CA ASN C 562 42.06 -4.05 -20.18
C ASN C 562 42.98 -3.17 -19.35
N VAL C 563 43.96 -3.75 -18.67
CA VAL C 563 44.86 -2.89 -17.92
C VAL C 563 45.85 -2.16 -18.80
N ARG C 564 45.83 -2.43 -20.11
CA ARG C 564 46.88 -1.91 -20.99
C ARG C 564 46.93 -0.41 -21.05
N PRO C 565 45.84 0.33 -21.30
CA PRO C 565 45.94 1.80 -21.26
C PRO C 565 46.34 2.32 -19.90
N LEU C 566 45.93 1.65 -18.82
CA LEU C 566 46.19 2.19 -17.48
C LEU C 566 47.67 2.12 -17.15
N LEU C 567 48.25 0.93 -17.28
CA LEU C 567 49.66 0.76 -16.96
C LEU C 567 50.51 1.56 -17.93
N ASN C 568 50.01 1.73 -19.14
CA ASN C 568 50.63 2.63 -20.11
C ASN C 568 50.59 4.08 -19.63
N TYR C 569 49.46 4.52 -19.08
CA TYR C 569 49.40 5.88 -18.54
C TYR C 569 50.56 6.15 -17.60
N PHE C 570 50.81 5.21 -16.70
CA PHE C 570 51.70 5.41 -15.57
C PHE C 570 53.12 4.92 -15.80
N GLU C 571 53.44 4.50 -17.02
CA GLU C 571 54.81 4.03 -17.27
C GLU C 571 55.87 5.06 -16.89
N PRO C 572 55.79 6.33 -17.31
CA PRO C 572 56.83 7.28 -16.91
C PRO C 572 57.00 7.40 -15.43
N LEU C 573 55.97 7.03 -14.65
CA LEU C 573 56.13 6.95 -13.20
C LEU C 573 56.62 5.58 -12.81
N PHE C 574 56.17 4.54 -13.50
CA PHE C 574 56.59 3.20 -13.13
C PHE C 574 58.08 3.07 -13.24
N THR C 575 58.66 3.55 -14.35
CA THR C 575 60.09 3.35 -14.48
C THR C 575 60.84 4.23 -13.46
N TRP C 576 60.30 5.39 -13.14
CA TRP C 576 60.97 6.27 -12.19
C TRP C 576 60.90 5.75 -10.75
N LEU C 577 59.72 5.25 -10.32
CA LEU C 577 59.59 4.63 -9.00
C LEU C 577 60.59 3.51 -8.81
N LYS C 578 60.80 2.72 -9.87
CA LYS C 578 61.73 1.61 -9.82
C LYS C 578 63.14 2.08 -9.39
N ASP C 579 63.69 3.06 -10.09
CA ASP C 579 64.92 3.72 -9.68
C ASP C 579 64.87 4.16 -8.22
N GLN C 580 63.76 4.80 -7.82
CA GLN C 580 63.75 5.39 -6.48
C GLN C 580 63.81 4.36 -5.37
N ASN C 581 63.67 3.08 -5.72
CA ASN C 581 63.64 1.99 -4.74
C ASN C 581 64.89 1.11 -4.78
N LYS C 582 65.94 1.53 -5.49
CA LYS C 582 67.15 0.71 -5.46
C LYS C 582 67.73 0.66 -4.06
N ASN C 583 67.40 1.61 -3.20
CA ASN C 583 67.85 1.58 -1.82
C ASN C 583 66.69 1.51 -0.86
N SER C 584 65.71 0.68 -1.22
CA SER C 584 64.53 0.47 -0.41
C SER C 584 64.22 -1.02 -0.47
N PHE C 585 63.38 -1.47 0.44
CA PHE C 585 62.75 -2.76 0.23
C PHE C 585 61.53 -2.57 -0.65
N VAL C 586 61.23 -3.53 -1.53
CA VAL C 586 59.98 -3.52 -2.26
C VAL C 586 59.17 -4.73 -1.87
N GLY C 587 57.92 -4.50 -1.49
CA GLY C 587 57.07 -5.53 -0.95
C GLY C 587 56.78 -5.27 0.52
N TRP C 588 56.13 -6.25 1.16
CA TRP C 588 55.78 -6.05 2.55
C TRP C 588 55.64 -7.38 3.26
N SER C 589 55.93 -7.35 4.56
CA SER C 589 55.77 -8.49 5.45
C SER C 589 54.42 -8.44 6.13
N THR C 590 53.59 -9.46 5.92
CA THR C 590 52.26 -9.46 6.53
C THR C 590 52.34 -9.34 8.05
N ASP C 591 53.11 -10.21 8.71
CA ASP C 591 52.99 -10.29 10.17
C ASP C 591 53.91 -9.32 10.94
N TRP C 592 53.86 -8.03 10.58
CA TRP C 592 54.33 -6.94 11.43
C TRP C 592 53.13 -6.13 11.88
N SER C 593 53.25 -5.42 13.01
CA SER C 593 52.17 -4.55 13.43
C SER C 593 52.66 -3.58 14.49
N PRO C 594 52.17 -2.30 14.51
CA PRO C 594 52.75 -1.29 15.42
C PRO C 594 52.48 -1.52 16.90
N TYR C 595 52.08 -2.74 17.28
CA TYR C 595 51.66 -3.01 18.65
C TYR C 595 52.20 -4.35 19.19
N ALA C 596 52.49 -5.29 18.29
CA ALA C 596 53.02 -6.60 18.67
C ALA C 596 54.54 -6.57 18.66
N ASP C 597 55.16 -7.28 19.60
CA ASP C 597 56.60 -7.25 19.77
C ASP C 597 57.24 -8.62 19.58
N ASN D 2 -15.59 47.32 -36.89
CA ASN D 2 -15.48 45.85 -36.91
C ASN D 2 -14.06 45.38 -37.18
N LEU D 3 -13.31 45.09 -36.11
CA LEU D 3 -11.92 44.70 -36.19
C LEU D 3 -11.73 43.29 -35.64
N CYS D 4 -10.83 42.51 -36.24
CA CYS D 4 -10.66 41.09 -35.86
C CYS D 4 -10.25 40.80 -34.45
N PRO D 5 -10.82 39.73 -33.85
CA PRO D 5 -10.58 39.43 -32.44
C PRO D 5 -9.37 38.63 -31.99
N PHE D 6 -8.20 38.81 -32.59
CA PHE D 6 -7.04 38.06 -32.23
C PHE D 6 -6.66 38.23 -30.79
N GLY D 7 -6.68 39.43 -30.28
CA GLY D 7 -6.27 39.61 -28.90
C GLY D 7 -7.00 38.71 -27.93
N GLU D 8 -8.23 38.31 -28.26
CA GLU D 8 -8.98 37.38 -27.43
C GLU D 8 -8.69 35.93 -27.77
N VAL D 9 -7.88 35.65 -28.79
CA VAL D 9 -7.39 34.30 -29.06
C VAL D 9 -6.01 34.07 -28.46
N PHE D 10 -5.17 35.10 -28.46
CA PHE D 10 -3.80 35.02 -27.96
C PHE D 10 -3.68 35.43 -26.48
N ASN D 11 -4.10 36.66 -26.16
CA ASN D 11 -4.19 37.11 -24.78
C ASN D 11 -5.31 36.35 -23.97
N ALA D 12 -6.01 35.40 -24.61
CA ALA D 12 -6.96 34.52 -23.91
C ALA D 12 -6.36 33.92 -22.65
N SER D 13 -7.15 33.95 -21.58
CA SER D 13 -6.73 33.51 -20.25
C SER D 13 -6.67 31.98 -20.08
N LYS D 14 -7.45 31.21 -20.83
CA LYS D 14 -7.42 29.76 -20.75
C LYS D 14 -7.31 29.16 -22.16
N PHE D 15 -6.51 28.11 -22.29
CA PHE D 15 -6.51 27.34 -23.53
C PHE D 15 -6.99 25.93 -23.30
N ALA D 16 -7.21 25.23 -24.41
CA ALA D 16 -7.83 23.92 -24.45
C ALA D 16 -6.78 22.83 -24.44
N SER D 17 -7.12 21.69 -23.86
CA SER D 17 -6.24 20.53 -24.00
C SER D 17 -6.13 20.17 -25.48
N VAL D 18 -4.96 19.70 -25.88
CA VAL D 18 -4.72 19.54 -27.32
C VAL D 18 -5.66 18.52 -27.95
N TYR D 19 -6.10 17.49 -27.22
CA TYR D 19 -6.97 16.50 -27.86
C TYR D 19 -8.29 17.12 -28.27
N ALA D 20 -8.77 18.08 -27.47
CA ALA D 20 -9.96 18.85 -27.77
C ALA D 20 -9.58 20.30 -28.09
N TRP D 21 -8.65 20.47 -29.04
CA TRP D 21 -8.22 21.80 -29.48
C TRP D 21 -9.40 22.67 -29.85
N ASN D 22 -9.23 23.96 -29.64
CA ASN D 22 -10.29 24.91 -29.91
C ASN D 22 -10.20 25.43 -31.35
N ARG D 23 -11.33 25.99 -31.82
CA ARG D 23 -11.41 26.58 -33.15
C ARG D 23 -12.30 27.82 -33.10
N LYS D 24 -11.74 28.94 -33.54
CA LYS D 24 -12.44 30.20 -33.76
C LYS D 24 -12.50 30.44 -35.26
N ARG D 25 -13.53 31.17 -35.70
CA ARG D 25 -13.66 31.60 -37.09
C ARG D 25 -13.55 33.12 -37.19
N ILE D 26 -12.64 33.58 -38.05
CA ILE D 26 -12.35 34.99 -38.24
C ILE D 26 -13.07 35.42 -39.51
N SER D 27 -14.27 36.13 -39.39
CA SER D 27 -15.10 36.51 -40.51
C SER D 27 -15.61 37.91 -40.36
N ASN D 28 -15.85 38.58 -41.48
CA ASN D 28 -16.39 39.93 -41.48
C ASN D 28 -15.62 40.88 -40.60
N CYS D 29 -14.32 40.98 -40.84
CA CYS D 29 -13.51 41.84 -40.01
C CYS D 29 -12.25 42.46 -40.61
N VAL D 30 -11.92 43.67 -40.17
CA VAL D 30 -10.69 44.32 -40.62
C VAL D 30 -9.52 43.64 -39.93
N ALA D 31 -8.56 43.03 -40.67
CA ALA D 31 -7.42 42.30 -40.13
C ALA D 31 -6.35 43.23 -39.59
N ASP D 32 -5.63 42.84 -38.55
CA ASP D 32 -4.49 43.62 -38.10
C ASP D 32 -3.52 42.59 -37.71
N TYR D 33 -2.42 42.47 -38.44
CA TYR D 33 -1.47 41.41 -38.18
C TYR D 33 -0.19 41.97 -37.63
N SER D 34 -0.23 43.21 -37.16
CA SER D 34 0.97 43.82 -36.68
C SER D 34 1.13 43.48 -35.26
N VAL D 35 0.05 43.02 -34.65
CA VAL D 35 0.10 42.66 -33.27
C VAL D 35 0.66 41.28 -33.12
N LEU D 36 0.82 40.58 -34.23
CA LEU D 36 1.29 39.23 -34.16
C LEU D 36 2.68 39.18 -34.65
N TYR D 37 3.19 40.32 -35.07
CA TYR D 37 4.58 40.32 -35.45
C TYR D 37 5.43 41.21 -34.61
N ASN D 38 6.70 40.82 -34.47
CA ASN D 38 7.65 41.57 -33.67
C ASN D 38 7.03 41.86 -32.35
N SER D 39 6.57 40.80 -31.71
CA SER D 39 6.04 40.97 -30.39
C SER D 39 6.86 40.08 -29.59
N THR D 40 7.99 39.62 -30.15
CA THR D 40 8.83 38.63 -29.49
C THR D 40 7.93 37.63 -28.85
N SER D 41 8.16 37.24 -27.61
CA SER D 41 7.26 36.35 -26.92
C SER D 41 6.76 35.20 -27.71
N PHE D 42 7.49 34.73 -28.68
CA PHE D 42 7.05 33.67 -29.53
C PHE D 42 8.27 32.84 -29.60
N SER D 43 8.10 31.54 -29.71
CA SER D 43 9.21 30.65 -29.73
C SER D 43 9.05 29.86 -30.97
N THR D 44 7.91 30.00 -31.62
CA THR D 44 7.76 29.30 -32.86
C THR D 44 6.82 30.13 -33.64
N PHE D 45 7.32 30.83 -34.65
CA PHE D 45 6.44 31.58 -35.52
C PHE D 45 6.90 31.08 -36.87
N LYS D 46 6.30 30.01 -37.34
CA LYS D 46 6.67 29.47 -38.65
C LYS D 46 5.47 29.51 -39.56
N CYS D 47 5.64 29.98 -40.78
CA CYS D 47 4.52 30.15 -41.65
C CYS D 47 4.76 29.32 -42.86
N TYR D 48 3.75 28.59 -43.30
CA TYR D 48 3.95 27.70 -44.39
C TYR D 48 2.96 28.08 -45.45
N GLY D 49 3.45 28.34 -46.65
CA GLY D 49 2.58 28.73 -47.75
C GLY D 49 2.42 30.23 -47.91
N VAL D 50 2.19 31.06 -46.76
CA VAL D 50 1.97 32.47 -46.85
C VAL D 50 3.15 33.26 -46.37
N SER D 51 2.99 34.56 -46.29
CA SER D 51 4.10 35.40 -45.93
C SER D 51 3.93 36.06 -44.62
N PRO D 52 4.94 35.95 -43.75
CA PRO D 52 4.88 36.59 -42.45
C PRO D 52 4.45 38.02 -42.55
N THR D 53 4.98 38.80 -43.50
CA THR D 53 4.68 40.22 -43.51
C THR D 53 3.85 40.83 -44.64
N LYS D 54 3.33 40.03 -45.56
CA LYS D 54 2.48 40.63 -46.58
C LYS D 54 1.14 40.09 -46.34
N LEU D 55 0.94 39.51 -45.18
CA LEU D 55 -0.34 38.94 -44.84
C LEU D 55 -1.37 40.01 -44.91
N ASN D 56 -1.01 41.19 -44.47
CA ASN D 56 -1.92 42.31 -44.51
C ASN D 56 -2.51 42.63 -45.87
N ASP D 57 -1.74 42.46 -46.91
CA ASP D 57 -2.21 42.84 -48.20
C ASP D 57 -2.92 41.73 -48.97
N LEU D 58 -3.30 40.65 -48.31
CA LEU D 58 -4.06 39.60 -48.98
C LEU D 58 -5.49 39.50 -48.46
N CYS D 59 -6.42 39.05 -49.30
CA CYS D 59 -7.77 38.85 -48.81
C CYS D 59 -8.04 37.37 -48.76
N PHE D 60 -8.90 36.94 -47.86
CA PHE D 60 -9.19 35.53 -47.71
C PHE D 60 -10.63 35.35 -47.32
N VAL D 63 -10.92 31.71 -42.61
CA VAL D 63 -9.79 31.84 -41.73
C VAL D 63 -10.05 31.27 -40.37
N TYR D 64 -9.31 30.24 -40.00
CA TYR D 64 -9.50 29.57 -38.74
C TYR D 64 -8.37 29.79 -37.76
N ALA D 65 -8.66 29.80 -36.47
CA ALA D 65 -7.66 30.00 -35.44
C ALA D 65 -7.76 28.98 -34.37
N ASP D 66 -6.95 27.94 -34.48
CA ASP D 66 -7.02 26.88 -33.54
C ASP D 66 -6.05 27.07 -32.39
N SER D 67 -6.44 26.69 -31.20
CA SER D 67 -5.64 26.92 -30.01
C SER D 67 -5.60 25.75 -29.07
N PHE D 68 -4.42 25.47 -28.52
CA PHE D 68 -4.24 24.34 -27.63
C PHE D 68 -2.97 24.40 -26.86
N VAL D 69 -2.78 23.50 -25.90
CA VAL D 69 -1.56 23.44 -25.10
C VAL D 69 -0.85 22.13 -25.23
N VAL D 70 0.41 22.17 -25.63
CA VAL D 70 1.19 20.99 -25.85
C VAL D 70 2.46 21.26 -25.09
N LYS D 71 3.39 20.33 -24.99
CA LYS D 71 4.64 20.67 -24.32
C LYS D 71 5.73 20.91 -25.31
N GLY D 72 6.86 21.38 -24.85
CA GLY D 72 7.91 21.75 -25.76
C GLY D 72 8.40 20.82 -26.83
N ASP D 73 8.48 19.54 -26.53
CA ASP D 73 9.02 18.64 -27.50
C ASP D 73 7.95 18.18 -28.38
N GLU D 74 6.86 18.93 -28.47
CA GLU D 74 5.73 18.48 -29.24
C GLU D 74 5.14 19.58 -30.04
N VAL D 75 5.77 20.74 -30.08
CA VAL D 75 5.30 21.86 -30.89
C VAL D 75 5.92 21.74 -32.24
N ARG D 76 6.54 20.62 -32.50
CA ARG D 76 7.23 20.42 -33.73
C ARG D 76 6.36 19.61 -34.57
N GLN D 77 5.41 18.96 -33.95
CA GLN D 77 4.53 18.10 -34.67
C GLN D 77 3.39 18.94 -35.18
N ILE D 78 3.38 20.20 -34.80
CA ILE D 78 2.35 21.10 -35.25
C ILE D 78 2.96 21.76 -36.42
N ALA D 79 3.22 20.99 -37.44
CA ALA D 79 3.79 21.50 -38.64
C ALA D 79 3.45 20.51 -39.72
N PRO D 80 3.34 20.97 -40.95
CA PRO D 80 2.89 20.08 -42.00
C PRO D 80 3.75 18.92 -42.26
N GLY D 81 3.24 17.72 -42.06
CA GLY D 81 4.01 16.54 -42.42
C GLY D 81 4.76 15.76 -41.38
N GLN D 82 4.25 15.71 -40.16
CA GLN D 82 4.97 15.05 -39.09
C GLN D 82 4.22 13.94 -38.46
N THR D 83 4.93 13.08 -37.75
CA THR D 83 4.29 12.01 -37.06
C THR D 83 4.64 12.05 -35.60
N GLY D 84 3.75 11.56 -34.76
CA GLY D 84 3.97 11.53 -33.34
C GLY D 84 2.64 11.44 -32.70
N VAL D 85 2.59 11.18 -31.42
CA VAL D 85 1.35 11.06 -30.73
C VAL D 85 0.42 12.22 -30.94
N ILE D 86 0.95 13.43 -30.95
CA ILE D 86 0.11 14.59 -31.05
C ILE D 86 -0.42 14.71 -32.44
N ALA D 87 0.42 14.53 -33.42
CA ALA D 87 -0.04 14.69 -34.76
C ALA D 87 -0.98 13.62 -35.13
N ASP D 88 -0.63 12.41 -34.81
CA ASP D 88 -1.42 11.31 -35.23
C ASP D 88 -2.69 11.17 -34.50
N TYR D 89 -2.76 11.52 -33.24
CA TYR D 89 -3.95 11.25 -32.49
C TYR D 89 -4.68 12.42 -31.89
N ASN D 90 -4.17 13.63 -32.03
CA ASN D 90 -4.78 14.77 -31.39
C ASN D 90 -5.02 15.96 -32.31
N TYR D 91 -4.05 16.34 -33.14
CA TYR D 91 -4.20 17.47 -34.06
C TYR D 91 -3.31 17.31 -35.29
N LYS D 92 -3.90 17.42 -36.48
CA LYS D 92 -3.14 17.27 -37.71
C LYS D 92 -3.22 18.45 -38.60
N LEU D 93 -2.08 18.88 -39.10
CA LEU D 93 -2.01 20.00 -40.00
C LEU D 93 -1.79 19.37 -41.34
N PRO D 94 -2.53 19.81 -42.35
CA PRO D 94 -2.43 19.22 -43.66
C PRO D 94 -1.12 19.45 -44.28
N ASP D 95 -0.84 18.72 -45.33
CA ASP D 95 0.43 18.83 -45.98
C ASP D 95 0.44 19.99 -46.92
N ASP D 96 -0.74 20.50 -47.27
CA ASP D 96 -0.85 21.62 -48.18
C ASP D 96 -1.26 22.78 -47.37
N PHE D 97 -0.52 23.05 -46.30
CA PHE D 97 -0.96 24.07 -45.39
C PHE D 97 -0.65 25.45 -45.84
N THR D 98 -1.67 26.29 -45.93
CA THR D 98 -1.41 27.67 -46.22
C THR D 98 -1.80 28.36 -44.95
N GLY D 99 -0.92 28.60 -44.12
CA GLY D 99 -1.19 29.25 -42.85
C GLY D 99 0.02 29.39 -41.96
N CYS D 100 -0.19 29.78 -40.71
CA CYS D 100 0.92 30.01 -39.80
C CYS D 100 0.74 29.30 -38.48
N VAL D 101 1.82 28.99 -37.78
CA VAL D 101 1.77 28.32 -36.48
C VAL D 101 2.53 29.15 -35.51
N ILE D 102 1.91 29.53 -34.39
CA ILE D 102 2.53 30.38 -33.37
C ILE D 102 2.54 29.75 -32.00
N ALA D 103 3.74 29.89 -31.24
CA ALA D 103 3.84 29.29 -29.91
C ALA D 103 4.71 30.00 -28.88
N TRP D 104 4.43 29.78 -27.60
CA TRP D 104 5.17 30.42 -26.51
C TRP D 104 5.16 29.63 -25.22
N ASN D 105 6.05 29.94 -24.27
CA ASN D 105 6.16 29.20 -23.00
C ASN D 105 5.18 29.63 -21.97
N SER D 106 4.61 28.68 -21.26
CA SER D 106 3.58 29.00 -20.30
C SER D 106 3.79 28.36 -18.98
N VAL D 107 5.00 28.42 -18.46
CA VAL D 107 5.30 27.86 -17.16
C VAL D 107 4.72 28.72 -16.10
N LYS D 108 4.51 29.96 -16.44
CA LYS D 108 4.06 30.88 -15.42
C LYS D 108 2.61 30.77 -15.24
N GLN D 109 1.94 30.18 -16.21
CA GLN D 109 0.51 30.16 -16.16
C GLN D 109 -0.08 28.79 -16.00
N ASP D 110 0.45 27.83 -16.73
CA ASP D 110 -0.11 26.51 -16.69
C ASP D 110 0.78 25.54 -15.98
N ALA D 111 1.57 26.00 -15.05
CA ALA D 111 2.43 25.14 -14.30
C ALA D 111 2.51 25.59 -12.90
N LEU D 112 2.03 24.76 -11.99
CA LEU D 112 2.03 25.09 -10.61
C LEU D 112 2.98 24.20 -9.92
N THR D 113 3.48 24.61 -8.77
CA THR D 113 4.36 23.78 -7.99
C THR D 113 3.55 22.74 -7.32
N GLY D 114 3.33 21.65 -8.00
CA GLY D 114 2.48 20.61 -7.48
C GLY D 114 1.97 20.00 -8.72
N GLY D 115 1.96 20.78 -9.78
CA GLY D 115 1.56 20.29 -11.06
C GLY D 115 0.35 20.93 -11.60
N ASN D 116 0.09 20.81 -12.88
CA ASN D 116 -1.16 21.27 -13.43
C ASN D 116 -1.56 20.16 -14.30
N TYR D 117 -2.21 19.20 -13.69
CA TYR D 117 -2.66 18.06 -14.42
C TYR D 117 -4.03 18.30 -14.92
N GLY D 118 -4.20 19.23 -15.85
CA GLY D 118 -5.54 19.57 -16.31
C GLY D 118 -5.50 19.68 -17.78
N TYR D 119 -4.35 19.35 -18.34
CA TYR D 119 -4.20 19.42 -19.76
C TYR D 119 -4.00 18.00 -20.17
N LEU D 120 -4.73 17.56 -21.16
CA LEU D 120 -4.71 16.17 -21.51
C LEU D 120 -4.42 15.89 -22.94
N TYR D 121 -4.29 14.63 -23.28
CA TYR D 121 -3.93 14.24 -24.61
C TYR D 121 -4.29 12.81 -24.81
N ARG D 122 -4.26 12.36 -26.05
CA ARG D 122 -4.64 11.00 -26.37
C ARG D 122 -3.44 10.20 -26.69
N LEU D 123 -3.27 9.07 -26.02
CA LEU D 123 -2.11 8.27 -26.20
C LEU D 123 -2.39 7.20 -27.20
N PHE D 124 -3.61 6.72 -27.21
CA PHE D 124 -3.96 5.65 -28.10
C PHE D 124 -5.19 5.87 -28.94
N ARG D 125 -5.08 5.68 -30.24
CA ARG D 125 -6.22 5.76 -31.13
C ARG D 125 -6.00 4.66 -32.10
N LYS D 126 -7.05 4.17 -32.75
CA LYS D 126 -6.93 3.02 -33.62
C LYS D 126 -6.52 3.39 -34.99
N SER D 127 -6.83 4.62 -35.37
CA SER D 127 -6.49 5.07 -36.67
C SER D 127 -5.85 6.38 -36.46
N LYS D 128 -5.43 7.02 -37.54
CA LYS D 128 -4.82 8.31 -37.42
C LYS D 128 -5.86 9.34 -37.65
N LEU D 129 -5.55 10.55 -37.32
CA LEU D 129 -6.50 11.57 -37.45
C LEU D 129 -6.33 12.08 -38.83
N LYS D 130 -7.35 12.73 -39.34
CA LYS D 130 -7.30 13.26 -40.66
C LYS D 130 -6.94 14.68 -40.47
N PRO D 131 -6.65 15.37 -41.55
CA PRO D 131 -6.31 16.74 -41.26
C PRO D 131 -7.43 17.52 -40.65
N PHE D 132 -7.14 18.33 -39.65
CA PHE D 132 -8.12 19.12 -38.94
C PHE D 132 -9.23 18.36 -38.23
N GLU D 133 -9.00 17.10 -37.88
CA GLU D 133 -10.02 16.29 -37.25
C GLU D 133 -9.93 16.31 -35.76
N ARG D 134 -10.95 15.82 -35.06
CA ARG D 134 -10.99 15.84 -33.60
C ARG D 134 -11.68 14.62 -33.03
N ASP D 135 -11.17 14.09 -31.93
CA ASP D 135 -11.77 12.93 -31.27
C ASP D 135 -11.83 13.20 -29.82
N ILE D 136 -13.03 13.40 -29.32
CA ILE D 136 -13.20 13.64 -27.93
C ILE D 136 -13.75 12.37 -27.31
N SER D 137 -13.46 11.23 -27.91
CA SER D 137 -13.99 9.99 -27.43
C SER D 137 -13.32 9.51 -26.19
N THR D 138 -14.11 9.02 -25.25
CA THR D 138 -13.59 8.54 -24.00
C THR D 138 -13.84 7.09 -24.03
N GLU D 139 -13.37 6.44 -25.08
CA GLU D 139 -13.63 5.05 -25.25
C GLU D 139 -12.40 4.22 -25.08
N ILE D 140 -12.44 3.24 -24.20
CA ILE D 140 -11.32 2.38 -23.96
C ILE D 140 -10.65 1.83 -25.20
N TYR D 141 -9.33 1.64 -25.14
CA TYR D 141 -8.57 1.16 -26.29
C TYR D 141 -8.24 -0.28 -26.18
N GLN D 142 -8.88 -1.10 -26.99
CA GLN D 142 -8.55 -2.49 -26.99
C GLN D 142 -7.29 -2.71 -27.74
N ALA D 143 -6.26 -3.14 -27.03
CA ALA D 143 -4.98 -3.33 -27.65
C ALA D 143 -4.69 -4.77 -27.83
N GLY D 144 -5.66 -5.59 -27.50
CA GLY D 144 -5.43 -7.00 -27.59
C GLY D 144 -6.57 -7.80 -28.16
N SER D 145 -6.79 -8.99 -27.61
CA SER D 145 -7.79 -9.86 -28.14
C SER D 145 -8.79 -10.20 -27.08
N THR D 146 -8.99 -9.29 -26.15
CA THR D 146 -10.00 -9.50 -25.17
C THR D 146 -10.73 -8.23 -25.21
N PRO D 147 -12.13 -8.33 -25.57
CA PRO D 147 -12.93 -7.12 -25.68
C PRO D 147 -13.01 -6.41 -24.35
N CYS D 148 -13.17 -5.09 -24.36
CA CYS D 148 -13.12 -4.34 -23.11
C CYS D 148 -14.40 -4.05 -22.37
N ASN D 149 -15.47 -3.81 -23.09
CA ASN D 149 -16.77 -3.56 -22.47
C ASN D 149 -16.82 -2.46 -21.43
N GLY D 150 -16.42 -1.26 -21.79
CA GLY D 150 -16.52 -0.16 -20.87
C GLY D 150 -15.61 -0.22 -19.68
N GLN D 151 -14.52 -1.08 -19.65
CA GLN D 151 -13.65 -1.25 -18.51
C GLN D 151 -12.19 -1.17 -18.81
N VAL D 152 -11.44 -0.57 -17.91
CA VAL D 152 -10.05 -0.40 -18.10
C VAL D 152 -9.38 -1.56 -17.50
N GLY D 153 -8.53 -2.22 -18.28
CA GLY D 153 -7.79 -3.32 -17.74
C GLY D 153 -6.72 -3.84 -18.62
N LEU D 154 -6.47 -5.11 -18.48
CA LEU D 154 -5.44 -5.73 -19.25
C LEU D 154 -5.64 -5.46 -20.68
N ASN D 155 -4.53 -4.90 -21.29
CA ASN D 155 -4.58 -4.62 -22.71
C ASN D 155 -5.79 -3.85 -23.11
N CYS D 156 -6.33 -3.06 -22.20
CA CYS D 156 -7.50 -2.26 -22.48
C CYS D 156 -7.23 -1.00 -21.72
N TYR D 157 -6.65 0.00 -22.36
CA TYR D 157 -6.24 1.21 -21.66
C TYR D 157 -7.13 2.43 -21.94
N TYR D 158 -7.22 3.43 -21.08
CA TYR D 158 -8.02 4.63 -21.25
C TYR D 158 -7.29 5.49 -22.19
N PRO D 159 -7.97 5.98 -23.21
CA PRO D 159 -7.29 6.72 -24.24
C PRO D 159 -6.69 8.02 -23.88
N LEU D 160 -7.01 8.59 -22.75
CA LEU D 160 -6.52 9.92 -22.45
C LEU D 160 -5.67 9.96 -21.21
N GLU D 161 -4.50 10.59 -21.30
CA GLU D 161 -3.63 10.73 -20.15
C GLU D 161 -3.37 12.19 -19.97
N ARG D 162 -2.76 12.56 -18.86
CA ARG D 162 -2.54 13.97 -18.54
C ARG D 162 -1.13 14.42 -18.48
N TYR D 163 -0.93 15.71 -18.69
CA TYR D 163 0.38 16.25 -18.65
C TYR D 163 0.49 16.86 -17.31
N GLY D 164 1.48 16.49 -16.53
CA GLY D 164 1.70 17.13 -15.28
C GLY D 164 2.71 18.15 -15.62
N PHE D 165 2.42 19.39 -15.33
CA PHE D 165 3.27 20.44 -15.76
C PHE D 165 3.76 21.11 -14.54
N HIS D 166 5.03 20.98 -14.25
CA HIS D 166 5.61 21.58 -13.08
C HIS D 166 6.53 22.66 -13.58
N PRO D 167 6.90 23.60 -12.72
CA PRO D 167 7.77 24.70 -13.10
C PRO D 167 9.23 24.50 -12.82
N THR D 168 9.68 23.29 -12.65
CA THR D 168 11.03 23.02 -12.29
C THR D 168 11.50 21.99 -13.23
N ASN D 169 10.93 21.96 -14.42
CA ASN D 169 11.28 20.95 -15.35
C ASN D 169 12.22 21.56 -16.30
N GLY D 170 12.17 21.08 -17.52
CA GLY D 170 13.05 21.59 -18.52
C GLY D 170 12.14 21.98 -19.62
N VAL D 171 12.58 22.80 -20.55
CA VAL D 171 11.71 23.30 -21.57
C VAL D 171 10.99 22.23 -22.31
N ASN D 172 11.56 21.06 -22.37
CA ASN D 172 10.95 19.97 -23.05
C ASN D 172 9.63 19.64 -22.43
N TYR D 173 9.55 19.55 -21.13
CA TYR D 173 8.33 19.14 -20.49
C TYR D 173 7.66 20.29 -19.84
N GLN D 174 8.01 21.49 -20.27
CA GLN D 174 7.41 22.67 -19.74
C GLN D 174 6.28 23.02 -20.64
N PRO D 175 5.22 23.60 -20.09
CA PRO D 175 4.05 23.89 -20.89
C PRO D 175 4.22 24.91 -21.96
N PHE D 176 3.65 24.70 -23.13
CA PHE D 176 3.75 25.62 -24.24
C PHE D 176 2.41 25.79 -24.93
N ARG D 177 2.03 27.01 -25.24
CA ARG D 177 0.75 27.25 -25.84
C ARG D 177 0.90 27.52 -27.29
N VAL D 178 0.11 26.86 -28.12
CA VAL D 178 0.21 27.00 -29.55
C VAL D 178 -1.04 27.58 -30.17
N VAL D 179 -0.91 28.48 -31.14
CA VAL D 179 -2.04 29.02 -31.86
C VAL D 179 -1.76 28.82 -33.33
N VAL D 180 -2.66 28.19 -34.06
CA VAL D 180 -2.47 27.92 -35.46
C VAL D 180 -3.46 28.67 -36.26
N LEU D 181 -2.99 29.64 -37.02
CA LEU D 181 -3.85 30.45 -37.84
C LEU D 181 -3.80 29.96 -39.27
N SER D 182 -4.93 29.49 -39.76
CA SER D 182 -4.99 28.94 -41.08
C SER D 182 -5.62 29.91 -41.98
N PHE D 183 -5.41 29.75 -43.28
CA PHE D 183 -5.92 30.70 -44.24
C PHE D 183 -6.41 29.96 -45.45
N THR D 191 -13.91 37.68 -46.44
CA THR D 191 -14.15 38.98 -45.86
C THR D 191 -13.01 39.43 -44.99
N VAL D 192 -11.80 38.92 -45.26
CA VAL D 192 -10.66 39.23 -44.40
C VAL D 192 -9.49 39.96 -45.10
N CYS D 193 -9.51 41.29 -45.12
CA CYS D 193 -8.47 42.08 -45.79
C CYS D 193 -7.82 43.17 -44.94
N GLY D 194 -7.28 44.21 -45.56
CA GLY D 194 -6.57 45.26 -44.84
C GLY D 194 -6.23 46.47 -45.70
ZN ZN E . -25.00 -7.00 19.06
ZN ZN F . 30.50 9.85 -9.03
#